data_1P7N
# 
_entry.id   1P7N 
# 
_audit_conform.dict_name       mmcif_pdbx.dic 
_audit_conform.dict_version    5.376 
_audit_conform.dict_location   http://mmcif.pdb.org/dictionaries/ascii/mmcif_pdbx.dic 
# 
loop_
_database_2.database_id 
_database_2.database_code 
_database_2.pdbx_database_accession 
_database_2.pdbx_DOI 
PDB   1P7N         pdb_00001p7n 10.2210/pdb1p7n/pdb 
RCSB  RCSB019109   ?            ?                   
WWPDB D_1000019109 ?            ?                   
# 
_pdbx_database_related.db_name        PDB 
_pdbx_database_related.db_id          1EM9 
_pdbx_database_related.details        'The same protein without the upstream extension' 
_pdbx_database_related.content_type   unspecified 
# 
_pdbx_database_status.status_code                     REL 
_pdbx_database_status.entry_id                        1P7N 
_pdbx_database_status.recvd_initial_deposition_date   2003-05-02 
_pdbx_database_status.deposit_site                    RCSB 
_pdbx_database_status.process_site                    RCSB 
_pdbx_database_status.status_code_sf                  REL 
_pdbx_database_status.SG_entry                        . 
_pdbx_database_status.pdb_format_compatible           Y 
_pdbx_database_status.status_code_mr                  ? 
_pdbx_database_status.status_code_cs                  ? 
_pdbx_database_status.status_code_nmr_data            ? 
_pdbx_database_status.methods_development_category    ? 
# 
loop_
_audit_author.name 
_audit_author.pdbx_ordinal 
'Nandhagopal, N.' 1 
'Simpson, A.A.'   2 
'Johnson, M.C.'   3 
'Francisco, A.B.' 4 
'Schatz, G.W.'    5 
'Rossmann, M.G.'  6 
'Vogt, V.M.'      7 
# 
_citation.id                        primary 
_citation.title                     'Dimeric rous sarcoma virus capsid protein structure relevant to immature gag assembly' 
_citation.journal_abbrev            J.Mol.Biol. 
_citation.journal_volume            335 
_citation.page_first                275 
_citation.page_last                 282 
_citation.year                      2004 
_citation.journal_id_ASTM           JMOBAK 
_citation.country                   UK 
_citation.journal_id_ISSN           0022-2836 
_citation.journal_id_CSD            0070 
_citation.book_publisher            ? 
_citation.pdbx_database_id_PubMed   14659756 
_citation.pdbx_database_id_DOI      10.1016/j.jmb.2003.10.034 
# 
loop_
_citation_author.citation_id 
_citation_author.name 
_citation_author.ordinal 
_citation_author.identifier_ORCID 
primary 'Nandhagopal, N.' 1 ? 
primary 'Simpson, A.A.'   2 ? 
primary 'Johnson, M.C.'   3 ? 
primary 'Francisco, A.B.' 4 ? 
primary 'Schatz, G.W.'    5 ? 
primary 'Rossmann, M.G.'  6 ? 
primary 'Vogt, V.M.'      7 ? 
# 
_cell.entry_id           1P7N 
_cell.length_a           47.870 
_cell.length_b           47.870 
_cell.length_c           170.390 
_cell.angle_alpha        90.00 
_cell.angle_beta         90.00 
_cell.angle_gamma        90.00 
_cell.Z_PDB              8 
_cell.pdbx_unique_axis   ? 
# 
_symmetry.entry_id                         1P7N 
_symmetry.space_group_name_H-M             'P 41 21 2' 
_symmetry.pdbx_full_space_group_name_H-M   ? 
_symmetry.cell_setting                     ? 
_symmetry.Int_Tables_number                92 
# 
_entity.id                         1 
_entity.type                       polymer 
_entity.src_method                 man 
_entity.pdbx_description           'GAG POLYPROTEIN CAPSID PROTEIN P27' 
_entity.formula_weight             18736.674 
_entity.pdbx_number_of_molecules   1 
_entity.pdbx_ec                    ? 
_entity.pdbx_mutation              ? 
_entity.pdbx_fragment              'N-terminal domain' 
_entity.details                    ? 
# 
_entity_poly.entity_id                      1 
_entity_poly.type                           'polypeptide(L)' 
_entity_poly.nstd_linkage                   no 
_entity_poly.nstd_monomer                   no 
_entity_poly.pdbx_seq_one_letter_code       
;GPTSPGPALTDWARVREELASTGPPVVAMPVVIKTEGPAWTPLEPKLITRLADTVRTKGLRSPITMAEVEALMSSPLLPH
DVTNLMRVILGPAPYALWMDAWGVQLQTVIAAATRDPRHPANGQGRGERTNLNRLKGLADGMVGNPQGQAALLRPGELVA
ITASALQAFREVARLA
;
_entity_poly.pdbx_seq_one_letter_code_can   
;GPTSPGPALTDWARVREELASTGPPVVAMPVVIKTEGPAWTPLEPKLITRLADTVRTKGLRSPITMAEVEALMSSPLLPH
DVTNLMRVILGPAPYALWMDAWGVQLQTVIAAATRDPRHPANGQGRGERTNLNRLKGLADGMVGNPQGQAALLRPGELVA
ITASALQAFREVARLA
;
_entity_poly.pdbx_strand_id                 A 
_entity_poly.pdbx_target_identifier         ? 
# 
loop_
_entity_poly_seq.entity_id 
_entity_poly_seq.num 
_entity_poly_seq.mon_id 
_entity_poly_seq.hetero 
1 1   GLY n 
1 2   PRO n 
1 3   THR n 
1 4   SER n 
1 5   PRO n 
1 6   GLY n 
1 7   PRO n 
1 8   ALA n 
1 9   LEU n 
1 10  THR n 
1 11  ASP n 
1 12  TRP n 
1 13  ALA n 
1 14  ARG n 
1 15  VAL n 
1 16  ARG n 
1 17  GLU n 
1 18  GLU n 
1 19  LEU n 
1 20  ALA n 
1 21  SER n 
1 22  THR n 
1 23  GLY n 
1 24  PRO n 
1 25  PRO n 
1 26  VAL n 
1 27  VAL n 
1 28  ALA n 
1 29  MET n 
1 30  PRO n 
1 31  VAL n 
1 32  VAL n 
1 33  ILE n 
1 34  LYS n 
1 35  THR n 
1 36  GLU n 
1 37  GLY n 
1 38  PRO n 
1 39  ALA n 
1 40  TRP n 
1 41  THR n 
1 42  PRO n 
1 43  LEU n 
1 44  GLU n 
1 45  PRO n 
1 46  LYS n 
1 47  LEU n 
1 48  ILE n 
1 49  THR n 
1 50  ARG n 
1 51  LEU n 
1 52  ALA n 
1 53  ASP n 
1 54  THR n 
1 55  VAL n 
1 56  ARG n 
1 57  THR n 
1 58  LYS n 
1 59  GLY n 
1 60  LEU n 
1 61  ARG n 
1 62  SER n 
1 63  PRO n 
1 64  ILE n 
1 65  THR n 
1 66  MET n 
1 67  ALA n 
1 68  GLU n 
1 69  VAL n 
1 70  GLU n 
1 71  ALA n 
1 72  LEU n 
1 73  MET n 
1 74  SER n 
1 75  SER n 
1 76  PRO n 
1 77  LEU n 
1 78  LEU n 
1 79  PRO n 
1 80  HIS n 
1 81  ASP n 
1 82  VAL n 
1 83  THR n 
1 84  ASN n 
1 85  LEU n 
1 86  MET n 
1 87  ARG n 
1 88  VAL n 
1 89  ILE n 
1 90  LEU n 
1 91  GLY n 
1 92  PRO n 
1 93  ALA n 
1 94  PRO n 
1 95  TYR n 
1 96  ALA n 
1 97  LEU n 
1 98  TRP n 
1 99  MET n 
1 100 ASP n 
1 101 ALA n 
1 102 TRP n 
1 103 GLY n 
1 104 VAL n 
1 105 GLN n 
1 106 LEU n 
1 107 GLN n 
1 108 THR n 
1 109 VAL n 
1 110 ILE n 
1 111 ALA n 
1 112 ALA n 
1 113 ALA n 
1 114 THR n 
1 115 ARG n 
1 116 ASP n 
1 117 PRO n 
1 118 ARG n 
1 119 HIS n 
1 120 PRO n 
1 121 ALA n 
1 122 ASN n 
1 123 GLY n 
1 124 GLN n 
1 125 GLY n 
1 126 ARG n 
1 127 GLY n 
1 128 GLU n 
1 129 ARG n 
1 130 THR n 
1 131 ASN n 
1 132 LEU n 
1 133 ASN n 
1 134 ARG n 
1 135 LEU n 
1 136 LYS n 
1 137 GLY n 
1 138 LEU n 
1 139 ALA n 
1 140 ASP n 
1 141 GLY n 
1 142 MET n 
1 143 VAL n 
1 144 GLY n 
1 145 ASN n 
1 146 PRO n 
1 147 GLN n 
1 148 GLY n 
1 149 GLN n 
1 150 ALA n 
1 151 ALA n 
1 152 LEU n 
1 153 LEU n 
1 154 ARG n 
1 155 PRO n 
1 156 GLY n 
1 157 GLU n 
1 158 LEU n 
1 159 VAL n 
1 160 ALA n 
1 161 ILE n 
1 162 THR n 
1 163 ALA n 
1 164 SER n 
1 165 ALA n 
1 166 LEU n 
1 167 GLN n 
1 168 ALA n 
1 169 PHE n 
1 170 ARG n 
1 171 GLU n 
1 172 VAL n 
1 173 ALA n 
1 174 ARG n 
1 175 LEU n 
1 176 ALA n 
# 
_entity_src_gen.entity_id                          1 
_entity_src_gen.pdbx_src_id                        1 
_entity_src_gen.pdbx_alt_source_flag               sample 
_entity_src_gen.pdbx_seq_type                      ? 
_entity_src_gen.pdbx_beg_seq_num                   ? 
_entity_src_gen.pdbx_end_seq_num                   ? 
_entity_src_gen.gene_src_common_name               ? 
_entity_src_gen.gene_src_genus                     Alpharetrovirus 
_entity_src_gen.pdbx_gene_src_gene                 ? 
_entity_src_gen.gene_src_species                   ? 
_entity_src_gen.gene_src_strain                    ? 
_entity_src_gen.gene_src_tissue                    ? 
_entity_src_gen.gene_src_tissue_fraction           ? 
_entity_src_gen.gene_src_details                   ? 
_entity_src_gen.pdbx_gene_src_fragment             ? 
_entity_src_gen.pdbx_gene_src_scientific_name      'Rous sarcoma virus' 
_entity_src_gen.pdbx_gene_src_ncbi_taxonomy_id     11886 
_entity_src_gen.pdbx_gene_src_variant              ? 
_entity_src_gen.pdbx_gene_src_cell_line            ? 
_entity_src_gen.pdbx_gene_src_atcc                 ? 
_entity_src_gen.pdbx_gene_src_organ                ? 
_entity_src_gen.pdbx_gene_src_organelle            ? 
_entity_src_gen.pdbx_gene_src_cell                 ? 
_entity_src_gen.pdbx_gene_src_cellular_location    ? 
_entity_src_gen.host_org_common_name               ? 
_entity_src_gen.pdbx_host_org_scientific_name      'Escherichia coli' 
_entity_src_gen.pdbx_host_org_ncbi_taxonomy_id     562 
_entity_src_gen.host_org_genus                     Escherichia 
_entity_src_gen.pdbx_host_org_gene                 ? 
_entity_src_gen.pdbx_host_org_organ                ? 
_entity_src_gen.host_org_species                   ? 
_entity_src_gen.pdbx_host_org_tissue               ? 
_entity_src_gen.pdbx_host_org_tissue_fraction      ? 
_entity_src_gen.pdbx_host_org_strain               ? 
_entity_src_gen.pdbx_host_org_variant              ? 
_entity_src_gen.pdbx_host_org_cell_line            ? 
_entity_src_gen.pdbx_host_org_atcc                 ? 
_entity_src_gen.pdbx_host_org_culture_collection   ? 
_entity_src_gen.pdbx_host_org_cell                 ? 
_entity_src_gen.pdbx_host_org_organelle            ? 
_entity_src_gen.pdbx_host_org_cellular_location    ? 
_entity_src_gen.pdbx_host_org_vector_type          ? 
_entity_src_gen.pdbx_host_org_vector               ? 
_entity_src_gen.host_org_details                   ? 
_entity_src_gen.expression_system_id               ? 
_entity_src_gen.plasmid_name                       ? 
_entity_src_gen.plasmid_details                    ? 
_entity_src_gen.pdbx_description                   ? 
# 
_struct_ref.id                         1 
_struct_ref.db_name                    UNP 
_struct_ref.db_code                    GAG_RSVP 
_struct_ref.entity_id                  1 
_struct_ref.pdbx_seq_one_letter_code   
;PGPALTDWARVREELASTGPPVVAMPVVIKTEGPAWTPLEPKLITRLADTVRTKGLRSPITMAEVEALMSSPLLPHDVTN
LMRVILGPAPYALWMDAWGVQLQTVIAAATRDPRHPANGQGRGERTNLNRLKGLADGMVGNPQGQAALLRPGELVAITAS
ALQAFREVARLA
;
_struct_ref.pdbx_align_begin           215 
_struct_ref.pdbx_db_accession          P03322 
_struct_ref.pdbx_db_isoform            ? 
# 
_struct_ref_seq.align_id                      1 
_struct_ref_seq.ref_id                        1 
_struct_ref_seq.pdbx_PDB_id_code              1P7N 
_struct_ref_seq.pdbx_strand_id                A 
_struct_ref_seq.seq_align_beg                 5 
_struct_ref_seq.pdbx_seq_align_beg_ins_code   ? 
_struct_ref_seq.seq_align_end                 176 
_struct_ref_seq.pdbx_seq_align_end_ins_code   ? 
_struct_ref_seq.pdbx_db_accession             P03322 
_struct_ref_seq.db_align_beg                  215 
_struct_ref_seq.pdbx_db_align_beg_ins_code    ? 
_struct_ref_seq.db_align_end                  386 
_struct_ref_seq.pdbx_db_align_end_ins_code    ? 
_struct_ref_seq.pdbx_auth_seq_align_beg       -24 
_struct_ref_seq.pdbx_auth_seq_align_end       147 
# 
loop_
_struct_ref_seq_dif.align_id 
_struct_ref_seq_dif.pdbx_pdb_id_code 
_struct_ref_seq_dif.mon_id 
_struct_ref_seq_dif.pdbx_pdb_strand_id 
_struct_ref_seq_dif.seq_num 
_struct_ref_seq_dif.pdbx_pdb_ins_code 
_struct_ref_seq_dif.pdbx_seq_db_name 
_struct_ref_seq_dif.pdbx_seq_db_accession_code 
_struct_ref_seq_dif.db_mon_id 
_struct_ref_seq_dif.pdbx_seq_db_seq_num 
_struct_ref_seq_dif.details 
_struct_ref_seq_dif.pdbx_auth_seq_num 
_struct_ref_seq_dif.pdbx_ordinal 
1 1P7N GLY A 1 ? UNP P03322 ? ? 'cloning artifact' -28 1 
1 1P7N PRO A 2 ? UNP P03322 ? ? 'cloning artifact' -27 2 
1 1P7N THR A 3 ? UNP P03322 ? ? 'cloning artifact' -26 3 
1 1P7N SER A 4 ? UNP P03322 ? ? 'cloning artifact' -25 4 
# 
loop_
_chem_comp.id 
_chem_comp.type 
_chem_comp.mon_nstd_flag 
_chem_comp.name 
_chem_comp.pdbx_synonyms 
_chem_comp.formula 
_chem_comp.formula_weight 
ALA 'L-peptide linking' y ALANINE         ? 'C3 H7 N O2'     89.093  
ARG 'L-peptide linking' y ARGININE        ? 'C6 H15 N4 O2 1' 175.209 
ASN 'L-peptide linking' y ASPARAGINE      ? 'C4 H8 N2 O3'    132.118 
ASP 'L-peptide linking' y 'ASPARTIC ACID' ? 'C4 H7 N O4'     133.103 
GLN 'L-peptide linking' y GLUTAMINE       ? 'C5 H10 N2 O3'   146.144 
GLU 'L-peptide linking' y 'GLUTAMIC ACID' ? 'C5 H9 N O4'     147.129 
GLY 'peptide linking'   y GLYCINE         ? 'C2 H5 N O2'     75.067  
HIS 'L-peptide linking' y HISTIDINE       ? 'C6 H10 N3 O2 1' 156.162 
ILE 'L-peptide linking' y ISOLEUCINE      ? 'C6 H13 N O2'    131.173 
LEU 'L-peptide linking' y LEUCINE         ? 'C6 H13 N O2'    131.173 
LYS 'L-peptide linking' y LYSINE          ? 'C6 H15 N2 O2 1' 147.195 
MET 'L-peptide linking' y METHIONINE      ? 'C5 H11 N O2 S'  149.211 
PHE 'L-peptide linking' y PHENYLALANINE   ? 'C9 H11 N O2'    165.189 
PRO 'L-peptide linking' y PROLINE         ? 'C5 H9 N O2'     115.130 
SER 'L-peptide linking' y SERINE          ? 'C3 H7 N O3'     105.093 
THR 'L-peptide linking' y THREONINE       ? 'C4 H9 N O3'     119.119 
TRP 'L-peptide linking' y TRYPTOPHAN      ? 'C11 H12 N2 O2'  204.225 
TYR 'L-peptide linking' y TYROSINE        ? 'C9 H11 N O3'    181.189 
VAL 'L-peptide linking' y VALINE          ? 'C5 H11 N O2'    117.146 
# 
_exptl.entry_id          1P7N 
_exptl.method            'X-RAY DIFFRACTION' 
_exptl.crystals_number   1 
# 
_exptl_crystal.id                    1 
_exptl_crystal.density_meas          ? 
_exptl_crystal.density_Matthews      2.60 
_exptl_crystal.density_percent_sol   52.73 
_exptl_crystal.description           ? 
# 
_exptl_crystal_grow.crystal_id      1 
_exptl_crystal_grow.method          'VAPOR DIFFUSION, HANGING DROP' 
_exptl_crystal_grow.temp            293 
_exptl_crystal_grow.temp_details    ? 
_exptl_crystal_grow.pH              7.5 
_exptl_crystal_grow.pdbx_details    
'10 mM HEPES-sodium buffer and 0.8M potassium sodium tartrate tetrahydrate, pH 7.5, VAPOR DIFFUSION, HANGING DROP, temperature 293K' 
_exptl_crystal_grow.pdbx_pH_range   . 
# 
_diffrn.id                     1 
_diffrn.ambient_temp           298 
_diffrn.ambient_temp_details   ? 
_diffrn.crystal_id             1 
# 
_diffrn_detector.diffrn_id              1 
_diffrn_detector.detector               CCD 
_diffrn_detector.type                   'ADSC QUANTUM 4' 
_diffrn_detector.pdbx_collection_date   2002-06-20 
_diffrn_detector.details                ? 
# 
_diffrn_radiation.diffrn_id                        1 
_diffrn_radiation.wavelength_id                    1 
_diffrn_radiation.pdbx_monochromatic_or_laue_m_l   M 
_diffrn_radiation.monochromator                    ? 
_diffrn_radiation.pdbx_diffrn_protocol             'SINGLE WAVELENGTH' 
_diffrn_radiation.pdbx_scattering_type             x-ray 
# 
_diffrn_radiation_wavelength.id           1 
_diffrn_radiation_wavelength.wavelength   0.9 
_diffrn_radiation_wavelength.wt           1.0 
# 
_diffrn_source.diffrn_id                   1 
_diffrn_source.source                      SYNCHROTRON 
_diffrn_source.type                        'APS BEAMLINE 14-ID-B' 
_diffrn_source.pdbx_synchrotron_site       APS 
_diffrn_source.pdbx_synchrotron_beamline   14-ID-B 
_diffrn_source.pdbx_wavelength             ? 
_diffrn_source.pdbx_wavelength_list        0.9 
# 
_reflns.entry_id                     1P7N 
_reflns.observed_criterion_sigma_I   ? 
_reflns.observed_criterion_sigma_F   ? 
_reflns.d_resolution_low             30.0 
_reflns.d_resolution_high            2.45 
_reflns.number_obs                   6743 
_reflns.number_all                   7911 
_reflns.percent_possible_obs         85.2 
_reflns.pdbx_Rmerge_I_obs            0.055 
_reflns.pdbx_Rsym_value              ? 
_reflns.pdbx_netI_over_sigmaI        ? 
_reflns.B_iso_Wilson_estimate        20.3 
_reflns.pdbx_redundancy              8.3 
_reflns.R_free_details               ? 
_reflns.limit_h_max                  ? 
_reflns.limit_h_min                  ? 
_reflns.limit_k_max                  ? 
_reflns.limit_k_min                  ? 
_reflns.limit_l_max                  ? 
_reflns.limit_l_min                  ? 
_reflns.observed_criterion_F_max     ? 
_reflns.observed_criterion_F_min     ? 
_reflns.pdbx_ordinal                 1 
_reflns.pdbx_diffrn_id               1 
# 
_reflns_shell.d_res_high             2.45 
_reflns_shell.d_res_low              2.54 
_reflns_shell.percent_possible_all   51.4 
_reflns_shell.Rmerge_I_obs           0.329 
_reflns_shell.pdbx_Rsym_value        ? 
_reflns_shell.meanI_over_sigI_obs    ? 
_reflns_shell.pdbx_redundancy        ? 
_reflns_shell.percent_possible_obs   ? 
_reflns_shell.number_unique_all      396 
_reflns_shell.pdbx_ordinal           1 
_reflns_shell.pdbx_diffrn_id         1 
# 
_refine.entry_id                                 1P7N 
_refine.ls_number_reflns_obs                     5856 
_refine.ls_number_reflns_all                     ? 
_refine.pdbx_ls_sigma_I                          ? 
_refine.pdbx_ls_sigma_F                          0 
_refine.pdbx_data_cutoff_high_absF               558128.82 
_refine.pdbx_data_cutoff_low_absF                0 
_refine.pdbx_data_cutoff_high_rms_absF           558128.82 
_refine.ls_d_res_low                             26.50 
_refine.ls_d_res_high                            2.60 
_refine.ls_percent_reflns_obs                    87.9 
_refine.ls_R_factor_obs                          0.26 
_refine.ls_R_factor_all                          ? 
_refine.ls_R_factor_R_work                       0.26 
_refine.ls_R_factor_R_free                       0.298 
_refine.ls_R_factor_R_free_error                 0.016 
_refine.ls_R_factor_R_free_error_details         ? 
_refine.ls_percent_reflns_R_free                 5.7 
_refine.ls_number_reflns_R_free                  331 
_refine.ls_number_parameters                     ? 
_refine.ls_number_restraints                     ? 
_refine.occupancy_min                            ? 
_refine.occupancy_max                            ? 
_refine.correlation_coeff_Fo_to_Fc               ? 
_refine.correlation_coeff_Fo_to_Fc_free          ? 
_refine.B_iso_mean                               56.4 
_refine.aniso_B[1][1]                            10.81 
_refine.aniso_B[2][2]                            10.17 
_refine.aniso_B[3][3]                            -20.98 
_refine.aniso_B[1][2]                            0.00 
_refine.aniso_B[1][3]                            0.00 
_refine.aniso_B[2][3]                            0.00 
_refine.solvent_model_details                    'FLAT MODEL' 
_refine.solvent_model_param_ksol                 0.303224 
_refine.solvent_model_param_bsol                 38.5603 
_refine.pdbx_solvent_vdw_probe_radii             ? 
_refine.pdbx_solvent_ion_probe_radii             ? 
_refine.pdbx_solvent_shrinkage_radii             ? 
_refine.pdbx_ls_cross_valid_method               THROUGHOUT 
_refine.details                                  ? 
_refine.pdbx_starting_model                      'PDB ENTRY 1EM9' 
_refine.pdbx_method_to_determine_struct          'MOLECULAR REPLACEMENT' 
_refine.pdbx_isotropic_thermal_model             RESTRAINED 
_refine.pdbx_stereochemistry_target_values       ? 
_refine.pdbx_stereochem_target_val_spec_case     ? 
_refine.pdbx_R_Free_selection_details            RANDOM 
_refine.pdbx_overall_ESU_R                       ? 
_refine.pdbx_overall_ESU_R_Free                  ? 
_refine.overall_SU_ML                            ? 
_refine.overall_SU_B                             ? 
_refine.ls_redundancy_reflns_obs                 ? 
_refine.B_iso_min                                ? 
_refine.B_iso_max                                ? 
_refine.overall_SU_R_Cruickshank_DPI             ? 
_refine.overall_SU_R_free                        ? 
_refine.pdbx_refine_id                           'X-RAY DIFFRACTION' 
_refine.pdbx_diffrn_id                           1 
_refine.pdbx_TLS_residual_ADP_flag               ? 
_refine.pdbx_overall_phase_error                 ? 
_refine.pdbx_overall_SU_R_free_Cruickshank_DPI   ? 
_refine.pdbx_overall_SU_R_Blow_DPI               ? 
_refine.pdbx_overall_SU_R_free_Blow_DPI          ? 
# 
_refine_analyze.entry_id                        1P7N 
_refine_analyze.Luzzati_coordinate_error_obs    0.38 
_refine_analyze.Luzzati_sigma_a_obs             0.41 
_refine_analyze.Luzzati_d_res_low_obs           5 
_refine_analyze.Luzzati_coordinate_error_free   0.55 
_refine_analyze.Luzzati_sigma_a_free            0.50 
_refine_analyze.Luzzati_d_res_low_free          ? 
_refine_analyze.number_disordered_residues      ? 
_refine_analyze.occupancy_sum_hydrogen          ? 
_refine_analyze.occupancy_sum_non_hydrogen      ? 
_refine_analyze.pdbx_Luzzati_d_res_high_obs     ? 
_refine_analyze.pdbx_refine_id                  'X-RAY DIFFRACTION' 
# 
_refine_hist.pdbx_refine_id                   'X-RAY DIFFRACTION' 
_refine_hist.cycle_id                         LAST 
_refine_hist.pdbx_number_atoms_protein        1315 
_refine_hist.pdbx_number_atoms_nucleic_acid   0 
_refine_hist.pdbx_number_atoms_ligand         0 
_refine_hist.number_atoms_solvent             0 
_refine_hist.number_atoms_total               1315 
_refine_hist.d_res_high                       2.60 
_refine_hist.d_res_low                        26.50 
# 
loop_
_refine_ls_restr.type 
_refine_ls_restr.dev_ideal 
_refine_ls_restr.dev_ideal_target 
_refine_ls_restr.weight 
_refine_ls_restr.number 
_refine_ls_restr.pdbx_refine_id 
_refine_ls_restr.pdbx_restraint_function 
c_bond_d           0.007 ?    ? ? 'X-RAY DIFFRACTION' ? 
c_angle_deg        1.4   ?    ? ? 'X-RAY DIFFRACTION' ? 
c_dihedral_angle_d 20.5  ?    ? ? 'X-RAY DIFFRACTION' ? 
c_improper_angle_d 1.32  ?    ? ? 'X-RAY DIFFRACTION' ? 
c_mcbond_it        1.70  1.50 ? ? 'X-RAY DIFFRACTION' ? 
c_mcangle_it       3.02  2.00 ? ? 'X-RAY DIFFRACTION' ? 
c_scbond_it        2.01  2.00 ? ? 'X-RAY DIFFRACTION' ? 
c_scangle_it       3.25  2.50 ? ? 'X-RAY DIFFRACTION' ? 
# 
_refine_ls_shell.pdbx_total_number_of_bins_used   6 
_refine_ls_shell.d_res_high                       2.60 
_refine_ls_shell.d_res_low                        2.76 
_refine_ls_shell.number_reflns_R_work             521 
_refine_ls_shell.R_factor_R_work                  0.343 
_refine_ls_shell.percent_reflns_obs               52.1 
_refine_ls_shell.R_factor_R_free                  0.357 
_refine_ls_shell.R_factor_R_free_error            0.062 
_refine_ls_shell.percent_reflns_R_free            6.0 
_refine_ls_shell.number_reflns_R_free             33 
_refine_ls_shell.number_reflns_obs                ? 
_refine_ls_shell.redundancy_reflns_obs            ? 
_refine_ls_shell.number_reflns_all                ? 
_refine_ls_shell.pdbx_refine_id                   'X-RAY DIFFRACTION' 
_refine_ls_shell.R_factor_all                     ? 
# 
loop_
_pdbx_xplor_file.serial_no 
_pdbx_xplor_file.param_file 
_pdbx_xplor_file.topol_file 
_pdbx_xplor_file.pdbx_refine_id 
1 PROTEIN_REP.PARAM PROTEIN.TOP 'X-RAY DIFFRACTION' 
2 ?                 ?           'X-RAY DIFFRACTION' 
# 
_struct.entry_id                  1P7N 
_struct.title                     
;Dimeric Rous Sarcoma virus Capsid protein structure with an upstream 25-amino acid residue extension of C-terminal of Gag p10 protein
;
_struct.pdbx_model_details        ? 
_struct.pdbx_CASP_flag            ? 
_struct.pdbx_model_type_details   ? 
# 
_struct_keywords.entry_id        1P7N 
_struct_keywords.pdbx_keywords   'VIRAL PROTEIN' 
_struct_keywords.text            'Retrovirus, capsid protein, Gag Polyprotein, immature gag, Viral protein' 
# 
_struct_asym.id                            A 
_struct_asym.pdbx_blank_PDB_chainid_flag   N 
_struct_asym.pdbx_modified                 N 
_struct_asym.entity_id                     1 
_struct_asym.details                       ? 
# 
_struct_biol.id   1 
# 
loop_
_struct_conf.conf_type_id 
_struct_conf.id 
_struct_conf.pdbx_PDB_helix_id 
_struct_conf.beg_label_comp_id 
_struct_conf.beg_label_asym_id 
_struct_conf.beg_label_seq_id 
_struct_conf.pdbx_beg_PDB_ins_code 
_struct_conf.end_label_comp_id 
_struct_conf.end_label_asym_id 
_struct_conf.end_label_seq_id 
_struct_conf.pdbx_end_PDB_ins_code 
_struct_conf.beg_auth_comp_id 
_struct_conf.beg_auth_asym_id 
_struct_conf.beg_auth_seq_id 
_struct_conf.end_auth_comp_id 
_struct_conf.end_auth_asym_id 
_struct_conf.end_auth_seq_id 
_struct_conf.pdbx_PDB_helix_class 
_struct_conf.details 
_struct_conf.pdbx_PDB_helix_length 
HELX_P HELX_P1 1 ASP A 11  ? SER A 21  ? ASP A -18 SER A -8  1 ? 11 
HELX_P HELX_P2 2 GLU A 44  ? THR A 57  ? GLU A 15  THR A 28  1 ? 14 
HELX_P HELX_P3 3 SER A 62  ? MET A 73  ? SER A 33  MET A 44  1 ? 12 
HELX_P HELX_P4 4 LEU A 78  ? GLY A 91  ? LEU A 49  GLY A 62  1 ? 14 
HELX_P HELX_P5 5 GLY A 91  ? ASP A 116 ? GLY A 62  ASP A 87  1 ? 26 
HELX_P HELX_P6 6 ASN A 131 ? LYS A 136 ? ASN A 102 LYS A 107 1 ? 6  
HELX_P HELX_P7 7 ASN A 145 ? LEU A 153 ? ASN A 116 LEU A 124 1 ? 9  
HELX_P HELX_P8 8 ARG A 154 ? LEU A 175 ? ARG A 125 LEU A 146 1 ? 22 
# 
_struct_conf_type.id          HELX_P 
_struct_conf_type.criteria    ? 
_struct_conf_type.reference   ? 
# 
_atom_sites.entry_id                    1P7N 
_atom_sites.fract_transf_matrix[1][1]   0.00445160 
_atom_sites.fract_transf_matrix[1][2]   0.01189856 
_atom_sites.fract_transf_matrix[1][3]   0.01658311 
_atom_sites.fract_transf_matrix[2][1]   0.00766095 
_atom_sites.fract_transf_matrix[2][2]   0.01475787 
_atom_sites.fract_transf_matrix[2][3]   -0.01264545 
_atom_sites.fract_transf_matrix[3][1]   -0.00531493 
_atom_sites.fract_transf_matrix[3][2]   0.00246566 
_atom_sites.fract_transf_matrix[3][3]   -0.00034238 
_atom_sites.fract_transf_vector[1]      1.582926 
_atom_sites.fract_transf_vector[2]      0.236710 
_atom_sites.fract_transf_vector[3]      0.187397 
# 
loop_
_atom_type.symbol 
C 
N 
O 
S 
# 
loop_
_atom_site.group_PDB 
_atom_site.id 
_atom_site.type_symbol 
_atom_site.label_atom_id 
_atom_site.label_alt_id 
_atom_site.label_comp_id 
_atom_site.label_asym_id 
_atom_site.label_entity_id 
_atom_site.label_seq_id 
_atom_site.pdbx_PDB_ins_code 
_atom_site.Cartn_x 
_atom_site.Cartn_y 
_atom_site.Cartn_z 
_atom_site.occupancy 
_atom_site.B_iso_or_equiv 
_atom_site.pdbx_formal_charge 
_atom_site.auth_seq_id 
_atom_site.auth_comp_id 
_atom_site.auth_asym_id 
_atom_site.auth_atom_id 
_atom_site.pdbx_PDB_model_num 
ATOM 1    N N   . GLY A 1 1   ? -17.073 0.800   11.189  0.01 95.21  ? -28 GLY A N   1 
ATOM 2    C CA  . GLY A 1 1   ? -15.916 1.470   11.846  0.01 95.17  ? -28 GLY A CA  1 
ATOM 3    C C   . GLY A 1 1   ? -16.348 2.469   12.901  0.01 95.10  ? -28 GLY A C   1 
ATOM 4    O O   . GLY A 1 1   ? -17.534 2.781   13.009  0.01 95.15  ? -28 GLY A O   1 
ATOM 5    N N   . PRO A 1 2   ? -15.404 2.990   13.702  0.01 94.98  ? -27 PRO A N   1 
ATOM 6    C CA  . PRO A 1 2   ? -15.704 3.965   14.756  0.01 94.79  ? -27 PRO A CA  1 
ATOM 7    C C   . PRO A 1 2   ? -16.513 5.153   14.246  0.01 94.51  ? -27 PRO A C   1 
ATOM 8    O O   . PRO A 1 2   ? -15.974 6.052   13.600  0.01 94.55  ? -27 PRO A O   1 
ATOM 9    C CB  . PRO A 1 2   ? -14.317 4.374   15.241  0.01 94.91  ? -27 PRO A CB  1 
ATOM 10   C CG  . PRO A 1 2   ? -13.529 3.117   15.066  0.01 95.00  ? -27 PRO A CG  1 
ATOM 11   C CD  . PRO A 1 2   ? -13.970 2.653   13.697  0.01 95.02  ? -27 PRO A CD  1 
ATOM 12   N N   . THR A 1 3   ? -17.810 5.150   14.539  0.01 94.11  ? -26 THR A N   1 
ATOM 13   C CA  . THR A 1 3   ? -18.693 6.227   14.110  0.01 93.63  ? -26 THR A CA  1 
ATOM 14   C C   . THR A 1 3   ? -19.434 6.839   15.295  0.01 93.13  ? -26 THR A C   1 
ATOM 15   O O   . THR A 1 3   ? -20.109 7.858   15.154  0.01 93.15  ? -26 THR A O   1 
ATOM 16   C CB  . THR A 1 3   ? -19.730 5.726   13.087  0.01 93.78  ? -26 THR A CB  1 
ATOM 17   O OG1 . THR A 1 3   ? -20.498 4.661   13.662  0.01 93.86  ? -26 THR A OG1 1 
ATOM 18   C CG2 . THR A 1 3   ? -19.036 5.223   11.830  0.01 93.86  ? -26 THR A CG2 1 
ATOM 19   N N   . SER A 1 4   ? -19.305 6.211   16.459  0.01 92.45  ? -25 SER A N   1 
ATOM 20   C CA  . SER A 1 4   ? -19.963 6.704   17.664  0.01 91.68  ? -25 SER A CA  1 
ATOM 21   C C   . SER A 1 4   ? -19.264 7.961   18.182  0.01 90.97  ? -25 SER A C   1 
ATOM 22   O O   . SER A 1 4   ? -19.898 9.001   18.359  0.01 91.01  ? -25 SER A O   1 
ATOM 23   C CB  . SER A 1 4   ? -19.974 5.621   18.747  0.01 91.82  ? -25 SER A CB  1 
ATOM 24   O OG  . SER A 1 4   ? -20.649 4.458   18.301  0.01 91.91  ? -25 SER A OG  1 
ATOM 25   N N   . PRO A 1 5   ? -17.944 7.882   18.432  0.01 90.18  ? -24 PRO A N   1 
ATOM 26   C CA  . PRO A 1 5   ? -17.213 9.052   18.928  0.01 89.42  ? -24 PRO A CA  1 
ATOM 27   C C   . PRO A 1 5   ? -17.313 10.216  17.946  0.01 88.53  ? -24 PRO A C   1 
ATOM 28   O O   . PRO A 1 5   ? -17.980 11.216  18.214  0.01 88.57  ? -24 PRO A O   1 
ATOM 29   C CB  . PRO A 1 5   ? -15.783 8.534   19.059  0.01 89.63  ? -24 PRO A CB  1 
ATOM 30   C CG  . PRO A 1 5   ? -15.980 7.082   19.361  0.01 89.88  ? -24 PRO A CG  1 
ATOM 31   C CD  . PRO A 1 5   ? -17.058 6.706   18.378  0.01 90.08  ? -24 PRO A CD  1 
ATOM 32   N N   . GLY A 1 6   ? -16.644 10.073  16.806  1.00 87.73  ? -23 GLY A N   1 
ATOM 33   C CA  . GLY A 1 6   ? -16.672 11.109  15.789  1.00 85.71  ? -23 GLY A CA  1 
ATOM 34   C C   . GLY A 1 6   ? -16.453 10.544  14.395  1.00 83.86  ? -23 GLY A C   1 
ATOM 35   O O   . GLY A 1 6   ? -15.547 9.725   14.207  1.00 83.98  ? -23 GLY A O   1 
ATOM 36   N N   . PRO A 1 7   ? -17.275 10.947  13.398  1.00 81.78  ? -22 PRO A N   1 
ATOM 37   C CA  . PRO A 1 7   ? -17.181 10.483  12.000  1.00 77.74  ? -22 PRO A CA  1 
ATOM 38   C C   . PRO A 1 7   ? -16.198 11.292  11.124  1.00 73.69  ? -22 PRO A C   1 
ATOM 39   O O   . PRO A 1 7   ? -16.557 12.368  10.631  1.00 73.57  ? -22 PRO A O   1 
ATOM 40   C CB  . PRO A 1 7   ? -18.625 10.617  11.480  1.00 78.81  ? -22 PRO A CB  1 
ATOM 41   C CG  . PRO A 1 7   ? -19.481 10.789  12.742  1.00 80.44  ? -22 PRO A CG  1 
ATOM 42   C CD  . PRO A 1 7   ? -18.578 11.596  13.635  1.00 81.43  ? -22 PRO A CD  1 
ATOM 43   N N   . ALA A 1 8   ? -14.979 10.781  10.925  1.00 67.53  ? -21 ALA A N   1 
ATOM 44   C CA  . ALA A 1 8   ? -13.996 11.482  10.101  1.00 60.68  ? -21 ALA A CA  1 
ATOM 45   C C   . ALA A 1 8   ? -14.702 11.866  8.812   1.00 56.64  ? -21 ALA A C   1 
ATOM 46   O O   . ALA A 1 8   ? -14.725 13.028  8.416   1.00 58.29  ? -21 ALA A O   1 
ATOM 47   C CB  . ALA A 1 8   ? -12.816 10.583  9.797   1.00 60.06  ? -21 ALA A CB  1 
ATOM 48   N N   . LEU A 1 9   ? -15.293 10.873  8.166   1.00 50.27  ? -20 LEU A N   1 
ATOM 49   C CA  . LEU A 1 9   ? -16.027 11.096  6.934   1.00 44.26  ? -20 LEU A CA  1 
ATOM 50   C C   . LEU A 1 9   ? -17.494 11.065  7.319   1.00 41.44  ? -20 LEU A C   1 
ATOM 51   O O   . LEU A 1 9   ? -17.929 10.174  8.038   1.00 40.96  ? -20 LEU A O   1 
ATOM 52   C CB  . LEU A 1 9   ? -15.713 9.986   5.933   1.00 41.68  ? -20 LEU A CB  1 
ATOM 53   C CG  . LEU A 1 9   ? -14.933 10.329  4.655   1.00 42.10  ? -20 LEU A CG  1 
ATOM 54   C CD1 . LEU A 1 9   ? -13.814 11.320  4.912   1.00 37.57  ? -20 LEU A CD1 1 
ATOM 55   C CD2 . LEU A 1 9   ? -14.387 9.025   4.082   1.00 41.46  ? -20 LEU A CD2 1 
ATOM 56   N N   . THR A 1 10  ? -18.254 12.049  6.861   1.00 39.65  ? -19 THR A N   1 
ATOM 57   C CA  . THR A 1 10  ? -19.670 12.100  7.169   1.00 37.44  ? -19 THR A CA  1 
ATOM 58   C C   . THR A 1 10  ? -20.264 10.715  7.024   1.00 39.95  ? -19 THR A C   1 
ATOM 59   O O   . THR A 1 10  ? -20.169 10.100  5.960   1.00 41.30  ? -19 THR A O   1 
ATOM 60   C CB  . THR A 1 10  ? -20.407 13.032  6.225   1.00 35.31  ? -19 THR A CB  1 
ATOM 61   O OG1 . THR A 1 10  ? -19.762 14.311  6.219   1.00 34.28  ? -19 THR A OG1 1 
ATOM 62   C CG2 . THR A 1 10  ? -21.836 13.190  6.665   1.00 34.92  ? -19 THR A CG2 1 
ATOM 63   N N   . ASP A 1 11  ? -20.869 10.220  8.101   1.00 41.63  ? -18 ASP A N   1 
ATOM 64   C CA  . ASP A 1 11  ? -21.482 8.899   8.091   1.00 40.65  ? -18 ASP A CA  1 
ATOM 65   C C   . ASP A 1 11  ? -22.848 9.039   7.461   1.00 40.78  ? -18 ASP A C   1 
ATOM 66   O O   . ASP A 1 11  ? -23.836 9.323   8.151   1.00 41.42  ? -18 ASP A O   1 
ATOM 67   C CB  . ASP A 1 11  ? -21.629 8.374   9.515   1.00 43.40  ? -18 ASP A CB  1 
ATOM 68   C CG  . ASP A 1 11  ? -22.311 7.024   9.571   1.00 45.56  ? -18 ASP A CG  1 
ATOM 69   O OD1 . ASP A 1 11  ? -23.059 6.797   10.536  1.00 47.48  ? -18 ASP A OD1 1 
ATOM 70   O OD2 . ASP A 1 11  ? -22.097 6.193   8.668   1.00 45.57  ? -18 ASP A OD2 1 
ATOM 71   N N   . TRP A 1 12  ? -22.913 8.844   6.149   1.00 38.42  ? -17 TRP A N   1 
ATOM 72   C CA  . TRP A 1 12  ? -24.184 8.978   5.469   1.00 36.79  ? -17 TRP A CA  1 
ATOM 73   C C   . TRP A 1 12  ? -25.085 7.759   5.627   1.00 39.07  ? -17 TRP A C   1 
ATOM 74   O O   . TRP A 1 12  ? -26.277 7.814   5.304   1.00 40.09  ? -17 TRP A O   1 
ATOM 75   C CB  . TRP A 1 12  ? -23.955 9.301   4.001   1.00 32.50  ? -17 TRP A CB  1 
ATOM 76   C CG  . TRP A 1 12  ? -23.508 10.723  3.762   1.00 27.14  ? -17 TRP A CG  1 
ATOM 77   C CD1 . TRP A 1 12  ? -22.261 11.140  3.401   1.00 22.87  ? -17 TRP A CD1 1 
ATOM 78   C CD2 . TRP A 1 12  ? -24.323 11.904  3.830   1.00 23.50  ? -17 TRP A CD2 1 
ATOM 79   N NE1 . TRP A 1 12  ? -22.250 12.501  3.232   1.00 23.76  ? -17 TRP A NE1 1 
ATOM 80   C CE2 . TRP A 1 12  ? -23.503 12.995  3.487   1.00 21.60  ? -17 TRP A CE2 1 
ATOM 81   C CE3 . TRP A 1 12  ? -25.664 12.139  4.142   1.00 23.87  ? -17 TRP A CE3 1 
ATOM 82   C CZ2 . TRP A 1 12  ? -23.978 14.306  3.439   1.00 21.73  ? -17 TRP A CZ2 1 
ATOM 83   C CZ3 . TRP A 1 12  ? -26.143 13.455  4.091   1.00 24.87  ? -17 TRP A CZ3 1 
ATOM 84   C CH2 . TRP A 1 12  ? -25.298 14.517  3.740   1.00 22.97  ? -17 TRP A CH2 1 
ATOM 85   N N   . ALA A 1 13  ? -24.526 6.664   6.133   1.00 40.31  ? -16 ALA A N   1 
ATOM 86   C CA  . ALA A 1 13  ? -25.311 5.459   6.356   1.00 42.14  ? -16 ALA A CA  1 
ATOM 87   C C   . ALA A 1 13  ? -26.352 5.805   7.413   1.00 45.04  ? -16 ALA A C   1 
ATOM 88   O O   . ALA A 1 13  ? -27.536 5.510   7.251   1.00 45.66  ? -16 ALA A O   1 
ATOM 89   C CB  . ALA A 1 13  ? -24.425 4.336   6.840   1.00 39.78  ? -16 ALA A CB  1 
ATOM 90   N N   . ARG A 1 14  ? -25.904 6.448   8.489   1.00 48.97  ? -15 ARG A N   1 
ATOM 91   C CA  . ARG A 1 14  ? -26.793 6.855   9.572   1.00 52.41  ? -15 ARG A CA  1 
ATOM 92   C C   . ARG A 1 14  ? -27.868 7.802   9.066   1.00 53.21  ? -15 ARG A C   1 
ATOM 93   O O   . ARG A 1 14  ? -29.047 7.621   9.357   1.00 55.04  ? -15 ARG A O   1 
ATOM 94   C CB  . ARG A 1 14  ? -25.997 7.529   10.693  1.00 56.50  ? -15 ARG A CB  1 
ATOM 95   C CG  . ARG A 1 14  ? -25.755 6.646   11.923  1.00 62.29  ? -15 ARG A CG  1 
ATOM 96   C CD  . ARG A 1 14  ? -25.166 5.276   11.551  1.00 67.65  ? -15 ARG A CD  1 
ATOM 97   N NE  . ARG A 1 14  ? -24.921 4.444   12.729  1.00 71.83  ? -15 ARG A NE  1 
ATOM 98   C CZ  . ARG A 1 14  ? -24.011 4.707   13.666  1.00 74.32  ? -15 ARG A CZ  1 
ATOM 99   N NH1 . ARG A 1 14  ? -23.241 5.787   13.572  1.00 74.45  ? -15 ARG A NH1 1 
ATOM 100  N NH2 . ARG A 1 14  ? -23.879 3.893   14.707  1.00 75.68  ? -15 ARG A NH2 1 
ATOM 101  N N   . VAL A 1 15  ? -27.466 8.817   8.310   1.00 54.04  ? -14 VAL A N   1 
ATOM 102  C CA  . VAL A 1 15  ? -28.425 9.769   7.770   1.00 52.90  ? -14 VAL A CA  1 
ATOM 103  C C   . VAL A 1 15  ? -29.481 8.988   6.997   1.00 54.35  ? -14 VAL A C   1 
ATOM 104  O O   . VAL A 1 15  ? -30.673 9.208   7.182   1.00 55.36  ? -14 VAL A O   1 
ATOM 105  C CB  . VAL A 1 15  ? -27.744 10.791  6.827   1.00 51.60  ? -14 VAL A CB  1 
ATOM 106  C CG1 . VAL A 1 15  ? -28.743 11.828  6.361   1.00 48.03  ? -14 VAL A CG1 1 
ATOM 107  C CG2 . VAL A 1 15  ? -26.586 11.458  7.538   1.00 51.59  ? -14 VAL A CG2 1 
ATOM 108  N N   . ARG A 1 16  ? -29.050 8.070   6.137   1.00 55.22  ? -13 ARG A N   1 
ATOM 109  C CA  . ARG A 1 16  ? -30.004 7.272   5.373   1.00 57.18  ? -13 ARG A CA  1 
ATOM 110  C C   . ARG A 1 16  ? -31.042 6.709   6.338   1.00 57.98  ? -13 ARG A C   1 
ATOM 111  O O   . ARG A 1 16  ? -32.217 7.066   6.284   1.00 55.69  ? -13 ARG A O   1 
ATOM 112  C CB  . ARG A 1 16  ? -29.288 6.130   4.629   1.00 57.83  ? -13 ARG A CB  1 
ATOM 113  C CG  . ARG A 1 16  ? -30.215 5.157   3.902   1.00 59.03  ? -13 ARG A CG  1 
ATOM 114  C CD  . ARG A 1 16  ? -29.455 4.091   3.102   1.00 62.43  ? -13 ARG A CD  1 
ATOM 115  N NE  . ARG A 1 16  ? -29.163 4.548   1.742   1.00 67.59  ? -13 ARG A NE  1 
ATOM 116  C CZ  . ARG A 1 16  ? -30.052 4.602   0.747   1.00 69.32  ? -13 ARG A CZ  1 
ATOM 117  N NH1 . ARG A 1 16  ? -31.313 4.209   0.941   1.00 68.75  ? -13 ARG A NH1 1 
ATOM 118  N NH2 . ARG A 1 16  ? -29.691 5.089   -0.440  1.00 66.83  ? -13 ARG A NH2 1 
ATOM 119  N N   . GLU A 1 17  ? -30.592 5.852   7.246   1.00 61.49  ? -12 GLU A N   1 
ATOM 120  C CA  . GLU A 1 17  ? -31.482 5.233   8.219   1.00 66.31  ? -12 GLU A CA  1 
ATOM 121  C C   . GLU A 1 17  ? -32.460 6.186   8.904   1.00 68.11  ? -12 GLU A C   1 
ATOM 122  O O   . GLU A 1 17  ? -33.650 5.876   9.022   1.00 68.57  ? -12 GLU A O   1 
ATOM 123  C CB  . GLU A 1 17  ? -30.652 4.489   9.252   1.00 68.36  ? -12 GLU A CB  1 
ATOM 124  C CG  . GLU A 1 17  ? -29.995 3.257   8.666   1.00 73.63  ? -12 GLU A CG  1 
ATOM 125  C CD  . GLU A 1 17  ? -29.093 2.556   9.651   1.00 77.17  ? -12 GLU A CD  1 
ATOM 126  O OE1 . GLU A 1 17  ? -28.000 3.103   9.938   1.00 78.19  ? -12 GLU A OE1 1 
ATOM 127  O OE2 . GLU A 1 17  ? -29.484 1.466   10.140  1.00 78.89  ? -12 GLU A OE2 1 
ATOM 128  N N   . GLU A 1 18  ? -31.970 7.338   9.353   1.00 69.87  ? -11 GLU A N   1 
ATOM 129  C CA  . GLU A 1 18  ? -32.832 8.325   10.004  1.00 71.41  ? -11 GLU A CA  1 
ATOM 130  C C   . GLU A 1 18  ? -34.007 8.662   9.092   1.00 71.44  ? -11 GLU A C   1 
ATOM 131  O O   . GLU A 1 18  ? -35.131 8.219   9.312   1.00 71.91  ? -11 GLU A O   1 
ATOM 132  C CB  . GLU A 1 18  ? -32.046 9.603   10.305  1.00 72.48  ? -11 GLU A CB  1 
ATOM 133  C CG  . GLU A 1 18  ? -30.916 9.426   11.306  1.00 75.70  ? -11 GLU A CG  1 
ATOM 134  C CD  . GLU A 1 18  ? -31.394 9.424   12.747  1.00 76.66  ? -11 GLU A CD  1 
ATOM 135  O OE1 . GLU A 1 18  ? -32.584 9.122   12.978  1.00 77.13  ? -11 GLU A OE1 1 
ATOM 136  O OE2 . GLU A 1 18  ? -30.574 9.716   13.646  1.00 77.69  ? -11 GLU A OE2 1 
ATOM 137  N N   . LEU A 1 19  ? -33.726 9.449   8.064   1.00 71.89  ? -10 LEU A N   1 
ATOM 138  C CA  . LEU A 1 19  ? -34.727 9.869   7.098   1.00 73.47  ? -10 LEU A CA  1 
ATOM 139  C C   . LEU A 1 19  ? -35.769 8.788   6.821   1.00 74.90  ? -10 LEU A C   1 
ATOM 140  O O   . LEU A 1 19  ? -36.954 9.084   6.685   1.00 74.22  ? -10 LEU A O   1 
ATOM 141  C CB  . LEU A 1 19  ? -34.041 10.254  5.789   1.00 72.93  ? -10 LEU A CB  1 
ATOM 142  C CG  . LEU A 1 19  ? -32.775 11.090  5.954   1.00 72.93  ? -10 LEU A CG  1 
ATOM 143  C CD1 . LEU A 1 19  ? -32.092 11.273  4.606   1.00 73.78  ? -10 LEU A CD1 1 
ATOM 144  C CD2 . LEU A 1 19  ? -33.130 12.422  6.580   1.00 72.39  ? -10 LEU A CD2 1 
ATOM 145  N N   . ALA A 1 20  ? -35.318 7.538   6.737   1.00 77.29  ? -9  ALA A N   1 
ATOM 146  C CA  . ALA A 1 20  ? -36.206 6.410   6.464   1.00 79.39  ? -9  ALA A CA  1 
ATOM 147  C C   . ALA A 1 20  ? -37.227 6.206   7.571   1.00 81.67  ? -9  ALA A C   1 
ATOM 148  O O   . ALA A 1 20  ? -38.439 6.263   7.335   1.00 82.06  ? -9  ALA A O   1 
ATOM 149  C CB  . ALA A 1 20  ? -35.392 5.138   6.276   1.00 78.45  ? -9  ALA A CB  1 
ATOM 150  N N   . SER A 1 21  ? -36.732 5.969   8.781   1.00 83.98  ? -8  SER A N   1 
ATOM 151  C CA  . SER A 1 21  ? -37.602 5.748   9.929   1.00 87.20  ? -8  SER A CA  1 
ATOM 152  C C   . SER A 1 21  ? -38.423 6.988   10.306  1.00 89.27  ? -8  SER A C   1 
ATOM 153  O O   . SER A 1 21  ? -38.849 7.126   11.455  1.00 90.24  ? -8  SER A O   1 
ATOM 154  C CB  . SER A 1 21  ? -36.772 5.288   11.136  1.00 87.04  ? -8  SER A CB  1 
ATOM 155  O OG  . SER A 1 21  ? -35.847 6.283   11.542  1.00 86.70  ? -8  SER A OG  1 
ATOM 156  N N   . THR A 1 22  ? -38.647 7.882   9.342   1.00 91.00  ? -7  THR A N   1 
ATOM 157  C CA  . THR A 1 22  ? -39.423 9.098   9.585   1.00 92.09  ? -7  THR A CA  1 
ATOM 158  C C   . THR A 1 22  ? -40.007 9.678   8.291   1.00 93.17  ? -7  THR A C   1 
ATOM 159  O O   . THR A 1 22  ? -39.282 10.248  7.475   1.00 93.98  ? -7  THR A O   1 
ATOM 160  C CB  . THR A 1 22  ? -38.557 10.203  10.260  1.00 92.34  ? -7  THR A CB  1 
ATOM 161  O OG1 . THR A 1 22  ? -37.966 9.695   11.463  1.00 91.82  ? -7  THR A OG1 1 
ATOM 162  C CG2 . THR A 1 22  ? -39.416 11.420  10.605  1.00 91.79  ? -7  THR A CG2 1 
ATOM 163  N N   . GLY A 1 23  ? -41.316 9.528   8.110   1.00 93.76  ? -6  GLY A N   1 
ATOM 164  C CA  . GLY A 1 23  ? -41.971 10.070  6.930   1.00 94.61  ? -6  GLY A CA  1 
ATOM 165  C C   . GLY A 1 23  ? -41.538 9.473   5.605   1.00 95.32  ? -6  GLY A C   1 
ATOM 166  O O   . GLY A 1 23  ? -40.346 9.267   5.383   1.00 95.72  ? -6  GLY A O   1 
ATOM 167  N N   . PRO A 1 24  ? -42.495 9.166   4.712   1.00 95.87  ? -5  PRO A N   1 
ATOM 168  C CA  . PRO A 1 24  ? -42.222 8.583   3.390   1.00 96.43  ? -5  PRO A CA  1 
ATOM 169  C C   . PRO A 1 24  ? -41.976 9.511   2.185   1.00 96.79  ? -5  PRO A C   1 
ATOM 170  O O   . PRO A 1 24  ? -41.165 9.163   1.325   1.00 97.33  ? -5  PRO A O   1 
ATOM 171  C CB  . PRO A 1 24  ? -43.435 7.676   3.149   1.00 96.22  ? -5  PRO A CB  1 
ATOM 172  C CG  . PRO A 1 24  ? -43.966 7.411   4.528   1.00 96.48  ? -5  PRO A CG  1 
ATOM 173  C CD  . PRO A 1 24  ? -43.838 8.767   5.161   1.00 96.32  ? -5  PRO A CD  1 
ATOM 174  N N   . PRO A 1 25  ? -42.654 10.688  2.105   1.00 96.56  ? -4  PRO A N   1 
ATOM 175  C CA  . PRO A 1 25  ? -42.476 11.617  0.971   1.00 95.74  ? -4  PRO A CA  1 
ATOM 176  C C   . PRO A 1 25  ? -41.207 11.306  0.184   1.00 94.99  ? -4  PRO A C   1 
ATOM 177  O O   . PRO A 1 25  ? -41.226 10.519  -0.767  1.00 94.69  ? -4  PRO A O   1 
ATOM 178  C CB  . PRO A 1 25  ? -42.446 12.977  1.656   1.00 95.89  ? -4  PRO A CB  1 
ATOM 179  C CG  . PRO A 1 25  ? -43.516 12.805  2.683   1.00 95.92  ? -4  PRO A CG  1 
ATOM 180  C CD  . PRO A 1 25  ? -43.250 11.406  3.250   1.00 96.29  ? -4  PRO A CD  1 
ATOM 181  N N   . VAL A 1 26  ? -40.112 11.946  0.564   1.00 93.22  ? -3  VAL A N   1 
ATOM 182  C CA  . VAL A 1 26  ? -38.835 11.646  -0.050  1.00 90.85  ? -3  VAL A CA  1 
ATOM 183  C C   . VAL A 1 26  ? -38.313 10.830  1.124   1.00 89.57  ? -3  VAL A C   1 
ATOM 184  O O   . VAL A 1 26  ? -39.087 10.547  2.040   1.00 89.19  ? -3  VAL A O   1 
ATOM 185  C CB  . VAL A 1 26  ? -37.986 12.907  -0.255  1.00 91.27  ? -3  VAL A CB  1 
ATOM 186  C CG1 . VAL A 1 26  ? -36.766 12.572  -1.105  1.00 90.55  ? -3  VAL A CG1 1 
ATOM 187  C CG2 . VAL A 1 26  ? -38.823 13.997  -0.915  1.00 90.87  ? -3  VAL A CG2 1 
ATOM 188  N N   . VAL A 1 27  ? -37.045 10.439  1.135   1.00 87.61  ? -2  VAL A N   1 
ATOM 189  C CA  . VAL A 1 27  ? -36.557 9.663   2.277   1.00 84.99  ? -2  VAL A CA  1 
ATOM 190  C C   . VAL A 1 27  ? -35.045 9.498   2.383   1.00 82.01  ? -2  VAL A C   1 
ATOM 191  O O   . VAL A 1 27  ? -34.268 10.417  2.095   1.00 82.79  ? -2  VAL A O   1 
ATOM 192  C CB  . VAL A 1 27  ? -37.196 8.237   2.317   1.00 86.86  ? -2  VAL A CB  1 
ATOM 193  C CG1 . VAL A 1 27  ? -38.295 8.178   3.380   1.00 86.40  ? -2  VAL A CG1 1 
ATOM 194  C CG2 . VAL A 1 27  ? -37.752 7.860   0.933   1.00 87.89  ? -2  VAL A CG2 1 
ATOM 195  N N   . ALA A 1 28  ? -34.649 8.311   2.833   1.00 77.09  ? -1  ALA A N   1 
ATOM 196  C CA  . ALA A 1 28  ? -33.255 7.953   2.997   1.00 70.93  ? -1  ALA A CA  1 
ATOM 197  C C   . ALA A 1 28  ? -32.649 7.849   1.620   1.00 67.80  ? -1  ALA A C   1 
ATOM 198  O O   . ALA A 1 28  ? -32.303 6.761   1.170   1.00 68.97  ? -1  ALA A O   1 
ATOM 199  C CB  . ALA A 1 28  ? -33.150 6.623   3.707   1.00 70.76  ? -1  ALA A CB  1 
ATOM 200  N N   . MET A 1 29  ? -32.519 8.972   0.935   1.00 63.75  ? 0   MET A N   1 
ATOM 201  C CA  . MET A 1 29  ? -31.948 8.908   -0.385  1.00 58.99  ? 0   MET A CA  1 
ATOM 202  C C   . MET A 1 29  ? -30.599 9.580   -0.633  1.00 54.59  ? 0   MET A C   1 
ATOM 203  O O   . MET A 1 29  ? -30.354 10.102  -1.719  1.00 54.41  ? 0   MET A O   1 
ATOM 204  C CB  . MET A 1 29  ? -32.986 9.352   -1.417  1.00 62.50  ? 0   MET A CB  1 
ATOM 205  C CG  . MET A 1 29  ? -34.113 10.189  -0.870  1.00 63.45  ? 0   MET A CG  1 
ATOM 206  S SD  . MET A 1 29  ? -33.532 11.841  -0.658  1.00 67.90  ? 0   MET A SD  1 
ATOM 207  C CE  . MET A 1 29  ? -33.628 12.406  -2.400  1.00 64.03  ? 0   MET A CE  1 
ATOM 208  N N   . PRO A 1 30  ? -29.712 9.606   0.382   1.00 50.08  ? 1   PRO A N   1 
ATOM 209  C CA  . PRO A 1 30  ? -28.411 10.226  0.110   1.00 46.83  ? 1   PRO A CA  1 
ATOM 210  C C   . PRO A 1 30  ? -27.543 9.063   -0.409  1.00 42.89  ? 1   PRO A C   1 
ATOM 211  O O   . PRO A 1 30  ? -27.731 7.924   0.006   1.00 41.70  ? 1   PRO A O   1 
ATOM 212  C CB  . PRO A 1 30  ? -27.974 10.724  1.486   1.00 45.07  ? 1   PRO A CB  1 
ATOM 213  C CG  . PRO A 1 30  ? -28.509 9.677   2.380   1.00 46.16  ? 1   PRO A CG  1 
ATOM 214  C CD  . PRO A 1 30  ? -29.896 9.413   1.834   1.00 46.88  ? 1   PRO A CD  1 
ATOM 215  N N   . VAL A 1 31  ? -26.622 9.331   -1.324  1.00 39.88  ? 2   VAL A N   1 
ATOM 216  C CA  . VAL A 1 31  ? -25.772 8.272   -1.859  1.00 36.92  ? 2   VAL A CA  1 
ATOM 217  C C   . VAL A 1 31  ? -24.851 7.750   -0.777  1.00 36.91  ? 2   VAL A C   1 
ATOM 218  O O   . VAL A 1 31  ? -23.920 8.438   -0.379  1.00 38.23  ? 2   VAL A O   1 
ATOM 219  C CB  . VAL A 1 31  ? -24.911 8.781   -3.028  1.00 35.79  ? 2   VAL A CB  1 
ATOM 220  C CG1 . VAL A 1 31  ? -24.037 7.668   -3.548  1.00 35.35  ? 2   VAL A CG1 1 
ATOM 221  C CG2 . VAL A 1 31  ? -25.796 9.318   -4.127  1.00 33.43  ? 2   VAL A CG2 1 
ATOM 222  N N   . VAL A 1 32  ? -25.108 6.531   -0.312  1.00 36.61  ? 3   VAL A N   1 
ATOM 223  C CA  . VAL A 1 32  ? -24.305 5.910   0.745   1.00 35.28  ? 3   VAL A CA  1 
ATOM 224  C C   . VAL A 1 32  ? -23.286 4.924   0.193   1.00 39.32  ? 3   VAL A C   1 
ATOM 225  O O   . VAL A 1 32  ? -23.583 3.755   -0.066  1.00 39.89  ? 3   VAL A O   1 
ATOM 226  C CB  . VAL A 1 32  ? -25.203 5.184   1.763   1.00 30.92  ? 3   VAL A CB  1 
ATOM 227  C CG1 . VAL A 1 32  ? -24.360 4.454   2.777   1.00 26.41  ? 3   VAL A CG1 1 
ATOM 228  C CG2 . VAL A 1 32  ? -26.105 6.187   2.453   1.00 28.14  ? 3   VAL A CG2 1 
ATOM 229  N N   . ILE A 1 33  ? -22.067 5.410   0.032   1.00 45.43  ? 4   ILE A N   1 
ATOM 230  C CA  . ILE A 1 33  ? -20.970 4.619   -0.492  1.00 52.13  ? 4   ILE A CA  1 
ATOM 231  C C   . ILE A 1 33  ? -20.359 3.607   0.496   1.00 57.33  ? 4   ILE A C   1 
ATOM 232  O O   . ILE A 1 33  ? -20.398 2.388   0.261   1.00 59.01  ? 4   ILE A O   1 
ATOM 233  C CB  . ILE A 1 33  ? -19.898 5.572   -1.039  1.00 50.90  ? 4   ILE A CB  1 
ATOM 234  C CG1 . ILE A 1 33  ? -20.381 6.124   -2.386  1.00 51.43  ? 4   ILE A CG1 1 
ATOM 235  C CG2 . ILE A 1 33  ? -18.554 4.874   -1.126  1.00 50.93  ? 4   ILE A CG2 1 
ATOM 236  C CD1 . ILE A 1 33  ? -19.722 7.420   -2.823  1.00 50.30  ? 4   ILE A CD1 1 
ATOM 237  N N   . LYS A 1 34  ? -19.799 4.094   1.595   1.00 60.93  ? 5   LYS A N   1 
ATOM 238  C CA  . LYS A 1 34  ? -19.191 3.197   2.572   1.00 68.00  ? 5   LYS A CA  1 
ATOM 239  C C   . LYS A 1 34  ? -17.889 2.543   2.088   1.00 70.89  ? 5   LYS A C   1 
ATOM 240  O O   . LYS A 1 34  ? -17.764 1.316   2.094   1.00 70.93  ? 5   LYS A O   1 
ATOM 241  C CB  . LYS A 1 34  ? -20.168 2.082   2.997   1.00 69.62  ? 5   LYS A CB  1 
ATOM 242  C CG  . LYS A 1 34  ? -21.337 2.529   3.885   1.00 71.33  ? 5   LYS A CG  1 
ATOM 243  C CD  . LYS A 1 34  ? -22.080 1.332   4.491   1.00 71.26  ? 5   LYS A CD  1 
ATOM 244  C CE  . LYS A 1 34  ? -22.565 0.354   3.417   1.00 72.85  ? 5   LYS A CE  1 
ATOM 245  N NZ  . LYS A 1 34  ? -23.240 -0.842  4.000   1.00 73.42  ? 5   LYS A NZ  1 
ATOM 246  N N   . THR A 1 35  ? -16.934 3.352   1.639   1.00 74.31  ? 6   THR A N   1 
ATOM 247  C CA  . THR A 1 35  ? -15.639 2.809   1.231   1.00 76.68  ? 6   THR A CA  1 
ATOM 248  C C   . THR A 1 35  ? -15.013 2.593   2.603   1.00 76.76  ? 6   THR A C   1 
ATOM 249  O O   . THR A 1 35  ? -14.907 3.542   3.387   1.00 78.15  ? 6   THR A O   1 
ATOM 250  C CB  . THR A 1 35  ? -14.782 3.836   0.435   1.00 78.01  ? 6   THR A CB  1 
ATOM 251  O OG1 . THR A 1 35  ? -15.388 4.093   -0.841  1.00 78.03  ? 6   THR A OG1 1 
ATOM 252  C CG2 . THR A 1 35  ? -13.357 3.301   0.234   1.00 76.53  ? 6   THR A CG2 1 
ATOM 253  N N   . GLU A 1 36  ? -14.609 1.367   2.910   1.00 75.19  ? 7   GLU A N   1 
ATOM 254  C CA  . GLU A 1 36  ? -14.059 1.105   4.231   1.00 73.32  ? 7   GLU A CA  1 
ATOM 255  C C   . GLU A 1 36  ? -12.861 0.163   4.256   1.00 70.29  ? 7   GLU A C   1 
ATOM 256  O O   . GLU A 1 36  ? -12.427 -0.352  3.222   1.00 70.35  ? 7   GLU A O   1 
ATOM 257  C CB  . GLU A 1 36  ? -15.160 0.518   5.122   1.00 75.85  ? 7   GLU A CB  1 
ATOM 258  C CG  . GLU A 1 36  ? -16.498 1.252   5.063   1.00 79.53  ? 7   GLU A CG  1 
ATOM 259  C CD  . GLU A 1 36  ? -17.653 0.424   5.631   1.00 81.82  ? 7   GLU A CD  1 
ATOM 260  O OE1 . GLU A 1 36  ? -17.985 -0.634  5.041   1.00 81.42  ? 7   GLU A OE1 1 
ATOM 261  O OE2 . GLU A 1 36  ? -18.225 0.833   6.669   1.00 82.04  ? 7   GLU A OE2 1 
ATOM 262  N N   . GLY A 1 37  ? -12.345 -0.043  5.466   1.00 66.01  ? 8   GLY A N   1 
ATOM 263  C CA  . GLY A 1 37  ? -11.234 -0.943  5.698   1.00 61.39  ? 8   GLY A CA  1 
ATOM 264  C C   . GLY A 1 37  ? -9.892  -0.659  5.060   1.00 58.52  ? 8   GLY A C   1 
ATOM 265  O O   . GLY A 1 37  ? -9.663  -1.050  3.916   1.00 59.56  ? 8   GLY A O   1 
ATOM 266  N N   . PRO A 1 38  ? -8.976  0.020   5.777   1.00 56.42  ? 9   PRO A N   1 
ATOM 267  C CA  . PRO A 1 38  ? -7.633  0.347   5.274   1.00 53.00  ? 9   PRO A CA  1 
ATOM 268  C C   . PRO A 1 38  ? -6.833  -0.944  5.139   1.00 50.61  ? 9   PRO A C   1 
ATOM 269  O O   . PRO A 1 38  ? -6.544  -1.595  6.140   1.00 49.67  ? 9   PRO A O   1 
ATOM 270  C CB  . PRO A 1 38  ? -7.055  1.236   6.370   1.00 53.66  ? 9   PRO A CB  1 
ATOM 271  C CG  . PRO A 1 38  ? -8.266  1.845   7.010   1.00 54.93  ? 9   PRO A CG  1 
ATOM 272  C CD  . PRO A 1 38  ? -9.226  0.684   7.068   1.00 55.48  ? 9   PRO A CD  1 
ATOM 273  N N   . ALA A 1 39  ? -6.486  -1.314  3.911   1.00 48.73  ? 10  ALA A N   1 
ATOM 274  C CA  . ALA A 1 39  ? -5.727  -2.538  3.673   1.00 45.97  ? 10  ALA A CA  1 
ATOM 275  C C   . ALA A 1 39  ? -4.220  -2.366  3.859   1.00 45.61  ? 10  ALA A C   1 
ATOM 276  O O   . ALA A 1 39  ? -3.467  -3.346  3.811   1.00 48.25  ? 10  ALA A O   1 
ATOM 277  C CB  . ALA A 1 39  ? -6.017  -3.068  2.278   1.00 45.57  ? 10  ALA A CB  1 
ATOM 278  N N   . TRP A 1 40  ? -3.764  -1.135  4.055   1.00 41.66  ? 11  TRP A N   1 
ATOM 279  C CA  . TRP A 1 40  ? -2.340  -0.924  4.261   1.00 41.11  ? 11  TRP A CA  1 
ATOM 280  C C   . TRP A 1 40  ? -2.085  -0.845  5.761   1.00 41.04  ? 11  TRP A C   1 
ATOM 281  O O   . TRP A 1 40  ? -3.014  -0.686  6.539   1.00 40.90  ? 11  TRP A O   1 
ATOM 282  C CB  . TRP A 1 40  ? -1.862  0.365   3.573   1.00 35.83  ? 11  TRP A CB  1 
ATOM 283  C CG  . TRP A 1 40  ? -2.741  1.511   3.843   1.00 31.63  ? 11  TRP A CG  1 
ATOM 284  C CD1 . TRP A 1 40  ? -3.918  1.801   3.214   1.00 30.74  ? 11  TRP A CD1 1 
ATOM 285  C CD2 . TRP A 1 40  ? -2.595  2.480   4.886   1.00 28.07  ? 11  TRP A CD2 1 
ATOM 286  N NE1 . TRP A 1 40  ? -4.519  2.880   3.804   1.00 29.21  ? 11  TRP A NE1 1 
ATOM 287  C CE2 . TRP A 1 40  ? -3.727  3.320   4.835   1.00 27.10  ? 11  TRP A CE2 1 
ATOM 288  C CE3 . TRP A 1 40  ? -1.624  2.714   5.861   1.00 28.10  ? 11  TRP A CE3 1 
ATOM 289  C CZ2 . TRP A 1 40  ? -3.916  4.384   5.725   1.00 24.35  ? 11  TRP A CZ2 1 
ATOM 290  C CZ3 . TRP A 1 40  ? -1.814  3.775   6.753   1.00 27.33  ? 11  TRP A CZ3 1 
ATOM 291  C CH2 . TRP A 1 40  ? -2.953  4.594   6.674   1.00 24.60  ? 11  TRP A CH2 1 
ATOM 292  N N   . THR A 1 41  ? -0.825  -0.963  6.158   1.00 42.21  ? 12  THR A N   1 
ATOM 293  C CA  . THR A 1 41  ? -0.455  -0.893  7.562   1.00 45.38  ? 12  THR A CA  1 
ATOM 294  C C   . THR A 1 41  ? 0.641   0.147   7.764   1.00 44.90  ? 12  THR A C   1 
ATOM 295  O O   . THR A 1 41  ? 1.583   0.212   6.992   1.00 47.24  ? 12  THR A O   1 
ATOM 296  C CB  . THR A 1 41  ? 0.087   -2.251  8.071   1.00 46.93  ? 12  THR A CB  1 
ATOM 297  O OG1 . THR A 1 41  ? -0.857  -3.285  7.778   1.00 51.52  ? 12  THR A OG1 1 
ATOM 298  C CG2 . THR A 1 41  ? 0.302   -2.211  9.572   1.00 47.49  ? 12  THR A CG2 1 
ATOM 299  N N   . PRO A 1 42  ? 0.517   0.993   8.792   1.00 44.28  ? 13  PRO A N   1 
ATOM 300  C CA  . PRO A 1 42  ? 1.561   1.992   9.018   1.00 44.05  ? 13  PRO A CA  1 
ATOM 301  C C   . PRO A 1 42  ? 2.663   1.372   9.856   1.00 44.67  ? 13  PRO A C   1 
ATOM 302  O O   . PRO A 1 42  ? 2.394   0.514   10.699  1.00 45.33  ? 13  PRO A O   1 
ATOM 303  C CB  . PRO A 1 42  ? 0.826   3.095   9.766   1.00 43.96  ? 13  PRO A CB  1 
ATOM 304  C CG  . PRO A 1 42  ? -0.170  2.332   10.558  1.00 45.15  ? 13  PRO A CG  1 
ATOM 305  C CD  . PRO A 1 42  ? -0.690  1.317   9.569   1.00 44.81  ? 13  PRO A CD  1 
ATOM 306  N N   . LEU A 1 43  ? 3.898   1.801   9.627   1.00 43.81  ? 14  LEU A N   1 
ATOM 307  C CA  . LEU A 1 43  ? 5.032   1.283   10.371  1.00 42.30  ? 14  LEU A CA  1 
ATOM 308  C C   . LEU A 1 43  ? 5.285   2.116   11.625  1.00 43.71  ? 14  LEU A C   1 
ATOM 309  O O   . LEU A 1 43  ? 5.055   3.317   11.635  1.00 45.24  ? 14  LEU A O   1 
ATOM 310  C CB  . LEU A 1 43  ? 6.266   1.296   9.481   1.00 41.85  ? 14  LEU A CB  1 
ATOM 311  C CG  . LEU A 1 43  ? 6.193   0.505   8.176   1.00 36.91  ? 14  LEU A CG  1 
ATOM 312  C CD1 . LEU A 1 43  ? 7.344   0.936   7.281   1.00 38.33  ? 14  LEU A CD1 1 
ATOM 313  C CD2 . LEU A 1 43  ? 6.258   -0.971  8.449   1.00 34.24  ? 14  LEU A CD2 1 
ATOM 314  N N   . GLU A 1 44  ? 5.756   1.471   12.687  1.00 46.64  ? 15  GLU A N   1 
ATOM 315  C CA  . GLU A 1 44  ? 6.032   2.153   13.952  1.00 45.67  ? 15  GLU A CA  1 
ATOM 316  C C   . GLU A 1 44  ? 7.481   2.621   13.963  1.00 44.48  ? 15  GLU A C   1 
ATOM 317  O O   . GLU A 1 44  ? 8.404   1.827   13.800  1.00 42.41  ? 15  GLU A O   1 
ATOM 318  C CB  . GLU A 1 44  ? 5.779   1.201   15.123  1.00 47.17  ? 15  GLU A CB  1 
ATOM 319  C CG  . GLU A 1 44  ? 5.608   1.889   16.476  1.00 51.37  ? 15  GLU A CG  1 
ATOM 320  C CD  . GLU A 1 44  ? 6.882   2.556   16.969  1.00 51.83  ? 15  GLU A CD  1 
ATOM 321  O OE1 . GLU A 1 44  ? 7.963   1.933   16.856  1.00 53.13  ? 15  GLU A OE1 1 
ATOM 322  O OE2 . GLU A 1 44  ? 6.798   3.691   17.474  1.00 50.55  ? 15  GLU A OE2 1 
ATOM 323  N N   . PRO A 1 45  ? 7.699   3.929   14.154  1.00 45.15  ? 16  PRO A N   1 
ATOM 324  C CA  . PRO A 1 45  ? 9.055   4.478   14.177  1.00 44.99  ? 16  PRO A CA  1 
ATOM 325  C C   . PRO A 1 45  ? 10.098  3.629   14.907  1.00 46.09  ? 16  PRO A C   1 
ATOM 326  O O   . PRO A 1 45  ? 11.133  3.302   14.330  1.00 47.33  ? 16  PRO A O   1 
ATOM 327  C CB  . PRO A 1 45  ? 8.852   5.849   14.819  1.00 43.78  ? 16  PRO A CB  1 
ATOM 328  C CG  . PRO A 1 45  ? 7.515   6.254   14.298  1.00 41.51  ? 16  PRO A CG  1 
ATOM 329  C CD  . PRO A 1 45  ? 6.697   4.981   14.424  1.00 43.07  ? 16  PRO A CD  1 
ATOM 330  N N   . LYS A 1 46  ? 9.842   3.266   16.162  1.00 46.94  ? 17  LYS A N   1 
ATOM 331  C CA  . LYS A 1 46  ? 10.814  2.470   16.918  1.00 47.69  ? 17  LYS A CA  1 
ATOM 332  C C   . LYS A 1 46  ? 11.171  1.169   16.228  1.00 47.27  ? 17  LYS A C   1 
ATOM 333  O O   . LYS A 1 46  ? 12.336  0.782   16.171  1.00 47.49  ? 17  LYS A O   1 
ATOM 334  C CB  . LYS A 1 46  ? 10.311  2.215   18.342  1.00 49.38  ? 17  LYS A CB  1 
ATOM 335  C CG  . LYS A 1 46  ? 10.527  3.429   19.269  1.00 51.56  ? 17  LYS A CG  1 
ATOM 336  C CD  . LYS A 1 46  ? 9.638   3.384   20.503  1.00 52.60  ? 17  LYS A CD  1 
ATOM 337  C CE  . LYS A 1 46  ? 9.660   4.712   21.253  1.00 54.03  ? 17  LYS A CE  1 
ATOM 338  N NZ  . LYS A 1 46  ? 8.567   4.843   22.271  1.00 52.25  ? 17  LYS A NZ  1 
ATOM 339  N N   . LEU A 1 47  ? 10.180  0.493   15.679  1.00 48.34  ? 18  LEU A N   1 
ATOM 340  C CA  . LEU A 1 47  ? 10.456  -0.743  14.972  1.00 49.26  ? 18  LEU A CA  1 
ATOM 341  C C   . LEU A 1 47  ? 11.327  -0.459  13.741  1.00 48.79  ? 18  LEU A C   1 
ATOM 342  O O   . LEU A 1 47  ? 12.109  -1.309  13.312  1.00 49.31  ? 18  LEU A O   1 
ATOM 343  C CB  . LEU A 1 47  ? 9.152   -1.406  14.539  1.00 50.57  ? 18  LEU A CB  1 
ATOM 344  C CG  . LEU A 1 47  ? 9.065   -2.923  14.711  1.00 51.20  ? 18  LEU A CG  1 
ATOM 345  C CD1 . LEU A 1 47  ? 7.805   -3.397  14.007  1.00 52.91  ? 18  LEU A CD1 1 
ATOM 346  C CD2 . LEU A 1 47  ? 10.308  -3.620  14.139  1.00 52.18  ? 18  LEU A CD2 1 
ATOM 347  N N   . ILE A 1 48  ? 11.197  0.733   13.167  1.00 49.25  ? 19  ILE A N   1 
ATOM 348  C CA  . ILE A 1 48  ? 12.004  1.085   11.995  1.00 50.18  ? 19  ILE A CA  1 
ATOM 349  C C   . ILE A 1 48  ? 13.453  1.377   12.367  1.00 51.63  ? 19  ILE A C   1 
ATOM 350  O O   . ILE A 1 48  ? 14.379  0.995   11.649  1.00 51.06  ? 19  ILE A O   1 
ATOM 351  C CB  . ILE A 1 48  ? 11.429  2.302   11.247  1.00 48.85  ? 19  ILE A CB  1 
ATOM 352  C CG1 . ILE A 1 48  ? 10.152  1.895   10.501  1.00 49.28  ? 19  ILE A CG1 1 
ATOM 353  C CG2 . ILE A 1 48  ? 12.445  2.830   10.263  1.00 49.11  ? 19  ILE A CG2 1 
ATOM 354  C CD1 . ILE A 1 48  ? 9.409   3.038   9.861   1.00 46.48  ? 19  ILE A CD1 1 
ATOM 355  N N   . THR A 1 49  ? 13.651  2.048   13.497  1.00 53.81  ? 20  THR A N   1 
ATOM 356  C CA  . THR A 1 49  ? 14.995  2.374   13.954  1.00 55.23  ? 20  THR A CA  1 
ATOM 357  C C   . THR A 1 49  ? 15.769  1.096   14.245  1.00 55.26  ? 20  THR A C   1 
ATOM 358  O O   . THR A 1 49  ? 16.896  0.930   13.790  1.00 56.45  ? 20  THR A O   1 
ATOM 359  C CB  . THR A 1 49  ? 14.950  3.202   15.226  1.00 56.40  ? 20  THR A CB  1 
ATOM 360  O OG1 . THR A 1 49  ? 14.523  2.372   16.315  1.00 58.69  ? 20  THR A OG1 1 
ATOM 361  C CG2 . THR A 1 49  ? 13.977  4.355   15.061  1.00 56.89  ? 20  THR A CG2 1 
ATOM 362  N N   . ARG A 1 50  ? 15.163  0.188   15.000  1.00 56.02  ? 21  ARG A N   1 
ATOM 363  C CA  . ARG A 1 50  ? 15.824  -1.069  15.327  1.00 55.95  ? 21  ARG A CA  1 
ATOM 364  C C   . ARG A 1 50  ? 16.133  -1.849  14.056  1.00 53.55  ? 21  ARG A C   1 
ATOM 365  O O   . ARG A 1 50  ? 17.077  -2.627  14.018  1.00 53.37  ? 21  ARG A O   1 
ATOM 366  C CB  . ARG A 1 50  ? 14.950  -1.906  16.257  1.00 59.83  ? 21  ARG A CB  1 
ATOM 367  C CG  . ARG A 1 50  ? 13.635  -2.339  15.635  1.00 66.39  ? 21  ARG A CG  1 
ATOM 368  C CD  . ARG A 1 50  ? 12.940  -3.334  16.525  1.00 70.05  ? 21  ARG A CD  1 
ATOM 369  N NE  . ARG A 1 50  ? 13.862  -4.393  16.934  1.00 74.03  ? 21  ARG A NE  1 
ATOM 370  C CZ  . ARG A 1 50  ? 13.600  -5.283  17.886  1.00 75.42  ? 21  ARG A CZ  1 
ATOM 371  N NH1 . ARG A 1 50  ? 12.438  -5.244  18.534  1.00 75.66  ? 21  ARG A NH1 1 
ATOM 372  N NH2 . ARG A 1 50  ? 14.499  -6.209  18.191  1.00 76.59  ? 21  ARG A NH2 1 
ATOM 373  N N   . LEU A 1 51  ? 15.337  -1.667  13.011  1.00 51.71  ? 22  LEU A N   1 
ATOM 374  C CA  . LEU A 1 51  ? 15.651  -2.364  11.773  1.00 50.49  ? 22  LEU A CA  1 
ATOM 375  C C   . LEU A 1 51  ? 16.899  -1.723  11.200  1.00 49.12  ? 22  LEU A C   1 
ATOM 376  O O   . LEU A 1 51  ? 17.770  -2.407  10.676  1.00 49.06  ? 22  LEU A O   1 
ATOM 377  C CB  . LEU A 1 51  ? 14.524  -2.264  10.752  1.00 49.69  ? 22  LEU A CB  1 
ATOM 378  C CG  . LEU A 1 51  ? 14.931  -2.810  9.376   1.00 47.09  ? 22  LEU A CG  1 
ATOM 379  C CD1 . LEU A 1 51  ? 15.514  -4.200  9.502   1.00 46.71  ? 22  LEU A CD1 1 
ATOM 380  C CD2 . LEU A 1 51  ? 13.725  -2.833  8.466   1.00 49.19  ? 22  LEU A CD2 1 
ATOM 381  N N   . ALA A 1 52  ? 16.977  -0.400  11.302  1.00 49.23  ? 23  ALA A N   1 
ATOM 382  C CA  . ALA A 1 52  ? 18.135  0.329   10.807  1.00 49.78  ? 23  ALA A CA  1 
ATOM 383  C C   . ALA A 1 52  ? 19.336  -0.178  11.595  1.00 51.07  ? 23  ALA A C   1 
ATOM 384  O O   . ALA A 1 52  ? 20.359  -0.557  11.016  1.00 51.21  ? 23  ALA A O   1 
ATOM 385  C CB  . ALA A 1 52  ? 17.947  1.823   11.019  1.00 47.32  ? 23  ALA A CB  1 
ATOM 386  N N   . ASP A 1 53  ? 19.201  -0.194  12.920  1.00 52.25  ? 24  ASP A N   1 
ATOM 387  C CA  . ASP A 1 53  ? 20.269  -0.681  13.783  1.00 54.79  ? 24  ASP A CA  1 
ATOM 388  C C   . ASP A 1 53  ? 20.710  -2.071  13.344  1.00 53.78  ? 24  ASP A C   1 
ATOM 389  O O   . ASP A 1 53  ? 21.894  -2.321  13.143  1.00 54.55  ? 24  ASP A O   1 
ATOM 390  C CB  . ASP A 1 53  ? 19.818  -0.742  15.253  1.00 57.42  ? 24  ASP A CB  1 
ATOM 391  C CG  . ASP A 1 53  ? 19.901  0.609   15.954  1.00 61.99  ? 24  ASP A CG  1 
ATOM 392  O OD1 . ASP A 1 53  ? 20.859  1.370   15.686  1.00 63.41  ? 24  ASP A OD1 1 
ATOM 393  O OD2 . ASP A 1 53  ? 19.018  0.906   16.792  1.00 64.53  ? 24  ASP A OD2 1 
ATOM 394  N N   . THR A 1 54  ? 19.752  -2.973  13.195  1.00 52.76  ? 25  THR A N   1 
ATOM 395  C CA  . THR A 1 54  ? 20.069  -4.325  12.789  1.00 53.63  ? 25  THR A CA  1 
ATOM 396  C C   . THR A 1 54  ? 20.754  -4.328  11.431  1.00 54.67  ? 25  THR A C   1 
ATOM 397  O O   . THR A 1 54  ? 21.736  -5.034  11.227  1.00 53.76  ? 25  THR A O   1 
ATOM 398  C CB  . THR A 1 54  ? 18.797  -5.209  12.750  1.00 54.14  ? 25  THR A CB  1 
ATOM 399  O OG1 . THR A 1 54  ? 18.187  -5.226  14.052  1.00 53.82  ? 25  THR A OG1 1 
ATOM 400  C CG2 . THR A 1 54  ? 19.151  -6.642  12.357  1.00 51.34  ? 25  THR A CG2 1 
ATOM 401  N N   . VAL A 1 55  ? 20.257  -3.535  10.493  1.00 57.34  ? 26  VAL A N   1 
ATOM 402  C CA  . VAL A 1 55  ? 20.896  -3.517  9.186   1.00 59.66  ? 26  VAL A CA  1 
ATOM 403  C C   . VAL A 1 55  ? 22.292  -2.932  9.299   1.00 61.63  ? 26  VAL A C   1 
ATOM 404  O O   . VAL A 1 55  ? 23.206  -3.338  8.577   1.00 62.81  ? 26  VAL A O   1 
ATOM 405  C CB  . VAL A 1 55  ? 20.093  -2.715  8.159   1.00 59.15  ? 26  VAL A CB  1 
ATOM 406  C CG1 . VAL A 1 55  ? 20.909  -2.577  6.882   1.00 59.16  ? 26  VAL A CG1 1 
ATOM 407  C CG2 . VAL A 1 55  ? 18.777  -3.433  7.852   1.00 58.34  ? 26  VAL A CG2 1 
ATOM 408  N N   . ARG A 1 56  ? 22.459  -1.973  10.201  1.00 63.09  ? 27  ARG A N   1 
ATOM 409  C CA  . ARG A 1 56  ? 23.765  -1.365  10.401  1.00 64.17  ? 27  ARG A CA  1 
ATOM 410  C C   . ARG A 1 56  ? 24.712  -2.451  10.905  1.00 63.94  ? 27  ARG A C   1 
ATOM 411  O O   . ARG A 1 56  ? 25.501  -3.006  10.139  1.00 63.77  ? 27  ARG A O   1 
ATOM 412  C CB  . ARG A 1 56  ? 23.679  -0.223  11.425  1.00 67.44  ? 27  ARG A CB  1 
ATOM 413  C CG  . ARG A 1 56  ? 23.303  1.146   10.846  1.00 70.17  ? 27  ARG A CG  1 
ATOM 414  C CD  . ARG A 1 56  ? 23.498  2.261   11.884  1.00 73.37  ? 27  ARG A CD  1 
ATOM 415  N NE  . ARG A 1 56  ? 23.588  3.586   11.264  1.00 77.26  ? 27  ARG A NE  1 
ATOM 416  C CZ  . ARG A 1 56  ? 23.855  4.719   11.918  1.00 78.90  ? 27  ARG A CZ  1 
ATOM 417  N NH1 . ARG A 1 56  ? 24.063  4.711   13.231  1.00 78.80  ? 27  ARG A NH1 1 
ATOM 418  N NH2 . ARG A 1 56  ? 23.915  5.872   11.256  1.00 78.94  ? 27  ARG A NH2 1 
ATOM 419  N N   . THR A 1 57  ? 24.610  -2.757  12.196  1.00 63.62  ? 28  THR A N   1 
ATOM 420  C CA  . THR A 1 57  ? 25.434  -3.772  12.844  1.00 63.12  ? 28  THR A CA  1 
ATOM 421  C C   . THR A 1 57  ? 25.506  -5.114  12.101  1.00 62.58  ? 28  THR A C   1 
ATOM 422  O O   . THR A 1 57  ? 26.415  -5.327  11.302  1.00 62.47  ? 28  THR A O   1 
ATOM 423  C CB  . THR A 1 57  ? 24.952  -4.010  14.299  1.00 63.42  ? 28  THR A CB  1 
ATOM 424  O OG1 . THR A 1 57  ? 23.540  -4.250  14.314  1.00 61.92  ? 28  THR A OG1 1 
ATOM 425  C CG2 . THR A 1 57  ? 25.238  -2.792  15.154  1.00 65.05  ? 28  THR A CG2 1 
ATOM 426  N N   . LYS A 1 58  ? 24.554  -6.010  12.356  1.00 62.68  ? 29  LYS A N   1 
ATOM 427  C CA  . LYS A 1 58  ? 24.531  -7.337  11.719  1.00 62.69  ? 29  LYS A CA  1 
ATOM 428  C C   . LYS A 1 58  ? 24.818  -7.388  10.219  1.00 62.11  ? 29  LYS A C   1 
ATOM 429  O O   . LYS A 1 58  ? 25.046  -8.468  9.673   1.00 63.09  ? 29  LYS A O   1 
ATOM 430  C CB  . LYS A 1 58  ? 23.193  -8.040  11.970  1.00 62.25  ? 29  LYS A CB  1 
ATOM 431  C CG  . LYS A 1 58  ? 22.893  -8.385  13.426  1.00 65.26  ? 29  LYS A CG  1 
ATOM 432  C CD  . LYS A 1 58  ? 23.939  -9.293  14.060  1.00 65.71  ? 29  LYS A CD  1 
ATOM 433  C CE  . LYS A 1 58  ? 25.074  -8.490  14.680  1.00 67.78  ? 29  LYS A CE  1 
ATOM 434  N NZ  . LYS A 1 58  ? 26.105  -9.378  15.298  1.00 69.55  ? 29  LYS A NZ  1 
ATOM 435  N N   . GLY A 1 59  ? 24.801  -6.241  9.548   1.00 60.58  ? 30  GLY A N   1 
ATOM 436  C CA  . GLY A 1 59  ? 25.064  -6.243  8.121   1.00 59.36  ? 30  GLY A CA  1 
ATOM 437  C C   . GLY A 1 59  ? 23.815  -6.100  7.273   1.00 58.92  ? 30  GLY A C   1 
ATOM 438  O O   . GLY A 1 59  ? 22.800  -5.591  7.729   1.00 59.52  ? 30  GLY A O   1 
ATOM 439  N N   . LEU A 1 60  ? 23.890  -6.561  6.032   1.00 59.72  ? 31  LEU A N   1 
ATOM 440  C CA  . LEU A 1 60  ? 22.770  -6.464  5.106   1.00 59.11  ? 31  LEU A CA  1 
ATOM 441  C C   . LEU A 1 60  ? 22.533  -7.827  4.477   1.00 59.52  ? 31  LEU A C   1 
ATOM 442  O O   . LEU A 1 60  ? 21.390  -8.252  4.308   1.00 59.08  ? 31  LEU A O   1 
ATOM 443  C CB  . LEU A 1 60  ? 23.093  -5.419  4.027   1.00 59.18  ? 31  LEU A CB  1 
ATOM 444  C CG  . LEU A 1 60  ? 22.006  -4.914  3.068   1.00 60.42  ? 31  LEU A CG  1 
ATOM 445  C CD1 . LEU A 1 60  ? 21.584  -6.033  2.117   1.00 61.20  ? 31  LEU A CD1 1 
ATOM 446  C CD2 . LEU A 1 60  ? 20.816  -4.377  3.866   1.00 59.51  ? 31  LEU A CD2 1 
ATOM 447  N N   . ARG A 1 61  ? 23.620  -8.504  4.117   1.00 60.37  ? 32  ARG A N   1 
ATOM 448  C CA  . ARG A 1 61  ? 23.515  -9.838  3.535   1.00 60.75  ? 32  ARG A CA  1 
ATOM 449  C C   . ARG A 1 61  ? 23.167  -10.785 4.676   1.00 58.44  ? 32  ARG A C   1 
ATOM 450  O O   . ARG A 1 61  ? 22.911  -11.969 4.464   1.00 59.36  ? 32  ARG A O   1 
ATOM 451  C CB  . ARG A 1 61  ? 24.844  -10.274 2.904   1.00 64.15  ? 32  ARG A CB  1 
ATOM 452  C CG  . ARG A 1 61  ? 25.108  -9.745  1.500   1.00 67.87  ? 32  ARG A CG  1 
ATOM 453  C CD  . ARG A 1 61  ? 26.378  -10.367 0.909   1.00 70.50  ? 32  ARG A CD  1 
ATOM 454  N NE  . ARG A 1 61  ? 26.353  -11.835 0.925   1.00 73.83  ? 32  ARG A NE  1 
ATOM 455  C CZ  . ARG A 1 61  ? 25.571  -12.595 0.157   1.00 74.53  ? 32  ARG A CZ  1 
ATOM 456  N NH1 . ARG A 1 61  ? 24.733  -12.039 -0.708  1.00 75.26  ? 32  ARG A NH1 1 
ATOM 457  N NH2 . ARG A 1 61  ? 25.623  -13.921 0.254   1.00 74.00  ? 32  ARG A NH2 1 
ATOM 458  N N   . SER A 1 62  ? 23.174  -10.241 5.890   1.00 54.74  ? 33  SER A N   1 
ATOM 459  C CA  . SER A 1 62  ? 22.865  -10.998 7.090   1.00 51.62  ? 33  SER A CA  1 
ATOM 460  C C   . SER A 1 62  ? 21.476  -11.619 7.063   1.00 51.20  ? 33  SER A C   1 
ATOM 461  O O   . SER A 1 62  ? 20.507  -10.990 6.633   1.00 52.05  ? 33  SER A O   1 
ATOM 462  C CB  . SER A 1 62  ? 22.966  -10.101 8.315   1.00 49.67  ? 33  SER A CB  1 
ATOM 463  O OG  . SER A 1 62  ? 22.373  -10.744 9.430   1.00 49.12  ? 33  SER A OG  1 
ATOM 464  N N   . PRO A 1 63  ? 21.359  -12.870 7.531   1.00 50.33  ? 34  PRO A N   1 
ATOM 465  C CA  . PRO A 1 63  ? 20.069  -13.568 7.561   1.00 47.19  ? 34  PRO A CA  1 
ATOM 466  C C   . PRO A 1 63  ? 19.137  -12.901 8.561   1.00 44.03  ? 34  PRO A C   1 
ATOM 467  O O   . PRO A 1 63  ? 17.924  -12.922 8.394   1.00 42.75  ? 34  PRO A O   1 
ATOM 468  C CB  . PRO A 1 63  ? 20.453  -14.984 7.991   1.00 49.10  ? 34  PRO A CB  1 
ATOM 469  C CG  . PRO A 1 63  ? 21.865  -15.124 7.481   1.00 49.92  ? 34  PRO A CG  1 
ATOM 470  C CD  . PRO A 1 63  ? 22.456  -13.794 7.869   1.00 49.87  ? 34  PRO A CD  1 
ATOM 471  N N   . ILE A 1 64  ? 19.719  -12.313 9.603   1.00 41.50  ? 35  ILE A N   1 
ATOM 472  C CA  . ILE A 1 64  ? 18.942  -11.640 10.633  1.00 40.42  ? 35  ILE A CA  1 
ATOM 473  C C   . ILE A 1 64  ? 18.200  -10.484 10.007  1.00 41.84  ? 35  ILE A C   1 
ATOM 474  O O   . ILE A 1 64  ? 17.026  -10.246 10.272  1.00 43.50  ? 35  ILE A O   1 
ATOM 475  C CB  . ILE A 1 64  ? 19.838  -11.061 11.742  1.00 40.11  ? 35  ILE A CB  1 
ATOM 476  C CG1 . ILE A 1 64  ? 20.718  -12.170 12.332  1.00 39.95  ? 35  ILE A CG1 1 
ATOM 477  C CG2 . ILE A 1 64  ? 18.961  -10.378 12.809  1.00 36.96  ? 35  ILE A CG2 1 
ATOM 478  C CD1 . ILE A 1 64  ? 21.602  -11.717 13.472  1.00 39.99  ? 35  ILE A CD1 1 
ATOM 479  N N   . THR A 1 65  ? 18.910  -9.736  9.184   1.00 42.81  ? 36  THR A N   1 
ATOM 480  C CA  . THR A 1 65  ? 18.311  -8.610  8.521   1.00 41.96  ? 36  THR A CA  1 
ATOM 481  C C   . THR A 1 65  ? 17.178  -9.113  7.640   1.00 40.90  ? 36  THR A C   1 
ATOM 482  O O   . THR A 1 65  ? 16.051  -8.627  7.733   1.00 39.68  ? 36  THR A O   1 
ATOM 483  C CB  . THR A 1 65  ? 19.382  -7.870  7.712   1.00 44.42  ? 36  THR A CB  1 
ATOM 484  O OG1 . THR A 1 65  ? 20.205  -7.131  8.629   1.00 44.61  ? 36  THR A OG1 1 
ATOM 485  C CG2 . THR A 1 65  ? 18.752  -6.931  6.657   1.00 44.11  ? 36  THR A CG2 1 
ATOM 486  N N   . MET A 1 66  ? 17.469  -10.102 6.804   1.00 39.20  ? 37  MET A N   1 
ATOM 487  C CA  . MET A 1 66  ? 16.453  -10.657 5.926   1.00 39.98  ? 37  MET A CA  1 
ATOM 488  C C   . MET A 1 66  ? 15.242  -11.094 6.754   1.00 41.62  ? 37  MET A C   1 
ATOM 489  O O   . MET A 1 66  ? 14.091  -10.827 6.399   1.00 42.30  ? 37  MET A O   1 
ATOM 490  C CB  . MET A 1 66  ? 17.026  -11.846 5.172   1.00 40.93  ? 37  MET A CB  1 
ATOM 491  C CG  . MET A 1 66  ? 16.166  -12.340 4.042   1.00 44.49  ? 37  MET A CG  1 
ATOM 492  S SD  . MET A 1 66  ? 16.054  -11.107 2.755   1.00 51.33  ? 37  MET A SD  1 
ATOM 493  C CE  . MET A 1 66  ? 14.468  -10.381 3.170   1.00 51.08  ? 37  MET A CE  1 
ATOM 494  N N   . ALA A 1 67  ? 15.508  -11.759 7.873   1.00 42.49  ? 38  ALA A N   1 
ATOM 495  C CA  . ALA A 1 67  ? 14.448  -12.223 8.746   1.00 41.91  ? 38  ALA A CA  1 
ATOM 496  C C   . ALA A 1 67  ? 13.608  -11.060 9.255   1.00 43.25  ? 38  ALA A C   1 
ATOM 497  O O   . ALA A 1 67  ? 12.378  -11.078 9.145   1.00 45.10  ? 38  ALA A O   1 
ATOM 498  C CB  . ALA A 1 67  ? 15.035  -12.977 9.909   1.00 39.71  ? 38  ALA A CB  1 
ATOM 499  N N   . GLU A 1 68  ? 14.274  -10.046 9.796   1.00 43.33  ? 39  GLU A N   1 
ATOM 500  C CA  . GLU A 1 68  ? 13.587  -8.888  10.347  1.00 43.95  ? 39  GLU A CA  1 
ATOM 501  C C   . GLU A 1 68  ? 12.854  -8.034  9.293   1.00 43.22  ? 39  GLU A C   1 
ATOM 502  O O   . GLU A 1 68  ? 11.816  -7.441  9.598   1.00 44.62  ? 39  GLU A O   1 
ATOM 503  C CB  . GLU A 1 68  ? 14.583  -8.048  11.151  1.00 47.41  ? 39  GLU A CB  1 
ATOM 504  C CG  . GLU A 1 68  ? 14.021  -7.454  12.448  1.00 53.61  ? 39  GLU A CG  1 
ATOM 505  C CD  . GLU A 1 68  ? 14.960  -6.410  13.072  1.00 57.29  ? 39  GLU A CD  1 
ATOM 506  O OE1 . GLU A 1 68  ? 14.502  -5.578  13.900  1.00 58.39  ? 39  GLU A OE1 1 
ATOM 507  O OE2 . GLU A 1 68  ? 16.164  -6.429  12.733  1.00 58.87  ? 39  GLU A OE2 1 
ATOM 508  N N   . VAL A 1 69  ? 13.368  -7.978  8.062   1.00 41.27  ? 40  VAL A N   1 
ATOM 509  C CA  . VAL A 1 69  ? 12.709  -7.206  6.999   1.00 38.79  ? 40  VAL A CA  1 
ATOM 510  C C   . VAL A 1 69  ? 11.503  -7.990  6.529   1.00 38.71  ? 40  VAL A C   1 
ATOM 511  O O   . VAL A 1 69  ? 10.401  -7.459  6.413   1.00 37.42  ? 40  VAL A O   1 
ATOM 512  C CB  . VAL A 1 69  ? 13.630  -6.967  5.756   1.00 38.76  ? 40  VAL A CB  1 
ATOM 513  C CG1 . VAL A 1 69  ? 12.830  -6.324  4.640   1.00 35.08  ? 40  VAL A CG1 1 
ATOM 514  C CG2 . VAL A 1 69  ? 14.815  -6.061  6.123   1.00 37.88  ? 40  VAL A CG2 1 
ATOM 515  N N   . GLU A 1 70  ? 11.734  -9.264  6.231   1.00 40.31  ? 41  GLU A N   1 
ATOM 516  C CA  . GLU A 1 70  ? 10.665  -10.159 5.793   1.00 40.76  ? 41  GLU A CA  1 
ATOM 517  C C   . GLU A 1 70  ? 9.435   -9.931  6.656   1.00 39.70  ? 41  GLU A C   1 
ATOM 518  O O   . GLU A 1 70  ? 8.367   -9.593  6.162   1.00 40.68  ? 41  GLU A O   1 
ATOM 519  C CB  . GLU A 1 70  ? 11.080  -11.617 5.970   1.00 42.79  ? 41  GLU A CB  1 
ATOM 520  C CG  . GLU A 1 70  ? 11.619  -12.325 4.758   1.00 45.17  ? 41  GLU A CG  1 
ATOM 521  C CD  . GLU A 1 70  ? 11.543  -13.826 4.943   1.00 47.57  ? 41  GLU A CD  1 
ATOM 522  O OE1 . GLU A 1 70  ? 10.406  -14.340 5.053   1.00 47.38  ? 41  GLU A OE1 1 
ATOM 523  O OE2 . GLU A 1 70  ? 12.604  -14.493 4.990   1.00 49.48  ? 41  GLU A OE2 1 
ATOM 524  N N   . ALA A 1 71  ? 9.606   -10.128 7.959   1.00 38.86  ? 42  ALA A N   1 
ATOM 525  C CA  . ALA A 1 71  ? 8.512   -9.974  8.908   1.00 38.60  ? 42  ALA A CA  1 
ATOM 526  C C   . ALA A 1 71  ? 7.824   -8.613  8.810   1.00 38.06  ? 42  ALA A C   1 
ATOM 527  O O   . ALA A 1 71  ? 6.597   -8.533  8.773   1.00 38.26  ? 42  ALA A O   1 
ATOM 528  C CB  . ALA A 1 71  ? 9.023   -10.198 10.328  1.00 37.29  ? 42  ALA A CB  1 
ATOM 529  N N   . LEU A 1 72  ? 8.623   -7.555  8.773   1.00 36.69  ? 43  LEU A N   1 
ATOM 530  C CA  . LEU A 1 72  ? 8.105   -6.200  8.703   1.00 37.04  ? 43  LEU A CA  1 
ATOM 531  C C   . LEU A 1 72  ? 7.377   -5.897  7.397   1.00 37.87  ? 43  LEU A C   1 
ATOM 532  O O   . LEU A 1 72  ? 6.641   -4.921  7.300   1.00 37.10  ? 43  LEU A O   1 
ATOM 533  C CB  . LEU A 1 72  ? 9.251   -5.209  8.888   1.00 37.43  ? 43  LEU A CB  1 
ATOM 534  C CG  . LEU A 1 72  ? 8.845   -3.748  9.040   1.00 38.97  ? 43  LEU A CG  1 
ATOM 535  C CD1 . LEU A 1 72  ? 7.830   -3.642  10.173  1.00 38.57  ? 43  LEU A CD1 1 
ATOM 536  C CD2 . LEU A 1 72  ? 10.065  -2.883  9.326   1.00 37.58  ? 43  LEU A CD2 1 
ATOM 537  N N   . MET A 1 73  ? 7.579   -6.737  6.394   1.00 39.05  ? 44  MET A N   1 
ATOM 538  C CA  . MET A 1 73  ? 6.956   -6.522  5.103   1.00 39.52  ? 44  MET A CA  1 
ATOM 539  C C   . MET A 1 73  ? 6.017   -7.639  4.764   1.00 40.30  ? 44  MET A C   1 
ATOM 540  O O   . MET A 1 73  ? 5.958   -8.103  3.626   1.00 39.68  ? 44  MET A O   1 
ATOM 541  C CB  . MET A 1 73  ? 8.022   -6.401  4.027   1.00 41.15  ? 44  MET A CB  1 
ATOM 542  C CG  . MET A 1 73  ? 8.899   -5.184  4.206   1.00 43.51  ? 44  MET A CG  1 
ATOM 543  S SD  . MET A 1 73  ? 9.838   -4.869  2.734   1.00 47.75  ? 44  MET A SD  1 
ATOM 544  C CE  . MET A 1 73  ? 8.499   -4.529  1.582   1.00 47.12  ? 44  MET A CE  1 
ATOM 545  N N   . SER A 1 74  ? 5.274   -8.061  5.775   1.00 41.53  ? 45  SER A N   1 
ATOM 546  C CA  . SER A 1 74  ? 4.309   -9.136  5.636   1.00 42.02  ? 45  SER A CA  1 
ATOM 547  C C   . SER A 1 74  ? 2.934   -8.514  5.505   1.00 41.14  ? 45  SER A C   1 
ATOM 548  O O   . SER A 1 74  ? 1.978   -9.163  5.098   1.00 43.81  ? 45  SER A O   1 
ATOM 549  C CB  . SER A 1 74  ? 4.374   -10.034 6.869   1.00 42.63  ? 45  SER A CB  1 
ATOM 550  O OG  . SER A 1 74  ? 4.412   -9.244  8.052   1.00 42.89  ? 45  SER A OG  1 
ATOM 551  N N   . SER A 1 75  ? 2.839   -7.245  5.855   1.00 40.71  ? 46  SER A N   1 
ATOM 552  C CA  . SER A 1 75  ? 1.573   -6.539  5.765   1.00 42.80  ? 46  SER A CA  1 
ATOM 553  C C   . SER A 1 75  ? 1.662   -5.542  4.623   1.00 41.16  ? 46  SER A C   1 
ATOM 554  O O   . SER A 1 75  ? 2.734   -5.029  4.327   1.00 40.83  ? 46  SER A O   1 
ATOM 555  C CB  . SER A 1 75  ? 1.277   -5.822  7.087   1.00 46.00  ? 46  SER A CB  1 
ATOM 556  O OG  . SER A 1 75  ? 1.348   -6.737  8.180   1.00 51.11  ? 46  SER A OG  1 
ATOM 557  N N   . PRO A 1 76  ? 0.538   -5.277  3.945   1.00 40.69  ? 47  PRO A N   1 
ATOM 558  C CA  . PRO A 1 76  ? 0.567   -4.324  2.835   1.00 38.27  ? 47  PRO A CA  1 
ATOM 559  C C   . PRO A 1 76  ? 1.024   -2.938  3.261   1.00 36.48  ? 47  PRO A C   1 
ATOM 560  O O   . PRO A 1 76  ? 0.683   -2.445  4.334   1.00 34.82  ? 47  PRO A O   1 
ATOM 561  C CB  . PRO A 1 76  ? -0.867  -4.357  2.324   1.00 40.44  ? 47  PRO A CB  1 
ATOM 562  C CG  . PRO A 1 76  ? -1.236  -5.810  2.539   1.00 39.46  ? 47  PRO A CG  1 
ATOM 563  C CD  . PRO A 1 76  ? -0.731  -6.028  3.950   1.00 41.28  ? 47  PRO A CD  1 
ATOM 564  N N   . LEU A 1 77  ? 1.823   -2.326  2.403   1.00 35.75  ? 48  LEU A N   1 
ATOM 565  C CA  . LEU A 1 77  ? 2.353   -1.007  2.656   1.00 35.26  ? 48  LEU A CA  1 
ATOM 566  C C   . LEU A 1 77  ? 2.096   -0.111  1.453   1.00 34.75  ? 48  LEU A C   1 
ATOM 567  O O   . LEU A 1 77  ? 1.905   -0.599  0.335   1.00 34.80  ? 48  LEU A O   1 
ATOM 568  C CB  . LEU A 1 77  ? 3.859   -1.100  2.926   1.00 35.83  ? 48  LEU A CB  1 
ATOM 569  C CG  . LEU A 1 77  ? 4.276   -1.827  4.210   1.00 36.82  ? 48  LEU A CG  1 
ATOM 570  C CD1 . LEU A 1 77  ? 5.788   -1.895  4.323   1.00 40.40  ? 48  LEU A CD1 1 
ATOM 571  C CD2 . LEU A 1 77  ? 3.731   -1.092  5.397   1.00 38.28  ? 48  LEU A CD2 1 
ATOM 572  N N   . LEU A 1 78  ? 2.074   1.197   1.694   1.00 33.40  ? 49  LEU A N   1 
ATOM 573  C CA  . LEU A 1 78  ? 1.882   2.173   0.629   1.00 31.53  ? 49  LEU A CA  1 
ATOM 574  C C   . LEU A 1 78  ? 3.235   2.397   -0.051  1.00 30.27  ? 49  LEU A C   1 
ATOM 575  O O   . LEU A 1 78  ? 4.286   2.222   0.563   1.00 31.16  ? 49  LEU A O   1 
ATOM 576  C CB  . LEU A 1 78  ? 1.361   3.493   1.212   1.00 30.53  ? 49  LEU A CB  1 
ATOM 577  C CG  . LEU A 1 78  ? 0.019   3.469   1.955   1.00 28.06  ? 49  LEU A CG  1 
ATOM 578  C CD1 . LEU A 1 78  ? -0.211  4.813   2.650   1.00 24.56  ? 49  LEU A CD1 1 
ATOM 579  C CD2 . LEU A 1 78  ? -1.112  3.152   0.982   1.00 26.06  ? 49  LEU A CD2 1 
ATOM 580  N N   . PRO A 1 79  ? 3.227   2.770   -1.337  1.00 30.78  ? 50  PRO A N   1 
ATOM 581  C CA  . PRO A 1 79  ? 4.472   3.013   -2.079  1.00 29.95  ? 50  PRO A CA  1 
ATOM 582  C C   . PRO A 1 79  ? 5.392   3.947   -1.305  1.00 29.31  ? 50  PRO A C   1 
ATOM 583  O O   . PRO A 1 79  ? 6.621   3.789   -1.300  1.00 31.15  ? 50  PRO A O   1 
ATOM 584  C CB  . PRO A 1 79  ? 3.987   3.669   -3.371  1.00 29.02  ? 50  PRO A CB  1 
ATOM 585  C CG  . PRO A 1 79  ? 2.628   3.074   -3.568  1.00 29.71  ? 50  PRO A CG  1 
ATOM 586  C CD  . PRO A 1 79  ? 2.045   3.064   -2.170  1.00 31.30  ? 50  PRO A CD  1 
ATOM 587  N N   . HIS A 1 80  ? 4.780   4.924   -0.648  1.00 28.56  ? 51  HIS A N   1 
ATOM 588  C CA  . HIS A 1 80  ? 5.512   5.919   0.117   1.00 27.58  ? 51  HIS A CA  1 
ATOM 589  C C   . HIS A 1 80  ? 6.298   5.268   1.214   1.00 27.69  ? 51  HIS A C   1 
ATOM 590  O O   . HIS A 1 80  ? 7.445   5.612   1.463   1.00 29.89  ? 51  HIS A O   1 
ATOM 591  C CB  . HIS A 1 80  ? 4.546   6.930   0.726   1.00 28.85  ? 51  HIS A CB  1 
ATOM 592  C CG  . HIS A 1 80  ? 5.232   8.062   1.426   1.00 33.70  ? 51  HIS A CG  1 
ATOM 593  N ND1 . HIS A 1 80  ? 5.966   9.016   0.753   1.00 35.63  ? 51  HIS A ND1 1 
ATOM 594  C CD2 . HIS A 1 80  ? 5.337   8.366   2.742   1.00 32.97  ? 51  HIS A CD2 1 
ATOM 595  C CE1 . HIS A 1 80  ? 6.495   9.856   1.625   1.00 35.54  ? 51  HIS A CE1 1 
ATOM 596  N NE2 . HIS A 1 80  ? 6.129   9.483   2.838   1.00 34.14  ? 51  HIS A NE2 1 
ATOM 597  N N   . ASP A 1 81  ? 5.655   4.313   1.873   1.00 29.14  ? 52  ASP A N   1 
ATOM 598  C CA  . ASP A 1 81  ? 6.250   3.600   2.975   1.00 28.09  ? 52  ASP A CA  1 
ATOM 599  C C   . ASP A 1 81  ? 7.362   2.665   2.562   1.00 29.11  ? 52  ASP A C   1 
ATOM 600  O O   . ASP A 1 81  ? 8.431   2.682   3.169   1.00 30.25  ? 52  ASP A O   1 
ATOM 601  C CB  . ASP A 1 81  ? 5.175   2.823   3.720   1.00 29.59  ? 52  ASP A CB  1 
ATOM 602  C CG  . ASP A 1 81  ? 4.334   3.708   4.626   1.00 30.67  ? 52  ASP A CG  1 
ATOM 603  O OD1 . ASP A 1 81  ? 4.668   4.911   4.790   1.00 24.33  ? 52  ASP A OD1 1 
ATOM 604  O OD2 . ASP A 1 81  ? 3.338   3.175   5.180   1.00 34.43  ? 52  ASP A OD2 1 
ATOM 605  N N   . VAL A 1 82  ? 7.130   1.845   1.542   1.00 29.88  ? 53  VAL A N   1 
ATOM 606  C CA  . VAL A 1 82  ? 8.172   0.921   1.120   1.00 33.33  ? 53  VAL A CA  1 
ATOM 607  C C   . VAL A 1 82  ? 9.383   1.761   0.770   1.00 32.91  ? 53  VAL A C   1 
ATOM 608  O O   . VAL A 1 82  ? 10.459  1.580   1.333   1.00 35.04  ? 53  VAL A O   1 
ATOM 609  C CB  . VAL A 1 82  ? 7.740   0.070   -0.099  1.00 36.31  ? 53  VAL A CB  1 
ATOM 610  C CG1 . VAL A 1 82  ? 6.446   -0.658  0.217   1.00 37.99  ? 53  VAL A CG1 1 
ATOM 611  C CG2 . VAL A 1 82  ? 7.545   0.948   -1.320  1.00 40.39  ? 53  VAL A CG2 1 
ATOM 612  N N   . THR A 1 83  ? 9.177   2.699   -0.144  1.00 31.57  ? 54  THR A N   1 
ATOM 613  C CA  . THR A 1 83  ? 10.203  3.621   -0.594  1.00 30.10  ? 54  THR A CA  1 
ATOM 614  C C   . THR A 1 83  ? 10.995  4.202   0.557   1.00 28.08  ? 54  THR A C   1 
ATOM 615  O O   . THR A 1 83  ? 12.212  4.128   0.582   1.00 28.10  ? 54  THR A O   1 
ATOM 616  C CB  . THR A 1 83  ? 9.562   4.785   -1.355  1.00 32.32  ? 54  THR A CB  1 
ATOM 617  O OG1 . THR A 1 83  ? 9.351   4.394   -2.713  1.00 31.73  ? 54  THR A OG1 1 
ATOM 618  C CG2 . THR A 1 83  ? 10.447  6.049   -1.276  1.00 34.14  ? 54  THR A CG2 1 
ATOM 619  N N   . ASN A 1 84  ? 10.316  4.815   1.508   1.00 27.50  ? 55  ASN A N   1 
ATOM 620  C CA  . ASN A 1 84  ? 11.053  5.384   2.617   1.00 31.48  ? 55  ASN A CA  1 
ATOM 621  C C   . ASN A 1 84  ? 11.757  4.324   3.446   1.00 31.63  ? 55  ASN A C   1 
ATOM 622  O O   . ASN A 1 84  ? 12.901  4.513   3.861   1.00 30.61  ? 55  ASN A O   1 
ATOM 623  C CB  . ASN A 1 84  ? 10.137  6.225   3.509   1.00 32.46  ? 55  ASN A CB  1 
ATOM 624  C CG  . ASN A 1 84  ? 10.060  7.653   3.056   1.00 32.11  ? 55  ASN A CG  1 
ATOM 625  O OD1 . ASN A 1 84  ? 10.958  8.142   2.368   1.00 34.68  ? 55  ASN A OD1 1 
ATOM 626  N ND2 . ASN A 1 84  ? 9.001   8.341   3.442   1.00 33.65  ? 55  ASN A ND2 1 
ATOM 627  N N   . LEU A 1 85  ? 11.076  3.208   3.685   1.00 32.15  ? 56  LEU A N   1 
ATOM 628  C CA  . LEU A 1 85  ? 11.670  2.146   4.467   1.00 34.12  ? 56  LEU A CA  1 
ATOM 629  C C   . LEU A 1 85  ? 12.999  1.760   3.849   1.00 35.23  ? 56  LEU A C   1 
ATOM 630  O O   . LEU A 1 85  ? 14.017  1.703   4.517   1.00 35.16  ? 56  LEU A O   1 
ATOM 631  C CB  . LEU A 1 85  ? 10.755  0.931   4.498   1.00 35.63  ? 56  LEU A CB  1 
ATOM 632  C CG  . LEU A 1 85  ? 11.396  -0.258  5.213   1.00 35.60  ? 56  LEU A CG  1 
ATOM 633  C CD1 . LEU A 1 85  ? 11.578  0.088   6.674   1.00 34.73  ? 56  LEU A CD1 1 
ATOM 634  C CD2 . LEU A 1 85  ? 10.544  -1.500  5.033   1.00 33.75  ? 56  LEU A CD2 1 
ATOM 635  N N   . MET A 1 86  ? 12.980  1.495   2.553   1.00 37.81  ? 57  MET A N   1 
ATOM 636  C CA  . MET A 1 86  ? 14.178  1.114   1.844   1.00 39.35  ? 57  MET A CA  1 
ATOM 637  C C   . MET A 1 86  ? 15.222  2.221   1.830   1.00 40.99  ? 57  MET A C   1 
ATOM 638  O O   . MET A 1 86  ? 16.399  1.975   2.064   1.00 42.79  ? 57  MET A O   1 
ATOM 639  C CB  . MET A 1 86  ? 13.805  0.721   0.431   1.00 40.42  ? 57  MET A CB  1 
ATOM 640  C CG  . MET A 1 86  ? 12.950  -0.522  0.375   1.00 43.28  ? 57  MET A CG  1 
ATOM 641  S SD  . MET A 1 86  ? 13.827  -1.946  1.066   1.00 48.72  ? 57  MET A SD  1 
ATOM 642  C CE  . MET A 1 86  ? 12.645  -2.523  2.305   1.00 49.95  ? 57  MET A CE  1 
ATOM 643  N N   . ARG A 1 87  ? 14.807  3.446   1.563   1.00 42.32  ? 58  ARG A N   1 
ATOM 644  C CA  . ARG A 1 87  ? 15.765  4.539   1.524   1.00 43.85  ? 58  ARG A CA  1 
ATOM 645  C C   . ARG A 1 87  ? 16.546  4.573   2.833   1.00 44.00  ? 58  ARG A C   1 
ATOM 646  O O   . ARG A 1 87  ? 17.699  4.976   2.872   1.00 44.54  ? 58  ARG A O   1 
ATOM 647  C CB  . ARG A 1 87  ? 15.049  5.877   1.312   1.00 45.00  ? 58  ARG A CB  1 
ATOM 648  C CG  . ARG A 1 87  ? 15.927  6.948   0.713   1.00 47.60  ? 58  ARG A CG  1 
ATOM 649  C CD  . ARG A 1 87  ? 15.317  8.333   0.860   1.00 53.58  ? 58  ARG A CD  1 
ATOM 650  N NE  . ARG A 1 87  ? 15.752  9.235   -0.206  1.00 55.43  ? 58  ARG A NE  1 
ATOM 651  C CZ  . ARG A 1 87  ? 15.163  9.319   -1.395  1.00 56.53  ? 58  ARG A CZ  1 
ATOM 652  N NH1 . ARG A 1 87  ? 14.104  8.566   -1.672  1.00 57.74  ? 58  ARG A NH1 1 
ATOM 653  N NH2 . ARG A 1 87  ? 15.647  10.138  -2.317  1.00 57.63  ? 58  ARG A NH2 1 
ATOM 654  N N   . VAL A 1 88  ? 15.921  4.126   3.911   1.00 45.89  ? 59  VAL A N   1 
ATOM 655  C CA  . VAL A 1 88  ? 16.584  4.141   5.208   1.00 45.37  ? 59  VAL A CA  1 
ATOM 656  C C   . VAL A 1 88  ? 17.493  2.945   5.473   1.00 46.28  ? 59  VAL A C   1 
ATOM 657  O O   . VAL A 1 88  ? 18.602  3.108   5.949   1.00 45.89  ? 59  VAL A O   1 
ATOM 658  C CB  . VAL A 1 88  ? 15.570  4.219   6.337   1.00 44.50  ? 59  VAL A CB  1 
ATOM 659  C CG1 . VAL A 1 88  ? 16.296  4.439   7.647   1.00 45.83  ? 59  VAL A CG1 1 
ATOM 660  C CG2 . VAL A 1 88  ? 14.575  5.345   6.067   1.00 43.16  ? 59  VAL A CG2 1 
ATOM 661  N N   . ILE A 1 89  ? 17.035  1.743   5.152   1.00 48.28  ? 60  ILE A N   1 
ATOM 662  C CA  . ILE A 1 89  ? 17.841  0.553   5.400   1.00 49.67  ? 60  ILE A CA  1 
ATOM 663  C C   . ILE A 1 89  ? 18.920  0.318   4.357   1.00 51.40  ? 60  ILE A C   1 
ATOM 664  O O   . ILE A 1 89  ? 20.052  -0.006  4.708   1.00 53.61  ? 60  ILE A O   1 
ATOM 665  C CB  . ILE A 1 89  ? 16.960  -0.722  5.484   1.00 48.99  ? 60  ILE A CB  1 
ATOM 666  C CG1 . ILE A 1 89  ? 16.189  -0.907  4.180   1.00 47.71  ? 60  ILE A CG1 1 
ATOM 667  C CG2 . ILE A 1 89  ? 15.994  -0.620  6.662   1.00 46.49  ? 60  ILE A CG2 1 
ATOM 668  C CD1 . ILE A 1 89  ? 15.395  -2.178  4.125   1.00 48.01  ? 60  ILE A CD1 1 
ATOM 669  N N   . LEU A 1 90  ? 18.565  0.491   3.083   1.00 52.13  ? 61  LEU A N   1 
ATOM 670  C CA  . LEU A 1 90  ? 19.479  0.278   1.961   1.00 51.73  ? 61  LEU A CA  1 
ATOM 671  C C   . LEU A 1 90  ? 20.613  1.273   1.761   1.00 53.11  ? 61  LEU A C   1 
ATOM 672  O O   . LEU A 1 90  ? 21.696  0.893   1.321   1.00 55.87  ? 61  LEU A O   1 
ATOM 673  C CB  . LEU A 1 90  ? 18.697  0.211   0.656   1.00 49.95  ? 61  LEU A CB  1 
ATOM 674  C CG  . LEU A 1 90  ? 17.790  -0.998  0.465   1.00 52.07  ? 61  LEU A CG  1 
ATOM 675  C CD1 . LEU A 1 90  ? 17.136  -0.902  -0.898  1.00 50.93  ? 61  LEU A CD1 1 
ATOM 676  C CD2 . LEU A 1 90  ? 18.589  -2.289  0.584   1.00 50.27  ? 61  LEU A CD2 1 
ATOM 677  N N   . GLY A 1 91  ? 20.377  2.544   2.055   1.00 54.00  ? 62  GLY A N   1 
ATOM 678  C CA  . GLY A 1 91  ? 21.421  3.526   1.837   1.00 54.50  ? 62  GLY A CA  1 
ATOM 679  C C   . GLY A 1 91  ? 21.372  4.015   0.396   1.00 55.22  ? 62  GLY A C   1 
ATOM 680  O O   . GLY A 1 91  ? 20.847  3.316   -0.477  1.00 54.68  ? 62  GLY A O   1 
ATOM 681  N N   . PRO A 1 92  ? 21.954  5.193   0.105   1.00 56.38  ? 63  PRO A N   1 
ATOM 682  C CA  . PRO A 1 92  ? 21.982  5.811   -1.226  1.00 55.79  ? 63  PRO A CA  1 
ATOM 683  C C   . PRO A 1 92  ? 22.282  4.890   -2.400  1.00 55.60  ? 63  PRO A C   1 
ATOM 684  O O   . PRO A 1 92  ? 21.492  4.788   -3.338  1.00 54.97  ? 63  PRO A O   1 
ATOM 685  C CB  . PRO A 1 92  ? 23.038  6.906   -1.076  1.00 56.09  ? 63  PRO A CB  1 
ATOM 686  C CG  . PRO A 1 92  ? 22.944  7.279   0.380   1.00 55.51  ? 63  PRO A CG  1 
ATOM 687  C CD  . PRO A 1 92  ? 22.861  5.916   1.021   1.00 57.43  ? 63  PRO A CD  1 
ATOM 688  N N   . ALA A 1 93  ? 23.422  4.211   -2.334  1.00 56.13  ? 64  ALA A N   1 
ATOM 689  C CA  . ALA A 1 93  ? 23.863  3.327   -3.405  1.00 55.01  ? 64  ALA A CA  1 
ATOM 690  C C   . ALA A 1 93  ? 22.954  2.145   -3.789  1.00 55.31  ? 64  ALA A C   1 
ATOM 691  O O   . ALA A 1 93  ? 22.443  2.091   -4.916  1.00 54.40  ? 64  ALA A O   1 
ATOM 692  C CB  . ALA A 1 93  ? 25.273  2.826   -3.087  1.00 53.85  ? 64  ALA A CB  1 
ATOM 693  N N   . PRO A 1 94  ? 22.731  1.190   -2.860  1.00 55.64  ? 65  PRO A N   1 
ATOM 694  C CA  . PRO A 1 94  ? 21.886  0.015   -3.137  1.00 55.31  ? 65  PRO A CA  1 
ATOM 695  C C   . PRO A 1 94  ? 20.416  0.374   -3.392  1.00 55.00  ? 65  PRO A C   1 
ATOM 696  O O   . PRO A 1 94  ? 19.722  -0.290  -4.171  1.00 54.19  ? 65  PRO A O   1 
ATOM 697  C CB  . PRO A 1 94  ? 22.056  -0.848  -1.882  1.00 55.80  ? 65  PRO A CB  1 
ATOM 698  C CG  . PRO A 1 94  ? 23.265  -0.251  -1.162  1.00 55.97  ? 65  PRO A CG  1 
ATOM 699  C CD  . PRO A 1 94  ? 23.118  1.213   -1.440  1.00 55.33  ? 65  PRO A CD  1 
ATOM 700  N N   . TYR A 1 95  ? 19.944  1.418   -2.721  1.00 53.07  ? 66  TYR A N   1 
ATOM 701  C CA  . TYR A 1 95  ? 18.574  1.865   -2.907  1.00 51.08  ? 66  TYR A CA  1 
ATOM 702  C C   . TYR A 1 95  ? 18.280  1.950   -4.407  1.00 50.46  ? 66  TYR A C   1 
ATOM 703  O O   . TYR A 1 95  ? 17.192  1.586   -4.873  1.00 46.57  ? 66  TYR A O   1 
ATOM 704  C CB  . TYR A 1 95  ? 18.377  3.233   -2.252  1.00 50.04  ? 66  TYR A CB  1 
ATOM 705  C CG  . TYR A 1 95  ? 16.994  3.778   -2.437  1.00 50.46  ? 66  TYR A CG  1 
ATOM 706  C CD1 . TYR A 1 95  ? 15.884  3.055   -2.022  1.00 51.08  ? 66  TYR A CD1 1 
ATOM 707  C CD2 . TYR A 1 95  ? 16.784  5.011   -3.059  1.00 52.60  ? 66  TYR A CD2 1 
ATOM 708  C CE1 . TYR A 1 95  ? 14.593  3.539   -2.222  1.00 52.47  ? 66  TYR A CE1 1 
ATOM 709  C CE2 . TYR A 1 95  ? 15.492  5.507   -3.266  1.00 51.70  ? 66  TYR A CE2 1 
ATOM 710  C CZ  . TYR A 1 95  ? 14.403  4.763   -2.844  1.00 51.90  ? 66  TYR A CZ  1 
ATOM 711  O OH  . TYR A 1 95  ? 13.121  5.235   -3.036  1.00 53.88  ? 66  TYR A OH  1 
ATOM 712  N N   . ALA A 1 96  ? 19.269  2.425   -5.162  1.00 50.40  ? 67  ALA A N   1 
ATOM 713  C CA  . ALA A 1 96  ? 19.116  2.556   -6.602  1.00 51.05  ? 67  ALA A CA  1 
ATOM 714  C C   . ALA A 1 96  ? 18.886  1.173   -7.186  1.00 51.43  ? 67  ALA A C   1 
ATOM 715  O O   . ALA A 1 96  ? 17.928  0.956   -7.940  1.00 52.15  ? 67  ALA A O   1 
ATOM 716  C CB  . ALA A 1 96  ? 20.353  3.197   -7.210  1.00 52.59  ? 67  ALA A CB  1 
ATOM 717  N N   . LEU A 1 97  ? 19.759  0.231   -6.840  1.00 50.64  ? 68  LEU A N   1 
ATOM 718  C CA  . LEU A 1 97  ? 19.586  -1.128  -7.338  1.00 49.81  ? 68  LEU A CA  1 
ATOM 719  C C   . LEU A 1 97  ? 18.160  -1.556  -7.019  1.00 49.41  ? 68  LEU A C   1 
ATOM 720  O O   . LEU A 1 97  ? 17.407  -1.944  -7.907  1.00 49.59  ? 68  LEU A O   1 
ATOM 721  C CB  . LEU A 1 97  ? 20.581  -2.088  -6.674  1.00 50.20  ? 68  LEU A CB  1 
ATOM 722  C CG  . LEU A 1 97  ? 22.008  -2.198  -7.240  1.00 49.28  ? 68  LEU A CG  1 
ATOM 723  C CD1 . LEU A 1 97  ? 22.698  -0.843  -7.255  1.00 49.11  ? 68  LEU A CD1 1 
ATOM 724  C CD2 . LEU A 1 97  ? 22.793  -3.180  -6.389  1.00 47.64  ? 68  LEU A CD2 1 
ATOM 725  N N   . TRP A 1 98  ? 17.783  -1.453  -5.751  1.00 49.66  ? 69  TRP A N   1 
ATOM 726  C CA  . TRP A 1 98  ? 16.442  -1.836  -5.338  1.00 49.80  ? 69  TRP A CA  1 
ATOM 727  C C   . TRP A 1 98  ? 15.374  -1.188  -6.213  1.00 51.86  ? 69  TRP A C   1 
ATOM 728  O O   . TRP A 1 98  ? 14.469  -1.874  -6.712  1.00 51.47  ? 69  TRP A O   1 
ATOM 729  C CB  . TRP A 1 98  ? 16.198  -1.454  -3.881  1.00 48.33  ? 69  TRP A CB  1 
ATOM 730  C CG  . TRP A 1 98  ? 14.807  -1.756  -3.475  1.00 48.44  ? 69  TRP A CG  1 
ATOM 731  C CD1 . TRP A 1 98  ? 14.269  -2.993  -3.242  1.00 49.18  ? 69  TRP A CD1 1 
ATOM 732  C CD2 . TRP A 1 98  ? 13.722  -0.825  -3.382  1.00 48.12  ? 69  TRP A CD2 1 
ATOM 733  N NE1 . TRP A 1 98  ? 12.915  -2.889  -3.019  1.00 48.00  ? 69  TRP A NE1 1 
ATOM 734  C CE2 . TRP A 1 98  ? 12.553  -1.570  -3.100  1.00 47.91  ? 69  TRP A CE2 1 
ATOM 735  C CE3 . TRP A 1 98  ? 13.622  0.563   -3.521  1.00 46.11  ? 69  TRP A CE3 1 
ATOM 736  C CZ2 . TRP A 1 98  ? 11.300  -0.970  -2.954  1.00 47.15  ? 69  TRP A CZ2 1 
ATOM 737  C CZ3 . TRP A 1 98  ? 12.378  1.158   -3.380  1.00 45.51  ? 69  TRP A CZ3 1 
ATOM 738  C CH2 . TRP A 1 98  ? 11.233  0.392   -3.098  1.00 46.83  ? 69  TRP A CH2 1 
ATOM 739  N N   . MET A 1 99  ? 15.468  0.134   -6.380  1.00 53.70  ? 70  MET A N   1 
ATOM 740  C CA  . MET A 1 99  ? 14.511  0.872   -7.207  1.00 54.27  ? 70  MET A CA  1 
ATOM 741  C C   . MET A 1 99  ? 14.384  0.148   -8.533  1.00 54.56  ? 70  MET A C   1 
ATOM 742  O O   . MET A 1 99  ? 13.284  -0.164  -8.983  1.00 54.08  ? 70  MET A O   1 
ATOM 743  C CB  . MET A 1 99  ? 15.002  2.298   -7.459  1.00 56.30  ? 70  MET A CB  1 
ATOM 744  C CG  . MET A 1 99  ? 14.595  3.337   -6.417  1.00 57.46  ? 70  MET A CG  1 
ATOM 745  S SD  . MET A 1 99  ? 12.827  3.765   -6.448  1.00 61.67  ? 70  MET A SD  1 
ATOM 746  C CE  . MET A 1 99  ? 12.404  3.440   -8.198  1.00 58.65  ? 70  MET A CE  1 
ATOM 747  N N   . ASP A 1 100 ? 15.529  -0.129  -9.147  1.00 55.92  ? 71  ASP A N   1 
ATOM 748  C CA  . ASP A 1 100 ? 15.571  -0.831  -10.428 1.00 56.78  ? 71  ASP A CA  1 
ATOM 749  C C   . ASP A 1 100 ? 14.912  -2.204  -10.348 1.00 55.33  ? 71  ASP A C   1 
ATOM 750  O O   . ASP A 1 100 ? 13.982  -2.504  -11.106 1.00 55.15  ? 71  ASP A O   1 
ATOM 751  C CB  . ASP A 1 100 ? 17.021  -0.973  -10.890 1.00 59.36  ? 71  ASP A CB  1 
ATOM 752  C CG  . ASP A 1 100 ? 17.471  0.179   -11.782 1.00 62.38  ? 71  ASP A CG  1 
ATOM 753  O OD1 . ASP A 1 100 ? 17.075  1.340   -11.531 1.00 63.14  ? 71  ASP A OD1 1 
ATOM 754  O OD2 . ASP A 1 100 ? 18.239  -0.082  -12.733 1.00 64.73  ? 71  ASP A OD2 1 
ATOM 755  N N   . ALA A 1 101 ? 15.398  -3.028  -9.423  1.00 54.17  ? 72  ALA A N   1 
ATOM 756  C CA  . ALA A 1 101 ? 14.874  -4.380  -9.220  1.00 52.15  ? 72  ALA A CA  1 
ATOM 757  C C   . ALA A 1 101 ? 13.378  -4.338  -8.933  1.00 51.68  ? 72  ALA A C   1 
ATOM 758  O O   . ALA A 1 101 ? 12.604  -5.140  -9.477  1.00 51.42  ? 72  ALA A O   1 
ATOM 759  C CB  . ALA A 1 101 ? 15.609  -5.055  -8.068  1.00 49.91  ? 72  ALA A CB  1 
ATOM 760  N N   . TRP A 1 102 ? 12.979  -3.389  -8.083  1.00 49.28  ? 73  TRP A N   1 
ATOM 761  C CA  . TRP A 1 102 ? 11.580  -3.233  -7.713  1.00 47.44  ? 73  TRP A CA  1 
ATOM 762  C C   . TRP A 1 102 ? 10.694  -2.943  -8.904  1.00 46.67  ? 73  TRP A C   1 
ATOM 763  O O   . TRP A 1 102 ? 9.562   -3.420  -8.970  1.00 46.30  ? 73  TRP A O   1 
ATOM 764  C CB  . TRP A 1 102 ? 11.422  -2.119  -6.679  1.00 45.50  ? 73  TRP A CB  1 
ATOM 765  C CG  . TRP A 1 102 ? 10.019  -1.971  -6.190  1.00 41.00  ? 73  TRP A CG  1 
ATOM 766  C CD1 . TRP A 1 102 ? 9.169   -2.975  -5.825  1.00 40.69  ? 73  TRP A CD1 1 
ATOM 767  C CD2 . TRP A 1 102 ? 9.314   -0.746  -5.972  1.00 41.19  ? 73  TRP A CD2 1 
ATOM 768  N NE1 . TRP A 1 102 ? 7.971   -2.450  -5.387  1.00 40.08  ? 73  TRP A NE1 1 
ATOM 769  C CE2 . TRP A 1 102 ? 8.034   -1.083  -5.463  1.00 41.12  ? 73  TRP A CE2 1 
ATOM 770  C CE3 . TRP A 1 102 ? 9.638   0.607   -6.150  1.00 40.68  ? 73  TRP A CE3 1 
ATOM 771  C CZ2 . TRP A 1 102 ? 7.079   -0.113  -5.129  1.00 40.11  ? 73  TRP A CZ2 1 
ATOM 772  C CZ3 . TRP A 1 102 ? 8.685   1.572   -5.813  1.00 41.14  ? 73  TRP A CZ3 1 
ATOM 773  C CH2 . TRP A 1 102 ? 7.422   1.204   -5.308  1.00 40.10  ? 73  TRP A CH2 1 
ATOM 774  N N   . GLY A 1 103 ? 11.207  -2.149  -9.835  1.00 47.50  ? 74  GLY A N   1 
ATOM 775  C CA  . GLY A 1 103 ? 10.438  -1.819  -11.021 1.00 49.15  ? 74  GLY A CA  1 
ATOM 776  C C   . GLY A 1 103 ? 10.235  -3.042  -11.895 1.00 49.74  ? 74  GLY A C   1 
ATOM 777  O O   . GLY A 1 103 ? 9.133   -3.278  -12.408 1.00 47.86  ? 74  GLY A O   1 
ATOM 778  N N   . VAL A 1 104 ? 11.305  -3.820  -12.062 1.00 50.96  ? 75  VAL A N   1 
ATOM 779  C CA  . VAL A 1 104 ? 11.251  -5.039  -12.868 1.00 52.67  ? 75  VAL A CA  1 
ATOM 780  C C   . VAL A 1 104 ? 10.184  -5.944  -12.263 1.00 52.82  ? 75  VAL A C   1 
ATOM 781  O O   . VAL A 1 104 ? 9.271   -6.398  -12.951 1.00 53.95  ? 75  VAL A O   1 
ATOM 782  C CB  . VAL A 1 104 ? 12.605  -5.803  -12.850 1.00 53.96  ? 75  VAL A CB  1 
ATOM 783  C CG1 . VAL A 1 104 ? 12.619  -6.849  -13.950 1.00 52.89  ? 75  VAL A CG1 1 
ATOM 784  C CG2 . VAL A 1 104 ? 13.770  -4.834  -12.998 1.00 53.66  ? 75  VAL A CG2 1 
ATOM 785  N N   . GLN A 1 105 ? 10.306  -6.198  -10.965 1.00 52.61  ? 76  GLN A N   1 
ATOM 786  C CA  . GLN A 1 105 ? 9.347   -7.034  -10.266 1.00 53.58  ? 76  GLN A CA  1 
ATOM 787  C C   . GLN A 1 105 ? 7.917   -6.544  -10.477 1.00 53.81  ? 76  GLN A C   1 
ATOM 788  O O   . GLN A 1 105 ? 7.002   -7.339  -10.718 1.00 52.78  ? 76  GLN A O   1 
ATOM 789  C CB  . GLN A 1 105 ? 9.660   -7.046  -8.773  1.00 54.82  ? 76  GLN A CB  1 
ATOM 790  C CG  . GLN A 1 105 ? 10.817  -7.926  -8.387  1.00 56.47  ? 76  GLN A CG  1 
ATOM 791  C CD  . GLN A 1 105 ? 10.604  -9.360  -8.818  1.00 58.26  ? 76  GLN A CD  1 
ATOM 792  O OE1 . GLN A 1 105 ? 9.482   -9.869  -8.790  1.00 58.64  ? 76  GLN A OE1 1 
ATOM 793  N NE2 . GLN A 1 105 ? 11.684  -10.025 -9.211  1.00 59.65  ? 76  GLN A NE2 1 
ATOM 794  N N   . LEU A 1 106 ? 7.730   -5.231  -10.374 1.00 53.72  ? 77  LEU A N   1 
ATOM 795  C CA  . LEU A 1 106 ? 6.415   -4.635  -10.549 1.00 54.84  ? 77  LEU A CA  1 
ATOM 796  C C   . LEU A 1 106 ? 5.898   -4.853  -11.959 1.00 56.48  ? 77  LEU A C   1 
ATOM 797  O O   . LEU A 1 106 ? 4.706   -5.083  -12.158 1.00 56.29  ? 77  LEU A O   1 
ATOM 798  C CB  . LEU A 1 106 ? 6.459   -3.137  -10.237 1.00 53.52  ? 77  LEU A CB  1 
ATOM 799  C CG  . LEU A 1 106 ? 6.528   -2.757  -8.754  1.00 51.40  ? 77  LEU A CG  1 
ATOM 800  C CD1 . LEU A 1 106 ? 6.790   -1.272  -8.600  1.00 48.27  ? 77  LEU A CD1 1 
ATOM 801  C CD2 . LEU A 1 106 ? 5.222   -3.148  -8.081  1.00 49.84  ? 77  LEU A CD2 1 
ATOM 802  N N   . GLN A 1 107 ? 6.801   -4.784  -12.934 1.00 59.19  ? 78  GLN A N   1 
ATOM 803  C CA  . GLN A 1 107 ? 6.431   -4.978  -14.333 1.00 60.79  ? 78  GLN A CA  1 
ATOM 804  C C   . GLN A 1 107 ? 5.768   -6.326  -14.601 1.00 61.53  ? 78  GLN A C   1 
ATOM 805  O O   . GLN A 1 107 ? 4.814   -6.412  -15.386 1.00 62.58  ? 78  GLN A O   1 
ATOM 806  C CB  . GLN A 1 107 ? 7.654   -4.845  -15.234 1.00 61.31  ? 78  GLN A CB  1 
ATOM 807  C CG  . GLN A 1 107 ? 8.060   -3.420  -15.528 1.00 64.41  ? 78  GLN A CG  1 
ATOM 808  C CD  . GLN A 1 107 ? 9.169   -3.348  -16.560 1.00 65.30  ? 78  GLN A CD  1 
ATOM 809  O OE1 . GLN A 1 107 ? 9.009   -3.813  -17.688 1.00 66.33  ? 78  GLN A OE1 1 
ATOM 810  N NE2 . GLN A 1 107 ? 10.302  -2.766  -16.177 1.00 65.79  ? 78  GLN A NE2 1 
ATOM 811  N N   . THR A 1 108 ? 6.263   -7.380  -13.961 1.00 60.70  ? 79  THR A N   1 
ATOM 812  C CA  . THR A 1 108 ? 5.677   -8.694  -14.183 1.00 61.65  ? 79  THR A CA  1 
ATOM 813  C C   . THR A 1 108 ? 4.279   -8.741  -13.583 1.00 62.13  ? 79  THR A C   1 
ATOM 814  O O   . THR A 1 108 ? 3.481   -9.613  -13.911 1.00 62.79  ? 79  THR A O   1 
ATOM 815  C CB  . THR A 1 108 ? 6.538   -9.830  -13.574 1.00 61.63  ? 79  THR A CB  1 
ATOM 816  O OG1 . THR A 1 108 ? 5.930   -10.295 -12.363 1.00 62.23  ? 79  THR A OG1 1 
ATOM 817  C CG2 . THR A 1 108 ? 7.960   -9.339  -13.285 1.00 59.80  ? 79  THR A CG2 1 
ATOM 818  N N   . VAL A 1 109 ? 3.989   -7.788  -12.705 1.00 63.38  ? 80  VAL A N   1 
ATOM 819  C CA  . VAL A 1 109 ? 2.681   -7.704  -12.063 1.00 64.40  ? 80  VAL A CA  1 
ATOM 820  C C   . VAL A 1 109 ? 1.701   -7.057  -13.045 1.00 65.16  ? 80  VAL A C   1 
ATOM 821  O O   . VAL A 1 109 ? 0.513   -7.383  -13.071 1.00 63.03  ? 80  VAL A O   1 
ATOM 822  C CB  . VAL A 1 109 ? 2.758   -6.847  -10.785 1.00 64.90  ? 80  VAL A CB  1 
ATOM 823  C CG1 . VAL A 1 109 ? 1.477   -6.991  -9.974  1.00 65.99  ? 80  VAL A CG1 1 
ATOM 824  C CG2 . VAL A 1 109 ? 3.969   -7.255  -9.967  1.00 65.39  ? 80  VAL A CG2 1 
ATOM 825  N N   . ILE A 1 110 ? 2.216   -6.137  -13.854 1.00 67.37  ? 81  ILE A N   1 
ATOM 826  C CA  . ILE A 1 110 ? 1.404   -5.447  -14.846 1.00 69.82  ? 81  ILE A CA  1 
ATOM 827  C C   . ILE A 1 110 ? 0.992   -6.452  -15.923 1.00 71.44  ? 81  ILE A C   1 
ATOM 828  O O   . ILE A 1 110 ? 0.107   -6.189  -16.739 1.00 71.77  ? 81  ILE A O   1 
ATOM 829  C CB  . ILE A 1 110 ? 2.190   -4.288  -15.495 1.00 69.67  ? 81  ILE A CB  1 
ATOM 830  C CG1 . ILE A 1 110 ? 2.689   -3.326  -14.412 1.00 69.15  ? 81  ILE A CG1 1 
ATOM 831  C CG2 . ILE A 1 110 ? 1.300   -3.529  -16.469 1.00 70.84  ? 81  ILE A CG2 1 
ATOM 832  C CD1 . ILE A 1 110 ? 1.589   -2.677  -13.601 1.00 66.91  ? 81  ILE A CD1 1 
ATOM 833  N N   . ALA A 1 111 ? 1.648   -7.609  -15.913 1.00 72.71  ? 82  ALA A N   1 
ATOM 834  C CA  . ALA A 1 111 ? 1.351   -8.671  -16.863 1.00 72.91  ? 82  ALA A CA  1 
ATOM 835  C C   . ALA A 1 111 ? 0.164   -9.468  -16.327 1.00 73.70  ? 82  ALA A C   1 
ATOM 836  O O   . ALA A 1 111 ? -0.901  -9.510  -16.948 1.00 73.62  ? 82  ALA A O   1 
ATOM 837  C CB  . ALA A 1 111 ? 2.560   -9.570  -17.030 1.00 72.98  ? 82  ALA A CB  1 
ATOM 838  N N   . ALA A 1 112 ? 0.347   -10.099 -15.171 1.00 73.87  ? 83  ALA A N   1 
ATOM 839  C CA  . ALA A 1 112 ? -0.725  -10.872 -14.558 1.00 75.17  ? 83  ALA A CA  1 
ATOM 840  C C   . ALA A 1 112 ? -1.931  -9.958  -14.345 1.00 76.89  ? 83  ALA A C   1 
ATOM 841  O O   . ALA A 1 112 ? -3.055  -10.427 -14.126 1.00 76.35  ? 83  ALA A O   1 
ATOM 842  C CB  . ALA A 1 112 ? -0.261  -11.445 -13.233 1.00 74.86  ? 83  ALA A CB  1 
ATOM 843  N N   . ALA A 1 113 ? -1.679  -8.649  -14.403 1.00 78.19  ? 84  ALA A N   1 
ATOM 844  C CA  . ALA A 1 113 ? -2.725  -7.646  -14.238 1.00 79.00  ? 84  ALA A CA  1 
ATOM 845  C C   . ALA A 1 113 ? -3.458  -7.530  -15.566 1.00 79.85  ? 84  ALA A C   1 
ATOM 846  O O   . ALA A 1 113 ? -4.687  -7.413  -15.610 1.00 78.68  ? 84  ALA A O   1 
ATOM 847  C CB  . ALA A 1 113 ? -2.113  -6.308  -13.856 1.00 79.40  ? 84  ALA A CB  1 
ATOM 848  N N   . THR A 1 114 ? -2.689  -7.570  -16.649 1.00 81.41  ? 85  THR A N   1 
ATOM 849  C CA  . THR A 1 114 ? -3.254  -7.498  -17.990 1.00 83.20  ? 85  THR A CA  1 
ATOM 850  C C   . THR A 1 114 ? -3.800  -8.872  -18.371 1.00 84.26  ? 85  THR A C   1 
ATOM 851  O O   . THR A 1 114 ? -4.954  -8.996  -18.779 1.00 84.46  ? 85  THR A O   1 
ATOM 852  C CB  . THR A 1 114 ? -2.197  -7.078  -19.026 1.00 82.82  ? 85  THR A CB  1 
ATOM 853  O OG1 . THR A 1 114 ? -1.652  -5.803  -18.663 1.00 83.95  ? 85  THR A OG1 1 
ATOM 854  C CG2 . THR A 1 114 ? -2.820  -6.973  -20.402 1.00 82.12  ? 85  THR A CG2 1 
ATOM 855  N N   . ARG A 1 115 ? -2.967  -9.900  -18.222 1.00 85.76  ? 86  ARG A N   1 
ATOM 856  C CA  . ARG A 1 115 ? -3.362  -11.273 -18.546 1.00 87.28  ? 86  ARG A CA  1 
ATOM 857  C C   . ARG A 1 115 ? -4.752  -11.570 -18.003 1.00 87.59  ? 86  ARG A C   1 
ATOM 858  O O   . ARG A 1 115 ? -5.580  -12.199 -18.667 1.00 87.49  ? 86  ARG A O   1 
ATOM 859  C CB  . ARG A 1 115 ? -2.380  -12.283 -17.935 1.00 87.65  ? 86  ARG A CB  1 
ATOM 860  C CG  . ARG A 1 115 ? -0.929  -12.107 -18.344 1.00 88.04  ? 86  ARG A CG  1 
ATOM 861  C CD  . ARG A 1 115 ? -0.730  -12.264 -19.836 1.00 88.38  ? 86  ARG A CD  1 
ATOM 862  N NE  . ARG A 1 115 ? -0.080  -11.088 -20.414 1.00 90.31  ? 86  ARG A NE  1 
ATOM 863  C CZ  . ARG A 1 115 ? -0.715  -9.987  -20.817 1.00 90.95  ? 86  ARG A CZ  1 
ATOM 864  N NH1 . ARG A 1 115 ? -2.036  -9.892  -20.719 1.00 89.62  ? 86  ARG A NH1 1 
ATOM 865  N NH2 . ARG A 1 115 ? -0.021  -8.974  -21.322 1.00 91.74  ? 86  ARG A NH2 1 
ATOM 866  N N   . ASP A 1 116 ? -5.001  -11.104 -16.787 1.00 87.50  ? 87  ASP A N   1 
ATOM 867  C CA  . ASP A 1 116 ? -6.275  -11.340 -16.145 1.00 87.12  ? 87  ASP A CA  1 
ATOM 868  C C   . ASP A 1 116 ? -6.928  -10.061 -15.643 1.00 87.55  ? 87  ASP A C   1 
ATOM 869  O O   . ASP A 1 116 ? -6.345  -9.322  -14.847 1.00 88.45  ? 87  ASP A O   1 
ATOM 870  C CB  . ASP A 1 116 ? -6.073  -12.302 -14.978 1.00 86.79  ? 87  ASP A CB  1 
ATOM 871  C CG  . ASP A 1 116 ? -7.369  -12.688 -14.315 1.00 87.12  ? 87  ASP A CG  1 
ATOM 872  O OD1 . ASP A 1 116 ? -7.317  -13.404 -13.294 1.00 87.81  ? 87  ASP A OD1 1 
ATOM 873  O OD2 . ASP A 1 116 ? -8.438  -12.281 -14.815 1.00 88.03  ? 87  ASP A OD2 1 
ATOM 874  N N   . PRO A 1 117 ? -8.147  -9.772  -16.123 1.00 87.37  ? 88  PRO A N   1 
ATOM 875  C CA  . PRO A 1 117 ? -8.878  -8.574  -15.701 1.00 87.44  ? 88  PRO A CA  1 
ATOM 876  C C   . PRO A 1 117 ? -9.503  -8.848  -14.333 1.00 87.90  ? 88  PRO A C   1 
ATOM 877  O O   . PRO A 1 117 ? -10.233 -8.023  -13.783 1.00 87.47  ? 88  PRO A O   1 
ATOM 878  C CB  . PRO A 1 117 ? -9.919  -8.407  -16.798 1.00 86.88  ? 88  PRO A CB  1 
ATOM 879  C CG  . PRO A 1 117 ? -10.212 -9.819  -17.179 1.00 87.35  ? 88  PRO A CG  1 
ATOM 880  C CD  . PRO A 1 117 ? -8.835  -10.435 -17.243 1.00 87.03  ? 88  PRO A CD  1 
ATOM 881  N N   . ARG A 1 118 ? -9.199  -10.030 -13.804 1.00 88.72  ? 89  ARG A N   1 
ATOM 882  C CA  . ARG A 1 118 ? -9.688  -10.478 -12.506 1.00 88.99  ? 89  ARG A CA  1 
ATOM 883  C C   . ARG A 1 118 ? -8.564  -10.477 -11.476 1.00 88.11  ? 89  ARG A C   1 
ATOM 884  O O   . ARG A 1 118 ? -8.755  -10.904 -10.336 1.00 88.56  ? 89  ARG A O   1 
ATOM 885  C CB  . ARG A 1 118 ? -10.267 -11.888 -12.623 1.00 90.72  ? 89  ARG A CB  1 
ATOM 886  C CG  . ARG A 1 118 ? -11.591 -11.948 -13.348 1.00 94.16  ? 89  ARG A CG  1 
ATOM 887  C CD  . ARG A 1 118 ? -12.712 -11.379 -12.485 1.00 96.88  ? 89  ARG A CD  1 
ATOM 888  N NE  . ARG A 1 118 ? -13.989 -11.324 -13.194 1.00 99.76  ? 89  ARG A NE  1 
ATOM 889  C CZ  . ARG A 1 118 ? -14.568 -12.364 -13.794 1.00 101.23 ? 89  ARG A CZ  1 
ATOM 890  N NH1 . ARG A 1 118 ? -13.988 -13.560 -13.778 1.00 101.67 ? 89  ARG A NH1 1 
ATOM 891  N NH2 . ARG A 1 118 ? -15.733 -12.209 -14.413 1.00 101.63 ? 89  ARG A NH2 1 
ATOM 892  N N   . HIS A 1 119 ? -7.386  -10.011 -11.878 1.00 86.32  ? 90  HIS A N   1 
ATOM 893  C CA  . HIS A 1 119 ? -6.252  -9.954  -10.967 1.00 84.71  ? 90  HIS A CA  1 
ATOM 894  C C   . HIS A 1 119 ? -6.645  -9.053  -9.794  1.00 83.34  ? 90  HIS A C   1 
ATOM 895  O O   . HIS A 1 119 ? -7.430  -8.115  -9.958  1.00 83.86  ? 90  HIS A O   1 
ATOM 896  C CB  . HIS A 1 119 ? -5.026  -9.387  -11.692 1.00 84.89  ? 90  HIS A CB  1 
ATOM 897  C CG  . HIS A 1 119 ? -3.762  -9.457  -10.890 1.00 85.33  ? 90  HIS A CG  1 
ATOM 898  N ND1 . HIS A 1 119 ? -3.593  -8.775  -9.704  1.00 84.67  ? 90  HIS A ND1 1 
ATOM 899  C CD2 . HIS A 1 119 ? -2.610  -10.135 -11.100 1.00 84.64  ? 90  HIS A CD2 1 
ATOM 900  C CE1 . HIS A 1 119 ? -2.392  -9.032  -9.219  1.00 84.44  ? 90  HIS A CE1 1 
ATOM 901  N NE2 . HIS A 1 119 ? -1.775  -9.854  -10.047 1.00 84.11  ? 90  HIS A NE2 1 
ATOM 902  N N   . PRO A 1 120 ? -6.128  -9.338  -8.588  1.00 81.35  ? 91  PRO A N   1 
ATOM 903  C CA  . PRO A 1 120 ? -6.476  -8.500  -7.433  1.00 79.55  ? 91  PRO A CA  1 
ATOM 904  C C   . PRO A 1 120 ? -6.020  -7.042  -7.575  1.00 77.44  ? 91  PRO A C   1 
ATOM 905  O O   . PRO A 1 120 ? -6.545  -6.155  -6.907  1.00 76.26  ? 91  PRO A O   1 
ATOM 906  C CB  . PRO A 1 120 ? -5.785  -9.213  -6.267  1.00 79.85  ? 91  PRO A CB  1 
ATOM 907  C CG  . PRO A 1 120 ? -5.795  -10.654 -6.701  1.00 80.10  ? 91  PRO A CG  1 
ATOM 908  C CD  . PRO A 1 120 ? -5.407  -10.552 -8.161  1.00 80.66  ? 91  PRO A CD  1 
ATOM 909  N N   . ALA A 1 121 ? -5.050  -6.799  -8.452  1.00 76.13  ? 92  ALA A N   1 
ATOM 910  C CA  . ALA A 1 121 ? -4.537  -5.450  -8.659  1.00 75.48  ? 92  ALA A CA  1 
ATOM 911  C C   . ALA A 1 121 ? -5.503  -4.587  -9.469  1.00 75.77  ? 92  ALA A C   1 
ATOM 912  O O   . ALA A 1 121 ? -5.410  -3.363  -9.457  1.00 75.14  ? 92  ALA A O   1 
ATOM 913  C CB  . ALA A 1 121 ? -3.181  -5.511  -9.343  1.00 74.25  ? 92  ALA A CB  1 
ATOM 914  N N   . ASN A 1 122 ? -6.436  -5.230  -10.167 1.00 77.41  ? 93  ASN A N   1 
ATOM 915  C CA  . ASN A 1 122 ? -7.431  -4.521  -10.974 1.00 78.41  ? 93  ASN A CA  1 
ATOM 916  C C   . ASN A 1 122 ? -8.761  -4.406  -10.234 1.00 79.43  ? 93  ASN A C   1 
ATOM 917  O O   . ASN A 1 122 ? -8.980  -5.063  -9.212  1.00 78.88  ? 93  ASN A O   1 
ATOM 918  C CB  . ASN A 1 122 ? -7.666  -5.258  -12.292 1.00 79.12  ? 93  ASN A CB  1 
ATOM 919  C CG  . ASN A 1 122 ? -6.503  -5.132  -13.245 1.00 80.34  ? 93  ASN A CG  1 
ATOM 920  O OD1 . ASN A 1 122 ? -6.370  -5.925  -14.175 1.00 81.48  ? 93  ASN A OD1 1 
ATOM 921  N ND2 . ASN A 1 122 ? -5.660  -4.128  -13.030 1.00 81.00  ? 93  ASN A ND2 1 
ATOM 922  N N   . GLY A 1 123 ? -9.654  -3.574  -10.761 1.00 80.80  ? 94  GLY A N   1 
ATOM 923  C CA  . GLY A 1 123 ? -10.951 -3.400  -10.134 1.00 82.95  ? 94  GLY A CA  1 
ATOM 924  C C   . GLY A 1 123 ? -12.098 -4.043  -10.892 1.00 84.02  ? 94  GLY A C   1 
ATOM 925  O O   . GLY A 1 123 ? -11.919 -5.039  -11.598 1.00 83.84  ? 94  GLY A O   1 
ATOM 926  N N   . GLN A 1 124 ? -13.289 -3.469  -10.734 1.00 85.07  ? 95  GLN A N   1 
ATOM 927  C CA  . GLN A 1 124 ? -14.493 -3.956  -11.396 1.00 84.95  ? 95  GLN A CA  1 
ATOM 928  C C   . GLN A 1 124 ? -14.646 -3.250  -12.738 1.00 84.98  ? 95  GLN A C   1 
ATOM 929  O O   . GLN A 1 124 ? -14.991 -3.868  -13.744 1.00 85.46  ? 95  GLN A O   1 
ATOM 930  C CB  . GLN A 1 124 ? -15.722 -3.659  -10.534 1.00 85.45  ? 95  GLN A CB  1 
ATOM 931  C CG  . GLN A 1 124 ? -15.618 -4.122  -9.084  1.00 86.54  ? 95  GLN A CG  1 
ATOM 932  C CD  . GLN A 1 124 ? -15.503 -5.629  -8.953  1.00 87.32  ? 95  GLN A CD  1 
ATOM 933  O OE1 . GLN A 1 124 ? -16.332 -6.377  -9.480  1.00 87.18  ? 95  GLN A OE1 1 
ATOM 934  N NE2 . GLN A 1 124 ? -14.475 -6.082  -8.243  1.00 87.50  ? 95  GLN A NE2 1 
ATOM 935  N N   . GLY A 1 125 ? -14.380 -1.947  -12.736 1.00 85.41  ? 96  GLY A N   1 
ATOM 936  C CA  . GLY A 1 125 ? -14.498 -1.140  -13.939 1.00 85.69  ? 96  GLY A CA  1 
ATOM 937  C C   . GLY A 1 125 ? -13.537 -1.516  -15.047 1.00 86.37  ? 96  GLY A C   1 
ATOM 938  O O   . GLY A 1 125 ? -12.593 -2.272  -14.834 1.00 85.68  ? 96  GLY A O   1 
ATOM 939  N N   . ARG A 1 126 ? -13.779 -0.977  -16.237 1.00 88.12  ? 97  ARG A N   1 
ATOM 940  C CA  . ARG A 1 126 ? -12.938 -1.273  -17.390 1.00 89.41  ? 97  ARG A CA  1 
ATOM 941  C C   . ARG A 1 126 ? -11.617 -0.513  -17.361 1.00 89.11  ? 97  ARG A C   1 
ATOM 942  O O   . ARG A 1 126 ? -10.613 -0.973  -17.910 1.00 88.58  ? 97  ARG A O   1 
ATOM 943  C CB  . ARG A 1 126 ? -13.695 -0.977  -18.687 1.00 90.41  ? 97  ARG A CB  1 
ATOM 944  C CG  . ARG A 1 126 ? -14.927 -1.860  -18.890 1.00 92.84  ? 97  ARG A CG  1 
ATOM 945  C CD  . ARG A 1 126 ? -15.167 -2.157  -20.369 1.00 94.58  ? 97  ARG A CD  1 
ATOM 946  N NE  . ARG A 1 126 ? -15.398 -0.947  -21.154 1.00 96.55  ? 97  ARG A NE  1 
ATOM 947  C CZ  . ARG A 1 126 ? -15.113 -0.830  -22.448 1.00 97.07  ? 97  ARG A CZ  1 
ATOM 948  N NH1 . ARG A 1 126 ? -14.580 -1.855  -23.104 1.00 96.83  ? 97  ARG A NH1 1 
ATOM 949  N NH2 . ARG A 1 126 ? -15.357 0.310   -23.087 1.00 96.68  ? 97  ARG A NH2 1 
ATOM 950  N N   . GLY A 1 127 ? -11.620 0.650   -16.719 1.00 88.94  ? 98  GLY A N   1 
ATOM 951  C CA  . GLY A 1 127 ? -10.400 1.429   -16.626 1.00 88.36  ? 98  GLY A CA  1 
ATOM 952  C C   . GLY A 1 127 ? -9.645  1.089   -15.351 1.00 88.07  ? 98  GLY A C   1 
ATOM 953  O O   . GLY A 1 127 ? -8.436  1.317   -15.256 1.00 88.50  ? 98  GLY A O   1 
ATOM 954  N N   . GLU A 1 128 ? -10.360 0.526   -14.378 1.00 86.69  ? 99  GLU A N   1 
ATOM 955  C CA  . GLU A 1 128 ? -9.790  0.159   -13.084 1.00 85.38  ? 99  GLU A CA  1 
ATOM 956  C C   . GLU A 1 128 ? -8.690  -0.905  -13.131 1.00 84.17  ? 99  GLU A C   1 
ATOM 957  O O   . GLU A 1 128 ? -8.708  -1.867  -12.362 1.00 84.22  ? 99  GLU A O   1 
ATOM 958  C CB  . GLU A 1 128 ? -10.910 -0.298  -12.137 1.00 85.59  ? 99  GLU A CB  1 
ATOM 959  C CG  . GLU A 1 128 ? -11.937 0.787   -11.826 1.00 85.40  ? 99  GLU A CG  1 
ATOM 960  C CD  . GLU A 1 128 ? -12.955 0.358   -10.780 1.00 86.11  ? 99  GLU A CD  1 
ATOM 961  O OE1 . GLU A 1 128 ? -13.878 1.145   -10.486 1.00 86.69  ? 99  GLU A OE1 1 
ATOM 962  O OE2 . GLU A 1 128 ? -12.835 -0.764  -10.246 1.00 86.68  ? 99  GLU A OE2 1 
ATOM 963  N N   . ARG A 1 129 ? -7.725  -0.717  -14.026 1.00 82.70  ? 100 ARG A N   1 
ATOM 964  C CA  . ARG A 1 129 ? -6.613  -1.650  -14.172 1.00 81.83  ? 100 ARG A CA  1 
ATOM 965  C C   . ARG A 1 129 ? -5.319  -0.958  -13.748 1.00 79.86  ? 100 ARG A C   1 
ATOM 966  O O   . ARG A 1 129 ? -5.027  0.148   -14.201 1.00 80.72  ? 100 ARG A O   1 
ATOM 967  C CB  . ARG A 1 129 ? -6.518  -2.110  -15.626 1.00 83.66  ? 100 ARG A CB  1 
ATOM 968  C CG  . ARG A 1 129 ? -7.832  -2.654  -16.155 1.00 85.76  ? 100 ARG A CG  1 
ATOM 969  C CD  . ARG A 1 129 ? -7.731  -3.125  -17.595 1.00 87.91  ? 100 ARG A CD  1 
ATOM 970  N NE  . ARG A 1 129 ? -8.985  -3.737  -18.042 1.00 89.95  ? 100 ARG A NE  1 
ATOM 971  C CZ  . ARG A 1 129 ? -9.502  -4.856  -17.534 1.00 89.87  ? 100 ARG A CZ  1 
ATOM 972  N NH1 . ARG A 1 129 ? -8.875  -5.504  -16.557 1.00 89.12  ? 100 ARG A NH1 1 
ATOM 973  N NH2 . ARG A 1 129 ? -10.657 -5.323  -17.996 1.00 89.16  ? 100 ARG A NH2 1 
ATOM 974  N N   . THR A 1 130 ? -4.547  -1.607  -12.882 1.00 76.09  ? 101 THR A N   1 
ATOM 975  C CA  . THR A 1 130 ? -3.303  -1.022  -12.388 1.00 73.13  ? 101 THR A CA  1 
ATOM 976  C C   . THR A 1 130 ? -2.333  -0.590  -13.484 1.00 71.07  ? 101 THR A C   1 
ATOM 977  O O   . THR A 1 130 ? -2.547  -0.853  -14.666 1.00 71.33  ? 101 THR A O   1 
ATOM 978  C CB  . THR A 1 130 ? -2.558  -1.997  -11.469 1.00 73.21  ? 101 THR A CB  1 
ATOM 979  O OG1 . THR A 1 130 ? -3.494  -2.669  -10.623 1.00 74.54  ? 101 THR A OG1 1 
ATOM 980  C CG2 . THR A 1 130 ? -1.572  -1.247  -10.601 1.00 72.49  ? 101 THR A CG2 1 
ATOM 981  N N   . ASN A 1 131 ? -1.266  0.085   -13.068 1.00 67.74  ? 102 ASN A N   1 
ATOM 982  C CA  . ASN A 1 131 ? -0.222  0.549   -13.971 1.00 64.72  ? 102 ASN A CA  1 
ATOM 983  C C   . ASN A 1 131 ? 1.040   0.792   -13.153 1.00 63.29  ? 102 ASN A C   1 
ATOM 984  O O   . ASN A 1 131 ? 0.977   1.062   -11.953 1.00 63.81  ? 102 ASN A O   1 
ATOM 985  C CB  . ASN A 1 131 ? -0.634  1.844   -14.697 1.00 64.60  ? 102 ASN A CB  1 
ATOM 986  C CG  . ASN A 1 131 ? -0.479  3.095   -13.829 1.00 65.57  ? 102 ASN A CG  1 
ATOM 987  O OD1 . ASN A 1 131 ? 0.595   3.379   -13.301 1.00 62.45  ? 102 ASN A OD1 1 
ATOM 988  N ND2 . ASN A 1 131 ? -1.560  3.858   -13.699 1.00 67.20  ? 102 ASN A ND2 1 
ATOM 989  N N   . LEU A 1 132 ? 2.188   0.698   -13.806 1.00 60.31  ? 103 LEU A N   1 
ATOM 990  C CA  . LEU A 1 132 ? 3.452   0.897   -13.139 1.00 58.37  ? 103 LEU A CA  1 
ATOM 991  C C   . LEU A 1 132 ? 3.439   2.139   -12.230 1.00 56.82  ? 103 LEU A C   1 
ATOM 992  O O   . LEU A 1 132 ? 3.856   2.065   -11.079 1.00 56.95  ? 103 LEU A O   1 
ATOM 993  C CB  . LEU A 1 132 ? 4.558   1.002   -14.190 1.00 59.38  ? 103 LEU A CB  1 
ATOM 994  C CG  . LEU A 1 132 ? 5.953   0.513   -13.796 1.00 59.45  ? 103 LEU A CG  1 
ATOM 995  C CD1 . LEU A 1 132 ? 5.875   -0.945  -13.356 1.00 58.19  ? 103 LEU A CD1 1 
ATOM 996  C CD2 . LEU A 1 132 ? 6.899   0.672   -14.975 1.00 58.05  ? 103 LEU A CD2 1 
ATOM 997  N N   . ASN A 1 133 ? 2.951   3.269   -12.735 1.00 55.26  ? 104 ASN A N   1 
ATOM 998  C CA  . ASN A 1 133 ? 2.901   4.506   -11.943 1.00 54.86  ? 104 ASN A CA  1 
ATOM 999  C C   . ASN A 1 133 ? 2.068   4.412   -10.663 1.00 52.50  ? 104 ASN A C   1 
ATOM 1000 O O   . ASN A 1 133 ? 2.439   4.982   -9.641  1.00 50.82  ? 104 ASN A O   1 
ATOM 1001 C CB  . ASN A 1 133 ? 2.359   5.663   -12.783 1.00 56.59  ? 104 ASN A CB  1 
ATOM 1002 C CG  . ASN A 1 133 ? 3.232   5.976   -13.963 1.00 58.13  ? 104 ASN A CG  1 
ATOM 1003 O OD1 . ASN A 1 133 ? 4.439   6.198   -13.818 1.00 58.16  ? 104 ASN A OD1 1 
ATOM 1004 N ND2 . ASN A 1 133 ? 2.632   6.001   -15.149 1.00 59.71  ? 104 ASN A ND2 1 
ATOM 1005 N N   . ARG A 1 134 ? 0.932   3.722   -10.736 1.00 51.05  ? 105 ARG A N   1 
ATOM 1006 C CA  . ARG A 1 134 ? 0.063   3.539   -9.574  1.00 49.13  ? 105 ARG A CA  1 
ATOM 1007 C C   . ARG A 1 134 ? 0.859   2.802   -8.508  1.00 48.47  ? 105 ARG A C   1 
ATOM 1008 O O   . ARG A 1 134 ? 1.022   3.273   -7.377  1.00 48.29  ? 105 ARG A O   1 
ATOM 1009 C CB  . ARG A 1 134 ? -1.154  2.686   -9.939  1.00 48.73  ? 105 ARG A CB  1 
ATOM 1010 C CG  . ARG A 1 134 ? -2.293  3.423   -10.610 1.00 46.87  ? 105 ARG A CG  1 
ATOM 1011 C CD  . ARG A 1 134 ? -3.454  2.475   -10.865 1.00 46.16  ? 105 ARG A CD  1 
ATOM 1012 N NE  . ARG A 1 134 ? -4.208  2.146   -9.654  1.00 44.88  ? 105 ARG A NE  1 
ATOM 1013 C CZ  . ARG A 1 134 ? -4.968  3.013   -8.993  1.00 44.85  ? 105 ARG A CZ  1 
ATOM 1014 N NH1 . ARG A 1 134 ? -5.075  4.265   -9.417  1.00 42.93  ? 105 ARG A NH1 1 
ATOM 1015 N NH2 . ARG A 1 134 ? -5.643  2.630   -7.920  1.00 44.79  ? 105 ARG A NH2 1 
ATOM 1016 N N   . LEU A 1 135 ? 1.348   1.632   -8.901  1.00 47.27  ? 106 LEU A N   1 
ATOM 1017 C CA  . LEU A 1 135 ? 2.138   0.766   -8.045  1.00 45.23  ? 106 LEU A CA  1 
ATOM 1018 C C   . LEU A 1 135 ? 3.317   1.475   -7.400  1.00 43.82  ? 106 LEU A C   1 
ATOM 1019 O O   . LEU A 1 135 ? 3.754   1.099   -6.315  1.00 44.16  ? 106 LEU A O   1 
ATOM 1020 C CB  . LEU A 1 135 ? 2.647   -0.418  -8.862  1.00 45.50  ? 106 LEU A CB  1 
ATOM 1021 C CG  . LEU A 1 135 ? 1.538   -1.284  -9.459  1.00 45.64  ? 106 LEU A CG  1 
ATOM 1022 C CD1 . LEU A 1 135 ? 2.160   -2.387  -10.285 1.00 45.92  ? 106 LEU A CD1 1 
ATOM 1023 C CD2 . LEU A 1 135 ? 0.662   -1.862  -8.342  1.00 45.12  ? 106 LEU A CD2 1 
ATOM 1024 N N   . LYS A 1 136 ? 3.836   2.497   -8.063  1.00 42.81  ? 107 LYS A N   1 
ATOM 1025 C CA  . LYS A 1 136 ? 4.976   3.221   -7.535  1.00 41.80  ? 107 LYS A CA  1 
ATOM 1026 C C   . LYS A 1 136 ? 4.566   4.448   -6.752  1.00 40.28  ? 107 LYS A C   1 
ATOM 1027 O O   . LYS A 1 136 ? 5.407   5.087   -6.132  1.00 38.02  ? 107 LYS A O   1 
ATOM 1028 C CB  . LYS A 1 136 ? 5.902   3.660   -8.659  1.00 44.80  ? 107 LYS A CB  1 
ATOM 1029 C CG  . LYS A 1 136 ? 6.446   2.562   -9.532  1.00 47.74  ? 107 LYS A CG  1 
ATOM 1030 C CD  . LYS A 1 136 ? 7.487   3.163   -10.455 1.00 52.92  ? 107 LYS A CD  1 
ATOM 1031 C CE  . LYS A 1 136 ? 7.765   2.288   -11.664 1.00 56.66  ? 107 LYS A CE  1 
ATOM 1032 N NZ  . LYS A 1 136 ? 8.804   2.933   -12.523 1.00 59.08  ? 107 LYS A NZ  1 
ATOM 1033 N N   . GLY A 1 137 ? 3.278   4.774   -6.773  1.00 40.85  ? 108 GLY A N   1 
ATOM 1034 C CA  . GLY A 1 137 ? 2.808   5.946   -6.053  1.00 41.67  ? 108 GLY A CA  1 
ATOM 1035 C C   . GLY A 1 137 ? 3.247   7.203   -6.784  1.00 42.60  ? 108 GLY A C   1 
ATOM 1036 O O   . GLY A 1 137 ? 3.548   8.239   -6.185  1.00 40.96  ? 108 GLY A O   1 
ATOM 1037 N N   . LEU A 1 138 ? 3.297   7.089   -8.104  1.00 43.16  ? 109 LEU A N   1 
ATOM 1038 C CA  . LEU A 1 138 ? 3.690   8.191   -8.949  1.00 44.09  ? 109 LEU A CA  1 
ATOM 1039 C C   . LEU A 1 138 ? 2.454   8.643   -9.710  1.00 46.16  ? 109 LEU A C   1 
ATOM 1040 O O   . LEU A 1 138 ? 2.438   9.724   -10.302 1.00 49.05  ? 109 LEU A O   1 
ATOM 1041 C CB  . LEU A 1 138 ? 4.797   7.741   -9.908  1.00 42.83  ? 109 LEU A CB  1 
ATOM 1042 C CG  . LEU A 1 138 ? 6.110   7.312   -9.229  1.00 41.42  ? 109 LEU A CG  1 
ATOM 1043 C CD1 . LEU A 1 138 ? 6.942   6.493   -10.185 1.00 41.42  ? 109 LEU A CD1 1 
ATOM 1044 C CD2 . LEU A 1 138 ? 6.882   8.528   -8.746  1.00 37.69  ? 109 LEU A CD2 1 
ATOM 1045 N N   . ALA A 1 139 ? 1.414   7.815   -9.692  1.00 46.26  ? 110 ALA A N   1 
ATOM 1046 C CA  . ALA A 1 139 ? 0.177   8.166   -10.369 1.00 46.58  ? 110 ALA A CA  1 
ATOM 1047 C C   . ALA A 1 139 ? -0.229  9.538   -9.842  1.00 48.84  ? 110 ALA A C   1 
ATOM 1048 O O   . ALA A 1 139 ? 0.105   9.903   -8.710  1.00 50.09  ? 110 ALA A O   1 
ATOM 1049 C CB  . ALA A 1 139 ? -0.895  7.144   -10.070 1.00 44.63  ? 110 ALA A CB  1 
ATOM 1050 N N   . ASP A 1 140 ? -0.943  10.296  -10.668 1.00 51.17  ? 111 ASP A N   1 
ATOM 1051 C CA  . ASP A 1 140 ? -1.374  11.644  -10.318 1.00 51.35  ? 111 ASP A CA  1 
ATOM 1052 C C   . ASP A 1 140 ? -2.172  11.656  -9.033  1.00 50.41  ? 111 ASP A C   1 
ATOM 1053 O O   . ASP A 1 140 ? -3.180  10.948  -8.905  1.00 49.92  ? 111 ASP A O   1 
ATOM 1054 C CB  . ASP A 1 140 ? -2.205  12.242  -11.453 1.00 55.61  ? 111 ASP A CB  1 
ATOM 1055 C CG  . ASP A 1 140 ? -2.376  13.739  -11.314 1.00 60.08  ? 111 ASP A CG  1 
ATOM 1056 O OD1 . ASP A 1 140 ? -1.343  14.453  -11.325 1.00 61.99  ? 111 ASP A OD1 1 
ATOM 1057 O OD2 . ASP A 1 140 ? -3.537  14.200  -11.194 1.00 62.35  ? 111 ASP A OD2 1 
ATOM 1058 N N   . GLY A 1 141 ? -1.722  12.466  -8.079  1.00 48.36  ? 112 GLY A N   1 
ATOM 1059 C CA  . GLY A 1 141 ? -2.411  12.529  -6.804  1.00 46.21  ? 112 GLY A CA  1 
ATOM 1060 C C   . GLY A 1 141 ? -1.747  11.660  -5.750  1.00 44.85  ? 112 GLY A C   1 
ATOM 1061 O O   . GLY A 1 141 ? -2.084  11.735  -4.567  1.00 44.59  ? 112 GLY A O   1 
ATOM 1062 N N   . MET A 1 142 ? -0.805  10.828  -6.178  1.00 41.64  ? 113 MET A N   1 
ATOM 1063 C CA  . MET A 1 142 ? -0.079  9.966   -5.267  1.00 40.20  ? 113 MET A CA  1 
ATOM 1064 C C   . MET A 1 142 ? 1.298   10.551  -5.005  1.00 40.33  ? 113 MET A C   1 
ATOM 1065 O O   . MET A 1 142 ? 1.834   10.453  -3.908  1.00 41.24  ? 113 MET A O   1 
ATOM 1066 C CB  . MET A 1 142 ? 0.058   8.586   -5.868  1.00 41.14  ? 113 MET A CB  1 
ATOM 1067 C CG  . MET A 1 142 ? -1.243  7.884   -6.016  1.00 39.72  ? 113 MET A CG  1 
ATOM 1068 S SD  . MET A 1 142 ? -0.938  6.281   -6.659  1.00 43.01  ? 113 MET A SD  1 
ATOM 1069 C CE  . MET A 1 142 ? -2.612  5.835   -7.210  1.00 40.21  ? 113 MET A CE  1 
ATOM 1070 N N   . VAL A 1 143 ? 1.875   11.146  -6.038  1.00 40.04  ? 114 VAL A N   1 
ATOM 1071 C CA  . VAL A 1 143 ? 3.175   11.784  -5.929  1.00 40.04  ? 114 VAL A CA  1 
ATOM 1072 C C   . VAL A 1 143 ? 3.242   12.646  -4.672  1.00 38.51  ? 114 VAL A C   1 
ATOM 1073 O O   . VAL A 1 143 ? 2.489   13.620  -4.538  1.00 39.31  ? 114 VAL A O   1 
ATOM 1074 C CB  . VAL A 1 143 ? 3.432   12.669  -7.155  1.00 41.26  ? 114 VAL A CB  1 
ATOM 1075 C CG1 . VAL A 1 143 ? 4.022   11.847  -8.289  1.00 40.57  ? 114 VAL A CG1 1 
ATOM 1076 C CG2 . VAL A 1 143 ? 2.099   13.272  -7.617  1.00 45.12  ? 114 VAL A CG2 1 
ATOM 1077 N N   . GLY A 1 144 ? 4.137   12.267  -3.758  1.00 36.19  ? 115 GLY A N   1 
ATOM 1078 C CA  . GLY A 1 144 ? 4.329   12.995  -2.512  1.00 33.06  ? 115 GLY A CA  1 
ATOM 1079 C C   . GLY A 1 144 ? 3.074   13.126  -1.680  1.00 33.99  ? 115 GLY A C   1 
ATOM 1080 O O   . GLY A 1 144 ? 2.978   14.000  -0.815  1.00 33.15  ? 115 GLY A O   1 
ATOM 1081 N N   . ASN A 1 145 ? 2.119   12.231  -1.919  1.00 34.12  ? 116 ASN A N   1 
ATOM 1082 C CA  . ASN A 1 145 ? 0.835   12.262  -1.225  1.00 33.23  ? 116 ASN A CA  1 
ATOM 1083 C C   . ASN A 1 145 ? 0.441   10.881  -0.675  1.00 32.16  ? 116 ASN A C   1 
ATOM 1084 O O   . ASN A 1 145 ? -0.400  10.184  -1.254  1.00 33.06  ? 116 ASN A O   1 
ATOM 1085 C CB  . ASN A 1 145 ? -0.216  12.779  -2.216  1.00 31.56  ? 116 ASN A CB  1 
ATOM 1086 C CG  . ASN A 1 145 ? -1.553  13.052  -1.575  1.00 34.16  ? 116 ASN A CG  1 
ATOM 1087 O OD1 . ASN A 1 145 ? -1.698  13.017  -0.357  1.00 37.59  ? 116 ASN A OD1 1 
ATOM 1088 N ND2 . ASN A 1 145 ? -2.551  13.341  -2.406  1.00 36.44  ? 116 ASN A ND2 1 
ATOM 1089 N N   . PRO A 1 146 ? 1.045   10.466  0.451   1.00 31.98  ? 117 PRO A N   1 
ATOM 1090 C CA  . PRO A 1 146 ? 0.724   9.152   1.041   1.00 32.02  ? 117 PRO A CA  1 
ATOM 1091 C C   . PRO A 1 146 ? -0.759  9.014   1.366   1.00 34.19  ? 117 PRO A C   1 
ATOM 1092 O O   . PRO A 1 146 ? -1.333  7.930   1.267   1.00 34.42  ? 117 PRO A O   1 
ATOM 1093 C CB  . PRO A 1 146 ? 1.612   9.094   2.277   1.00 30.44  ? 117 PRO A CB  1 
ATOM 1094 C CG  . PRO A 1 146 ? 1.849   10.541  2.619   1.00 30.71  ? 117 PRO A CG  1 
ATOM 1095 C CD  . PRO A 1 146 ? 2.018   11.199  1.280   1.00 31.43  ? 117 PRO A CD  1 
ATOM 1096 N N   . GLN A 1 147 ? -1.361  10.137  1.746   1.00 37.40  ? 118 GLN A N   1 
ATOM 1097 C CA  . GLN A 1 147 ? -2.780  10.251  2.068   1.00 37.62  ? 118 GLN A CA  1 
ATOM 1098 C C   . GLN A 1 147 ? -3.517  9.906   0.774   1.00 38.16  ? 118 GLN A C   1 
ATOM 1099 O O   . GLN A 1 147 ? -4.503  9.157   0.765   1.00 38.18  ? 118 GLN A O   1 
ATOM 1100 C CB  . GLN A 1 147 ? -3.044  11.699  2.482   1.00 41.52  ? 118 GLN A CB  1 
ATOM 1101 C CG  . GLN A 1 147 ? -4.477  12.168  2.479   1.00 48.87  ? 118 GLN A CG  1 
ATOM 1102 C CD  . GLN A 1 147 ? -5.203  11.872  3.772   1.00 55.45  ? 118 GLN A CD  1 
ATOM 1103 O OE1 . GLN A 1 147 ? -6.337  12.328  3.974   1.00 57.61  ? 118 GLN A OE1 1 
ATOM 1104 N NE2 . GLN A 1 147 ? -4.565  11.097  4.657   1.00 57.40  ? 118 GLN A NE2 1 
ATOM 1105 N N   . GLY A 1 148 ? -3.001  10.450  -0.325  1.00 35.55  ? 119 GLY A N   1 
ATOM 1106 C CA  . GLY A 1 148 ? -3.583  10.193  -1.622  1.00 33.01  ? 119 GLY A CA  1 
ATOM 1107 C C   . GLY A 1 148 ? -3.472  8.733   -1.973  1.00 32.66  ? 119 GLY A C   1 
ATOM 1108 O O   . GLY A 1 148 ? -4.429  8.147   -2.462  1.00 34.65  ? 119 GLY A O   1 
ATOM 1109 N N   . GLN A 1 149 ? -2.309  8.138   -1.722  1.00 32.25  ? 120 GLN A N   1 
ATOM 1110 C CA  . GLN A 1 149 ? -2.090  6.711   -2.007  1.00 31.11  ? 120 GLN A CA  1 
ATOM 1111 C C   . GLN A 1 149 ? -3.022  5.785   -1.230  1.00 30.49  ? 120 GLN A C   1 
ATOM 1112 O O   . GLN A 1 149 ? -3.545  4.807   -1.769  1.00 27.79  ? 120 GLN A O   1 
ATOM 1113 C CB  . GLN A 1 149 ? -0.655  6.344   -1.691  1.00 29.47  ? 120 GLN A CB  1 
ATOM 1114 C CG  . GLN A 1 149 ? 0.314   7.016   -2.612  1.00 31.25  ? 120 GLN A CG  1 
ATOM 1115 C CD  . GLN A 1 149 ? 1.721   6.898   -2.122  1.00 31.25  ? 120 GLN A CD  1 
ATOM 1116 O OE1 . GLN A 1 149 ? 2.021   6.072   -1.254  1.00 32.62  ? 120 GLN A OE1 1 
ATOM 1117 N NE2 . GLN A 1 149 ? 2.606   7.716   -2.671  1.00 30.49  ? 120 GLN A NE2 1 
ATOM 1118 N N   . ALA A 1 150 ? -3.215  6.107   0.043   1.00 32.50  ? 121 ALA A N   1 
ATOM 1119 C CA  . ALA A 1 150 ? -4.080  5.334   0.922   1.00 33.26  ? 121 ALA A CA  1 
ATOM 1120 C C   . ALA A 1 150 ? -5.508  5.345   0.407   1.00 35.38  ? 121 ALA A C   1 
ATOM 1121 O O   . ALA A 1 150 ? -6.258  4.394   0.624   1.00 37.96  ? 121 ALA A O   1 
ATOM 1122 C CB  . ALA A 1 150 ? -4.044  5.913   2.324   1.00 29.51  ? 121 ALA A CB  1 
ATOM 1123 N N   . ALA A 1 151 ? -5.891  6.414   -0.284  1.00 36.09  ? 122 ALA A N   1 
ATOM 1124 C CA  . ALA A 1 151 ? -7.258  6.513   -0.777  1.00 35.18  ? 122 ALA A CA  1 
ATOM 1125 C C   . ALA A 1 151 ? -7.460  5.932   -2.158  1.00 37.11  ? 122 ALA A C   1 
ATOM 1126 O O   . ALA A 1 151 ? -8.568  5.516   -2.499  1.00 40.33  ? 122 ALA A O   1 
ATOM 1127 C CB  . ALA A 1 151 ? -7.702  7.958   -0.770  1.00 31.99  ? 122 ALA A CB  1 
ATOM 1128 N N   . LEU A 1 152 ? -6.401  5.873   -2.954  1.00 37.80  ? 123 LEU A N   1 
ATOM 1129 C CA  . LEU A 1 152 ? -6.539  5.394   -4.315  1.00 38.78  ? 123 LEU A CA  1 
ATOM 1130 C C   . LEU A 1 152 ? -6.123  3.961   -4.579  1.00 41.58  ? 123 LEU A C   1 
ATOM 1131 O O   . LEU A 1 152 ? -6.779  3.240   -5.325  1.00 43.07  ? 123 LEU A O   1 
ATOM 1132 C CB  . LEU A 1 152 ? -5.774  6.330   -5.249  1.00 39.16  ? 123 LEU A CB  1 
ATOM 1133 C CG  . LEU A 1 152 ? -6.186  7.808   -5.158  1.00 40.57  ? 123 LEU A CG  1 
ATOM 1134 C CD1 . LEU A 1 152 ? -5.484  8.622   -6.223  1.00 40.46  ? 123 LEU A CD1 1 
ATOM 1135 C CD2 . LEU A 1 152 ? -7.686  7.928   -5.325  1.00 41.04  ? 123 LEU A CD2 1 
ATOM 1136 N N   . LEU A 1 153 ? -5.028  3.537   -3.970  1.00 43.31  ? 124 LEU A N   1 
ATOM 1137 C CA  . LEU A 1 153 ? -4.540  2.193   -4.196  1.00 43.08  ? 124 LEU A CA  1 
ATOM 1138 C C   . LEU A 1 153 ? -5.490  1.151   -3.649  1.00 44.17  ? 124 LEU A C   1 
ATOM 1139 O O   . LEU A 1 153 ? -6.067  1.307   -2.572  1.00 45.16  ? 124 LEU A O   1 
ATOM 1140 C CB  . LEU A 1 153 ? -3.145  2.056   -3.588  1.00 42.85  ? 124 LEU A CB  1 
ATOM 1141 C CG  . LEU A 1 153 ? -2.162  3.076   -4.176  1.00 41.80  ? 124 LEU A CG  1 
ATOM 1142 C CD1 . LEU A 1 153 ? -0.923  3.160   -3.332  1.00 42.87  ? 124 LEU A CD1 1 
ATOM 1143 C CD2 . LEU A 1 153 ? -1.832  2.691   -5.611  1.00 40.78  ? 124 LEU A CD2 1 
ATOM 1144 N N   . ARG A 1 154 ? -5.668  0.085   -4.418  1.00 46.15  ? 125 ARG A N   1 
ATOM 1145 C CA  . ARG A 1 154 ? -6.551  -1.005  -4.021  1.00 46.41  ? 125 ARG A CA  1 
ATOM 1146 C C   . ARG A 1 154 ? -5.754  -1.988  -3.177  1.00 45.97  ? 125 ARG A C   1 
ATOM 1147 O O   . ARG A 1 154 ? -4.527  -2.081  -3.303  1.00 47.07  ? 125 ARG A O   1 
ATOM 1148 C CB  . ARG A 1 154 ? -7.107  -1.710  -5.268  1.00 47.64  ? 125 ARG A CB  1 
ATOM 1149 C CG  . ARG A 1 154 ? -8.069  -0.863  -6.107  1.00 46.37  ? 125 ARG A CG  1 
ATOM 1150 C CD  . ARG A 1 154 ? -8.482  -1.579  -7.392  1.00 45.91  ? 125 ARG A CD  1 
ATOM 1151 N NE  . ARG A 1 154 ? -7.501  -1.398  -8.452  1.00 48.54  ? 125 ARG A NE  1 
ATOM 1152 C CZ  . ARG A 1 154 ? -7.510  -0.383  -9.313  1.00 51.59  ? 125 ARG A CZ  1 
ATOM 1153 N NH1 . ARG A 1 154 ? -8.463  0.541   -9.239  1.00 51.59  ? 125 ARG A NH1 1 
ATOM 1154 N NH2 . ARG A 1 154 ? -6.558  -0.279  -10.238 1.00 50.32  ? 125 ARG A NH2 1 
ATOM 1155 N N   . PRO A 1 155 ? -6.435  -2.730  -2.297  1.00 44.83  ? 126 PRO A N   1 
ATOM 1156 C CA  . PRO A 1 155 ? -5.731  -3.696  -1.452  1.00 44.73  ? 126 PRO A CA  1 
ATOM 1157 C C   . PRO A 1 155 ? -4.844  -4.609  -2.300  1.00 45.01  ? 126 PRO A C   1 
ATOM 1158 O O   . PRO A 1 155 ? -3.668  -4.821  -1.988  1.00 45.18  ? 126 PRO A O   1 
ATOM 1159 C CB  . PRO A 1 155 ? -6.874  -4.451  -0.774  1.00 44.37  ? 126 PRO A CB  1 
ATOM 1160 C CG  . PRO A 1 155 ? -7.931  -3.400  -0.645  1.00 42.98  ? 126 PRO A CG  1 
ATOM 1161 C CD  . PRO A 1 155 ? -7.877  -2.721  -1.998  1.00 44.61  ? 126 PRO A CD  1 
ATOM 1162 N N   . GLY A 1 156 ? -5.421  -5.133  -3.382  1.00 44.48  ? 127 GLY A N   1 
ATOM 1163 C CA  . GLY A 1 156 ? -4.684  -6.009  -4.270  1.00 42.24  ? 127 GLY A CA  1 
ATOM 1164 C C   . GLY A 1 156 ? -3.394  -5.391  -4.762  1.00 42.53  ? 127 GLY A C   1 
ATOM 1165 O O   . GLY A 1 156 ? -2.388  -6.080  -4.906  1.00 43.68  ? 127 GLY A O   1 
ATOM 1166 N N   . GLU A 1 157 ? -3.412  -4.091  -5.029  1.00 41.07  ? 128 GLU A N   1 
ATOM 1167 C CA  . GLU A 1 157 ? -2.207  -3.429  -5.490  1.00 42.24  ? 128 GLU A CA  1 
ATOM 1168 C C   . GLU A 1 157 ? -1.195  -3.323  -4.334  1.00 42.81  ? 128 GLU A C   1 
ATOM 1169 O O   . GLU A 1 157 ? 0.008   -3.523  -4.531  1.00 42.63  ? 128 GLU A O   1 
ATOM 1170 C CB  . GLU A 1 157 ? -2.545  -2.035  -6.033  1.00 44.75  ? 128 GLU A CB  1 
ATOM 1171 C CG  . GLU A 1 157 ? -3.676  -1.999  -7.059  1.00 44.22  ? 128 GLU A CG  1 
ATOM 1172 C CD  . GLU A 1 157 ? -4.051  -0.584  -7.478  1.00 45.25  ? 128 GLU A CD  1 
ATOM 1173 O OE1 . GLU A 1 157 ? -3.354  0.010   -8.336  1.00 42.81  ? 128 GLU A OE1 1 
ATOM 1174 O OE2 . GLU A 1 157 ? -5.046  -0.063  -6.933  1.00 46.41  ? 128 GLU A OE2 1 
ATOM 1175 N N   . LEU A 1 158 ? -1.676  -3.023  -3.129  1.00 41.24  ? 129 LEU A N   1 
ATOM 1176 C CA  . LEU A 1 158 ? -0.781  -2.916  -1.976  1.00 41.76  ? 129 LEU A CA  1 
ATOM 1177 C C   . LEU A 1 158 ? -0.018  -4.220  -1.761  1.00 42.34  ? 129 LEU A C   1 
ATOM 1178 O O   . LEU A 1 158 ? 1.165   -4.220  -1.421  1.00 43.61  ? 129 LEU A O   1 
ATOM 1179 C CB  . LEU A 1 158 ? -1.562  -2.575  -0.702  1.00 39.99  ? 129 LEU A CB  1 
ATOM 1180 C CG  . LEU A 1 158 ? -2.301  -1.228  -0.681  1.00 41.93  ? 129 LEU A CG  1 
ATOM 1181 C CD1 . LEU A 1 158 ? -2.984  -1.043  0.677   1.00 41.97  ? 129 LEU A CD1 1 
ATOM 1182 C CD2 . LEU A 1 158 ? -1.327  -0.087  -0.952  1.00 37.81  ? 129 LEU A CD2 1 
ATOM 1183 N N   . VAL A 1 159 ? -0.700  -5.340  -1.957  1.00 42.14  ? 130 VAL A N   1 
ATOM 1184 C CA  . VAL A 1 159 ? -0.067  -6.630  -1.779  1.00 41.06  ? 130 VAL A CA  1 
ATOM 1185 C C   . VAL A 1 159 ? 0.990   -6.823  -2.851  1.00 41.16  ? 130 VAL A C   1 
ATOM 1186 O O   . VAL A 1 159 ? 2.097   -7.284  -2.575  1.00 42.79  ? 130 VAL A O   1 
ATOM 1187 C CB  . VAL A 1 159 ? -1.106  -7.746  -1.848  1.00 41.70  ? 130 VAL A CB  1 
ATOM 1188 C CG1 . VAL A 1 159 ? -0.432  -9.102  -1.776  1.00 40.31  ? 130 VAL A CG1 1 
ATOM 1189 C CG2 . VAL A 1 159 ? -2.088  -7.579  -0.698  1.00 39.92  ? 130 VAL A CG2 1 
ATOM 1190 N N   . ALA A 1 160 ? 0.656   -6.458  -4.080  1.00 40.29  ? 131 ALA A N   1 
ATOM 1191 C CA  . ALA A 1 160 ? 1.608   -6.583  -5.170  1.00 38.60  ? 131 ALA A CA  1 
ATOM 1192 C C   . ALA A 1 160 ? 2.794   -5.711  -4.810  1.00 39.31  ? 131 ALA A C   1 
ATOM 1193 O O   . ALA A 1 160 ? 3.925   -6.168  -4.729  1.00 40.54  ? 131 ALA A O   1 
ATOM 1194 C CB  . ALA A 1 160 ? 0.981   -6.102  -6.460  1.00 36.11  ? 131 ALA A CB  1 
ATOM 1195 N N   . ILE A 1 161 ? 2.509   -4.440  -4.577  1.00 40.08  ? 132 ILE A N   1 
ATOM 1196 C CA  . ILE A 1 161 ? 3.532   -3.476  -4.229  1.00 38.73  ? 132 ILE A CA  1 
ATOM 1197 C C   . ILE A 1 161 ? 4.503   -3.984  -3.187  1.00 37.95  ? 132 ILE A C   1 
ATOM 1198 O O   . ILE A 1 161 ? 5.706   -3.982  -3.414  1.00 40.25  ? 132 ILE A O   1 
ATOM 1199 C CB  . ILE A 1 161 ? 2.896   -2.184  -3.707  1.00 39.01  ? 132 ILE A CB  1 
ATOM 1200 C CG1 . ILE A 1 161 ? 2.080   -1.526  -4.822  1.00 38.71  ? 132 ILE A CG1 1 
ATOM 1201 C CG2 . ILE A 1 161 ? 3.979   -1.249  -3.188  1.00 40.39  ? 132 ILE A CG2 1 
ATOM 1202 C CD1 . ILE A 1 161 ? 1.160   -0.414  -4.348  1.00 38.44  ? 132 ILE A CD1 1 
ATOM 1203 N N   . THR A 1 162 ? 3.979   -4.424  -2.046  1.00 37.79  ? 133 THR A N   1 
ATOM 1204 C CA  . THR A 1 162 ? 4.809   -4.907  -0.940  1.00 35.87  ? 133 THR A CA  1 
ATOM 1205 C C   . THR A 1 162 ? 5.589   -6.191  -1.221  1.00 34.21  ? 133 THR A C   1 
ATOM 1206 O O   . THR A 1 162 ? 6.727   -6.347  -0.783  1.00 32.77  ? 133 THR A O   1 
ATOM 1207 C CB  . THR A 1 162 ? 3.967   -5.127  0.316   1.00 35.39  ? 133 THR A CB  1 
ATOM 1208 O OG1 . THR A 1 162 ? 3.139   -3.982  0.540   1.00 33.98  ? 133 THR A OG1 1 
ATOM 1209 C CG2 . THR A 1 162 ? 4.875   -5.314  1.525   1.00 38.10  ? 133 THR A CG2 1 
ATOM 1210 N N   . ALA A 1 163 ? 4.978   -7.118  -1.942  1.00 33.38  ? 134 ALA A N   1 
ATOM 1211 C CA  . ALA A 1 163 ? 5.665   -8.353  -2.254  1.00 32.40  ? 134 ALA A CA  1 
ATOM 1212 C C   . ALA A 1 163 ? 6.830   -8.003  -3.158  1.00 33.65  ? 134 ALA A C   1 
ATOM 1213 O O   . ALA A 1 163 ? 7.964   -8.414  -2.913  1.00 34.06  ? 134 ALA A O   1 
ATOM 1214 C CB  . ALA A 1 163 ? 4.737   -9.295  -2.944  1.00 31.91  ? 134 ALA A CB  1 
ATOM 1215 N N   . SER A 1 164 ? 6.545   -7.234  -4.204  1.00 34.25  ? 135 SER A N   1 
ATOM 1216 C CA  . SER A 1 164 ? 7.573   -6.828  -5.152  1.00 35.89  ? 135 SER A CA  1 
ATOM 1217 C C   . SER A 1 164 ? 8.719   -6.183  -4.395  1.00 36.22  ? 135 SER A C   1 
ATOM 1218 O O   . SER A 1 164 ? 9.887   -6.504  -4.620  1.00 35.57  ? 135 SER A O   1 
ATOM 1219 C CB  . SER A 1 164 ? 7.005   -5.828  -6.154  1.00 37.66  ? 135 SER A CB  1 
ATOM 1220 O OG  . SER A 1 164 ? 5.793   -6.309  -6.707  1.00 42.32  ? 135 SER A OG  1 
ATOM 1221 N N   . ALA A 1 165 ? 8.373   -5.266  -3.495  1.00 35.43  ? 136 ALA A N   1 
ATOM 1222 C CA  . ALA A 1 165 ? 9.366   -4.573  -2.693  1.00 34.11  ? 136 ALA A CA  1 
ATOM 1223 C C   . ALA A 1 165 ? 10.224  -5.616  -1.991  1.00 35.57  ? 136 ALA A C   1 
ATOM 1224 O O   . ALA A 1 165 ? 11.446  -5.567  -2.042  1.00 35.19  ? 136 ALA A O   1 
ATOM 1225 C CB  . ALA A 1 165 ? 8.676   -3.685  -1.679  1.00 32.16  ? 136 ALA A CB  1 
ATOM 1226 N N   . LEU A 1 166 ? 9.567   -6.579  -1.351  1.00 37.62  ? 137 LEU A N   1 
ATOM 1227 C CA  . LEU A 1 166 ? 10.264  -7.636  -0.643  1.00 38.69  ? 137 LEU A CA  1 
ATOM 1228 C C   . LEU A 1 166 ? 11.122  -8.488  -1.588  1.00 40.26  ? 137 LEU A C   1 
ATOM 1229 O O   . LEU A 1 166 ? 12.252  -8.846  -1.248  1.00 40.12  ? 137 LEU A O   1 
ATOM 1230 C CB  . LEU A 1 166 ? 9.248   -8.498  0.103   1.00 38.63  ? 137 LEU A CB  1 
ATOM 1231 C CG  . LEU A 1 166 ? 9.777   -9.518  1.109   1.00 38.08  ? 137 LEU A CG  1 
ATOM 1232 C CD1 . LEU A 1 166 ? 10.849  -8.907  2.016   1.00 36.45  ? 137 LEU A CD1 1 
ATOM 1233 C CD2 . LEU A 1 166 ? 8.597   -10.015 1.925   1.00 39.44  ? 137 LEU A CD2 1 
ATOM 1234 N N   . GLN A 1 167 ? 10.602  -8.822  -2.766  1.00 41.58  ? 138 GLN A N   1 
ATOM 1235 C CA  . GLN A 1 167 ? 11.404  -9.594  -3.712  1.00 44.03  ? 138 GLN A CA  1 
ATOM 1236 C C   . GLN A 1 167 ? 12.647  -8.779  -4.024  1.00 44.01  ? 138 GLN A C   1 
ATOM 1237 O O   . GLN A 1 167 ? 13.750  -9.147  -3.636  1.00 44.68  ? 138 GLN A O   1 
ATOM 1238 C CB  . GLN A 1 167 ? 10.650  -9.847  -5.019  1.00 47.57  ? 138 GLN A CB  1 
ATOM 1239 C CG  . GLN A 1 167 ? 9.454   -10.767 -4.892  1.00 54.91  ? 138 GLN A CG  1 
ATOM 1240 C CD  . GLN A 1 167 ? 9.850   -12.199 -4.572  1.00 59.98  ? 138 GLN A CD  1 
ATOM 1241 O OE1 . GLN A 1 167 ? 8.992   -13.035 -4.257  1.00 62.60  ? 138 GLN A OE1 1 
ATOM 1242 N NE2 . GLN A 1 167 ? 11.149  -12.494 -4.654  1.00 59.78  ? 138 GLN A NE2 1 
ATOM 1243 N N   . ALA A 1 168 ? 12.452  -7.656  -4.711  1.00 44.74  ? 139 ALA A N   1 
ATOM 1244 C CA  . ALA A 1 168 ? 13.547  -6.773  -5.104  1.00 44.19  ? 139 ALA A CA  1 
ATOM 1245 C C   . ALA A 1 168 ? 14.547  -6.547  -3.992  1.00 44.81  ? 139 ALA A C   1 
ATOM 1246 O O   . ALA A 1 168 ? 15.718  -6.299  -4.260  1.00 46.05  ? 139 ALA A O   1 
ATOM 1247 C CB  . ALA A 1 168 ? 13.009  -5.443  -5.586  1.00 43.16  ? 139 ALA A CB  1 
ATOM 1248 N N   . PHE A 1 169 ? 14.098  -6.621  -2.744  1.00 45.57  ? 140 PHE A N   1 
ATOM 1249 C CA  . PHE A 1 169 ? 15.017  -6.440  -1.628  1.00 46.46  ? 140 PHE A CA  1 
ATOM 1250 C C   . PHE A 1 169 ? 15.963  -7.643  -1.554  1.00 48.50  ? 140 PHE A C   1 
ATOM 1251 O O   . PHE A 1 169 ? 17.180  -7.489  -1.441  1.00 48.21  ? 140 PHE A O   1 
ATOM 1252 C CB  . PHE A 1 169 ? 14.256  -6.324  -0.309  1.00 45.09  ? 140 PHE A CB  1 
ATOM 1253 C CG  . PHE A 1 169 ? 15.150  -6.279  0.891   1.00 42.56  ? 140 PHE A CG  1 
ATOM 1254 C CD1 . PHE A 1 169 ? 15.843  -5.120  1.214   1.00 41.98  ? 140 PHE A CD1 1 
ATOM 1255 C CD2 . PHE A 1 169 ? 15.335  -7.412  1.672   1.00 41.51  ? 140 PHE A CD2 1 
ATOM 1256 C CE1 . PHE A 1 169 ? 16.705  -5.088  2.298   1.00 41.43  ? 140 PHE A CE1 1 
ATOM 1257 C CE2 . PHE A 1 169 ? 16.195  -7.395  2.754   1.00 41.32  ? 140 PHE A CE2 1 
ATOM 1258 C CZ  . PHE A 1 169 ? 16.882  -6.226  3.069   1.00 42.73  ? 140 PHE A CZ  1 
ATOM 1259 N N   . ARG A 1 170 ? 15.392  -8.840  -1.608  1.00 50.73  ? 141 ARG A N   1 
ATOM 1260 C CA  . ARG A 1 170 ? 16.181  -10.067 -1.558  1.00 53.97  ? 141 ARG A CA  1 
ATOM 1261 C C   . ARG A 1 170 ? 17.146  -10.064 -2.727  1.00 55.71  ? 141 ARG A C   1 
ATOM 1262 O O   . ARG A 1 170 ? 18.319  -10.418 -2.591  1.00 56.80  ? 141 ARG A O   1 
ATOM 1263 C CB  . ARG A 1 170 ? 15.269  -11.288 -1.656  1.00 54.46  ? 141 ARG A CB  1 
ATOM 1264 C CG  . ARG A 1 170 ? 14.391  -11.515 -0.440  1.00 53.83  ? 141 ARG A CG  1 
ATOM 1265 C CD  . ARG A 1 170 ? 13.439  -12.683 -0.676  1.00 55.18  ? 141 ARG A CD  1 
ATOM 1266 N NE  . ARG A 1 170 ? 13.014  -13.278 0.585   1.00 55.12  ? 141 ARG A NE  1 
ATOM 1267 C CZ  . ARG A 1 170 ? 11.757  -13.338 0.999   1.00 55.12  ? 141 ARG A CZ  1 
ATOM 1268 N NH1 . ARG A 1 170 ? 10.783  -12.838 0.247   1.00 53.53  ? 141 ARG A NH1 1 
ATOM 1269 N NH2 . ARG A 1 170 ? 11.482  -13.888 2.173   1.00 55.71  ? 141 ARG A NH2 1 
ATOM 1270 N N   . GLU A 1 171 ? 16.619  -9.654  -3.875  1.00 57.81  ? 142 GLU A N   1 
ATOM 1271 C CA  . GLU A 1 171 ? 17.367  -9.562  -5.122  1.00 58.57  ? 142 GLU A CA  1 
ATOM 1272 C C   . GLU A 1 171 ? 18.617  -8.720  -4.913  1.00 58.42  ? 142 GLU A C   1 
ATOM 1273 O O   . GLU A 1 171 ? 19.675  -9.019  -5.446  1.00 60.06  ? 142 GLU A O   1 
ATOM 1274 C CB  . GLU A 1 171 ? 16.491  -8.894  -6.184  1.00 59.71  ? 142 GLU A CB  1 
ATOM 1275 C CG  . GLU A 1 171 ? 16.608  -9.451  -7.586  1.00 63.06  ? 142 GLU A CG  1 
ATOM 1276 C CD  . GLU A 1 171 ? 16.030  -10.845 -7.697  1.00 66.43  ? 142 GLU A CD  1 
ATOM 1277 O OE1 . GLU A 1 171 ? 16.670  -11.794 -7.190  1.00 68.09  ? 142 GLU A OE1 1 
ATOM 1278 O OE2 . GLU A 1 171 ? 14.932  -10.990 -8.282  1.00 67.94  ? 142 GLU A OE2 1 
ATOM 1279 N N   . VAL A 1 172 ? 18.486  -7.673  -4.113  1.00 59.38  ? 143 VAL A N   1 
ATOM 1280 C CA  . VAL A 1 172 ? 19.581  -6.749  -3.860  1.00 60.70  ? 143 VAL A CA  1 
ATOM 1281 C C   . VAL A 1 172 ? 20.438  -7.086  -2.649  1.00 63.27  ? 143 VAL A C   1 
ATOM 1282 O O   . VAL A 1 172 ? 21.619  -6.736  -2.598  1.00 63.06  ? 143 VAL A O   1 
ATOM 1283 C CB  . VAL A 1 172 ? 19.023  -5.308  -3.708  1.00 58.78  ? 143 VAL A CB  1 
ATOM 1284 C CG1 . VAL A 1 172 ? 20.133  -4.333  -3.351  1.00 58.36  ? 143 VAL A CG1 1 
ATOM 1285 C CG2 . VAL A 1 172 ? 18.350  -4.890  -4.999  1.00 56.52  ? 143 VAL A CG2 1 
ATOM 1286 N N   . ALA A 1 173 ? 19.845  -7.754  -1.668  1.00 66.56  ? 144 ALA A N   1 
ATOM 1287 C CA  . ALA A 1 173 ? 20.573  -8.114  -0.461  1.00 69.63  ? 144 ALA A CA  1 
ATOM 1288 C C   . ALA A 1 173 ? 21.581  -9.209  -0.776  1.00 72.26  ? 144 ALA A C   1 
ATOM 1289 O O   . ALA A 1 173 ? 22.684  -9.229  -0.231  1.00 71.64  ? 144 ALA A O   1 
ATOM 1290 C CB  . ALA A 1 173 ? 19.601  -8.581  0.609   1.00 70.09  ? 144 ALA A CB  1 
ATOM 1291 N N   . ARG A 1 174 ? 21.189  -10.115 -1.666  1.00 76.26  ? 145 ARG A N   1 
ATOM 1292 C CA  . ARG A 1 174 ? 22.051  -11.218 -2.073  1.00 80.51  ? 145 ARG A CA  1 
ATOM 1293 C C   . ARG A 1 174 ? 22.991  -10.795 -3.199  1.00 82.14  ? 145 ARG A C   1 
ATOM 1294 O O   . ARG A 1 174 ? 24.210  -10.929 -3.074  1.00 83.38  ? 145 ARG A O   1 
ATOM 1295 C CB  . ARG A 1 174 ? 21.200  -12.406 -2.520  1.00 82.50  ? 145 ARG A CB  1 
ATOM 1296 C CG  . ARG A 1 174 ? 21.983  -13.513 -3.214  1.00 86.17  ? 145 ARG A CG  1 
ATOM 1297 C CD  . ARG A 1 174 ? 21.086  -14.704 -3.524  1.00 88.20  ? 145 ARG A CD  1 
ATOM 1298 N NE  . ARG A 1 174 ? 19.744  -14.290 -3.935  1.00 90.83  ? 145 ARG A NE  1 
ATOM 1299 C CZ  . ARG A 1 174 ? 19.486  -13.431 -4.920  1.00 91.69  ? 145 ARG A CZ  1 
ATOM 1300 N NH1 . ARG A 1 174 ? 20.480  -12.883 -5.608  1.00 91.16  ? 145 ARG A NH1 1 
ATOM 1301 N NH2 . ARG A 1 174 ? 18.229  -13.118 -5.215  1.00 91.62  ? 145 ARG A NH2 1 
ATOM 1302 N N   . LEU A 1 175 ? 22.423  -10.289 -4.294  1.00 83.35  ? 146 LEU A N   1 
ATOM 1303 C CA  . LEU A 1 175 ? 23.214  -9.832  -5.437  1.00 83.43  ? 146 LEU A CA  1 
ATOM 1304 C C   . LEU A 1 175 ? 23.903  -8.508  -5.097  1.00 83.50  ? 146 LEU A C   1 
ATOM 1305 O O   . LEU A 1 175 ? 23.823  -7.530  -5.850  1.00 83.34  ? 146 LEU A O   1 
ATOM 1306 C CB  . LEU A 1 175 ? 22.323  -9.646  -6.668  1.00 84.22  ? 146 LEU A CB  1 
ATOM 1307 C CG  . LEU A 1 175 ? 21.633  -10.881 -7.246  1.00 84.96  ? 146 LEU A CG  1 
ATOM 1308 C CD1 . LEU A 1 175 ? 20.742  -10.466 -8.406  1.00 85.37  ? 146 LEU A CD1 1 
ATOM 1309 C CD2 . LEU A 1 175 ? 22.674  -11.894 -7.705  1.00 85.82  ? 146 LEU A CD2 1 
ATOM 1310 N N   . ALA A 1 176 ? 24.574  -8.496  -3.950  1.00 82.57  ? 147 ALA A N   1 
ATOM 1311 C CA  . ALA A 1 176 ? 25.289  -7.329  -3.461  1.00 82.03  ? 147 ALA A CA  1 
ATOM 1312 C C   . ALA A 1 176 ? 25.877  -7.702  -2.110  1.00 81.38  ? 147 ALA A C   1 
ATOM 1313 O O   . ALA A 1 176 ? 27.068  -7.410  -1.883  1.00 80.75  ? 147 ALA A O   1 
ATOM 1314 C CB  . ALA A 1 176 ? 24.338  -6.139  -3.317  1.00 82.47  ? 147 ALA A CB  1 
ATOM 1315 O OXT . ALA A 1 176 ? 25.129  -8.283  -1.296  1.00 80.60  ? 147 ALA A OXT 1 
# 
loop_
_pdbx_poly_seq_scheme.asym_id 
_pdbx_poly_seq_scheme.entity_id 
_pdbx_poly_seq_scheme.seq_id 
_pdbx_poly_seq_scheme.mon_id 
_pdbx_poly_seq_scheme.ndb_seq_num 
_pdbx_poly_seq_scheme.pdb_seq_num 
_pdbx_poly_seq_scheme.auth_seq_num 
_pdbx_poly_seq_scheme.pdb_mon_id 
_pdbx_poly_seq_scheme.auth_mon_id 
_pdbx_poly_seq_scheme.pdb_strand_id 
_pdbx_poly_seq_scheme.pdb_ins_code 
_pdbx_poly_seq_scheme.hetero 
A 1 1   GLY 1   -28 -28 GLY GLY A . n 
A 1 2   PRO 2   -27 -27 PRO PRO A . n 
A 1 3   THR 3   -26 -26 THR THR A . n 
A 1 4   SER 4   -25 -25 SER SER A . n 
A 1 5   PRO 5   -24 -24 PRO PRO A . n 
A 1 6   GLY 6   -23 -23 GLY GLY A . n 
A 1 7   PRO 7   -22 -22 PRO PRO A . n 
A 1 8   ALA 8   -21 -21 ALA ALA A . n 
A 1 9   LEU 9   -20 -20 LEU LEU A . n 
A 1 10  THR 10  -19 -19 THR THR A . n 
A 1 11  ASP 11  -18 -18 ASP ASP A . n 
A 1 12  TRP 12  -17 -17 TRP TRP A . n 
A 1 13  ALA 13  -16 -16 ALA ALA A . n 
A 1 14  ARG 14  -15 -15 ARG ARG A . n 
A 1 15  VAL 15  -14 -14 VAL VAL A . n 
A 1 16  ARG 16  -13 -13 ARG ARG A . n 
A 1 17  GLU 17  -12 -12 GLU GLU A . n 
A 1 18  GLU 18  -11 -11 GLU GLU A . n 
A 1 19  LEU 19  -10 -10 LEU LEU A . n 
A 1 20  ALA 20  -9  -9  ALA ALA A . n 
A 1 21  SER 21  -8  -8  SER SER A . n 
A 1 22  THR 22  -7  -7  THR THR A . n 
A 1 23  GLY 23  -6  -6  GLY GLY A . n 
A 1 24  PRO 24  -5  -5  PRO PRO A . n 
A 1 25  PRO 25  -4  -4  PRO PRO A . n 
A 1 26  VAL 26  -3  -3  VAL VAL A . n 
A 1 27  VAL 27  -2  -2  VAL VAL A . n 
A 1 28  ALA 28  -1  -1  ALA ALA A . n 
A 1 29  MET 29  0   0   MET MET A . n 
A 1 30  PRO 30  1   1   PRO PRO A . n 
A 1 31  VAL 31  2   2   VAL VAL A . n 
A 1 32  VAL 32  3   3   VAL VAL A . n 
A 1 33  ILE 33  4   4   ILE ILE A . n 
A 1 34  LYS 34  5   5   LYS LYS A . n 
A 1 35  THR 35  6   6   THR THR A . n 
A 1 36  GLU 36  7   7   GLU GLU A . n 
A 1 37  GLY 37  8   8   GLY GLY A . n 
A 1 38  PRO 38  9   9   PRO PRO A . n 
A 1 39  ALA 39  10  10  ALA ALA A . n 
A 1 40  TRP 40  11  11  TRP TRP A . n 
A 1 41  THR 41  12  12  THR THR A . n 
A 1 42  PRO 42  13  13  PRO PRO A . n 
A 1 43  LEU 43  14  14  LEU LEU A . n 
A 1 44  GLU 44  15  15  GLU GLU A . n 
A 1 45  PRO 45  16  16  PRO PRO A . n 
A 1 46  LYS 46  17  17  LYS LYS A . n 
A 1 47  LEU 47  18  18  LEU LEU A . n 
A 1 48  ILE 48  19  19  ILE ILE A . n 
A 1 49  THR 49  20  20  THR THR A . n 
A 1 50  ARG 50  21  21  ARG ARG A . n 
A 1 51  LEU 51  22  22  LEU LEU A . n 
A 1 52  ALA 52  23  23  ALA ALA A . n 
A 1 53  ASP 53  24  24  ASP ASP A . n 
A 1 54  THR 54  25  25  THR THR A . n 
A 1 55  VAL 55  26  26  VAL VAL A . n 
A 1 56  ARG 56  27  27  ARG ARG A . n 
A 1 57  THR 57  28  28  THR THR A . n 
A 1 58  LYS 58  29  29  LYS LYS A . n 
A 1 59  GLY 59  30  30  GLY GLY A . n 
A 1 60  LEU 60  31  31  LEU LEU A . n 
A 1 61  ARG 61  32  32  ARG ARG A . n 
A 1 62  SER 62  33  33  SER SER A . n 
A 1 63  PRO 63  34  34  PRO PRO A . n 
A 1 64  ILE 64  35  35  ILE ILE A . n 
A 1 65  THR 65  36  36  THR THR A . n 
A 1 66  MET 66  37  37  MET MET A . n 
A 1 67  ALA 67  38  38  ALA ALA A . n 
A 1 68  GLU 68  39  39  GLU GLU A . n 
A 1 69  VAL 69  40  40  VAL VAL A . n 
A 1 70  GLU 70  41  41  GLU GLU A . n 
A 1 71  ALA 71  42  42  ALA ALA A . n 
A 1 72  LEU 72  43  43  LEU LEU A . n 
A 1 73  MET 73  44  44  MET MET A . n 
A 1 74  SER 74  45  45  SER SER A . n 
A 1 75  SER 75  46  46  SER SER A . n 
A 1 76  PRO 76  47  47  PRO PRO A . n 
A 1 77  LEU 77  48  48  LEU LEU A . n 
A 1 78  LEU 78  49  49  LEU LEU A . n 
A 1 79  PRO 79  50  50  PRO PRO A . n 
A 1 80  HIS 80  51  51  HIS HIS A . n 
A 1 81  ASP 81  52  52  ASP ASP A . n 
A 1 82  VAL 82  53  53  VAL VAL A . n 
A 1 83  THR 83  54  54  THR THR A . n 
A 1 84  ASN 84  55  55  ASN ASN A . n 
A 1 85  LEU 85  56  56  LEU LEU A . n 
A 1 86  MET 86  57  57  MET MET A . n 
A 1 87  ARG 87  58  58  ARG ARG A . n 
A 1 88  VAL 88  59  59  VAL VAL A . n 
A 1 89  ILE 89  60  60  ILE ILE A . n 
A 1 90  LEU 90  61  61  LEU LEU A . n 
A 1 91  GLY 91  62  62  GLY GLY A . n 
A 1 92  PRO 92  63  63  PRO PRO A . n 
A 1 93  ALA 93  64  64  ALA ALA A . n 
A 1 94  PRO 94  65  65  PRO PRO A . n 
A 1 95  TYR 95  66  66  TYR TYR A . n 
A 1 96  ALA 96  67  67  ALA ALA A . n 
A 1 97  LEU 97  68  68  LEU LEU A . n 
A 1 98  TRP 98  69  69  TRP TRP A . n 
A 1 99  MET 99  70  70  MET MET A . n 
A 1 100 ASP 100 71  71  ASP ASP A . n 
A 1 101 ALA 101 72  72  ALA ALA A . n 
A 1 102 TRP 102 73  73  TRP TRP A . n 
A 1 103 GLY 103 74  74  GLY GLY A . n 
A 1 104 VAL 104 75  75  VAL VAL A . n 
A 1 105 GLN 105 76  76  GLN GLN A . n 
A 1 106 LEU 106 77  77  LEU LEU A . n 
A 1 107 GLN 107 78  78  GLN GLN A . n 
A 1 108 THR 108 79  79  THR THR A . n 
A 1 109 VAL 109 80  80  VAL VAL A . n 
A 1 110 ILE 110 81  81  ILE ILE A . n 
A 1 111 ALA 111 82  82  ALA ALA A . n 
A 1 112 ALA 112 83  83  ALA ALA A . n 
A 1 113 ALA 113 84  84  ALA ALA A . n 
A 1 114 THR 114 85  85  THR THR A . n 
A 1 115 ARG 115 86  86  ARG ARG A . n 
A 1 116 ASP 116 87  87  ASP ASP A . n 
A 1 117 PRO 117 88  88  PRO PRO A . n 
A 1 118 ARG 118 89  89  ARG ARG A . n 
A 1 119 HIS 119 90  90  HIS HIS A . n 
A 1 120 PRO 120 91  91  PRO PRO A . n 
A 1 121 ALA 121 92  92  ALA ALA A . n 
A 1 122 ASN 122 93  93  ASN ASN A . n 
A 1 123 GLY 123 94  94  GLY GLY A . n 
A 1 124 GLN 124 95  95  GLN GLN A . n 
A 1 125 GLY 125 96  96  GLY GLY A . n 
A 1 126 ARG 126 97  97  ARG ARG A . n 
A 1 127 GLY 127 98  98  GLY GLY A . n 
A 1 128 GLU 128 99  99  GLU GLU A . n 
A 1 129 ARG 129 100 100 ARG ARG A . n 
A 1 130 THR 130 101 101 THR THR A . n 
A 1 131 ASN 131 102 102 ASN ASN A . n 
A 1 132 LEU 132 103 103 LEU LEU A . n 
A 1 133 ASN 133 104 104 ASN ASN A . n 
A 1 134 ARG 134 105 105 ARG ARG A . n 
A 1 135 LEU 135 106 106 LEU LEU A . n 
A 1 136 LYS 136 107 107 LYS LYS A . n 
A 1 137 GLY 137 108 108 GLY GLY A . n 
A 1 138 LEU 138 109 109 LEU LEU A . n 
A 1 139 ALA 139 110 110 ALA ALA A . n 
A 1 140 ASP 140 111 111 ASP ASP A . n 
A 1 141 GLY 141 112 112 GLY GLY A . n 
A 1 142 MET 142 113 113 MET MET A . n 
A 1 143 VAL 143 114 114 VAL VAL A . n 
A 1 144 GLY 144 115 115 GLY GLY A . n 
A 1 145 ASN 145 116 116 ASN ASN A . n 
A 1 146 PRO 146 117 117 PRO PRO A . n 
A 1 147 GLN 147 118 118 GLN GLN A . n 
A 1 148 GLY 148 119 119 GLY GLY A . n 
A 1 149 GLN 149 120 120 GLN GLN A . n 
A 1 150 ALA 150 121 121 ALA ALA A . n 
A 1 151 ALA 151 122 122 ALA ALA A . n 
A 1 152 LEU 152 123 123 LEU LEU A . n 
A 1 153 LEU 153 124 124 LEU LEU A . n 
A 1 154 ARG 154 125 125 ARG ARG A . n 
A 1 155 PRO 155 126 126 PRO PRO A . n 
A 1 156 GLY 156 127 127 GLY GLY A . n 
A 1 157 GLU 157 128 128 GLU GLU A . n 
A 1 158 LEU 158 129 129 LEU LEU A . n 
A 1 159 VAL 159 130 130 VAL VAL A . n 
A 1 160 ALA 160 131 131 ALA ALA A . n 
A 1 161 ILE 161 132 132 ILE ILE A . n 
A 1 162 THR 162 133 133 THR THR A . n 
A 1 163 ALA 163 134 134 ALA ALA A . n 
A 1 164 SER 164 135 135 SER SER A . n 
A 1 165 ALA 165 136 136 ALA ALA A . n 
A 1 166 LEU 166 137 137 LEU LEU A . n 
A 1 167 GLN 167 138 138 GLN GLN A . n 
A 1 168 ALA 168 139 139 ALA ALA A . n 
A 1 169 PHE 169 140 140 PHE PHE A . n 
A 1 170 ARG 170 141 141 ARG ARG A . n 
A 1 171 GLU 171 142 142 GLU GLU A . n 
A 1 172 VAL 172 143 143 VAL VAL A . n 
A 1 173 ALA 173 144 144 ALA ALA A . n 
A 1 174 ARG 174 145 145 ARG ARG A . n 
A 1 175 LEU 175 146 146 LEU LEU A . n 
A 1 176 ALA 176 147 147 ALA ALA A . n 
# 
_pdbx_struct_assembly.id                   1 
_pdbx_struct_assembly.details              author_and_software_defined_assembly 
_pdbx_struct_assembly.method_details       PISA,PQS 
_pdbx_struct_assembly.oligomeric_details   dimeric 
_pdbx_struct_assembly.oligomeric_count     2 
# 
_pdbx_struct_assembly_gen.assembly_id       1 
_pdbx_struct_assembly_gen.oper_expression   1,2 
_pdbx_struct_assembly_gen.asym_id_list      A 
# 
loop_
_pdbx_struct_assembly_prop.biol_id 
_pdbx_struct_assembly_prop.type 
_pdbx_struct_assembly_prop.value 
_pdbx_struct_assembly_prop.details 
1 'ABSA (A^2)' 3960  ? 
1 MORE         -34   ? 
1 'SSA (A^2)'  17570 ? 
# 
loop_
_pdbx_struct_oper_list.id 
_pdbx_struct_oper_list.type 
_pdbx_struct_oper_list.name 
_pdbx_struct_oper_list.symmetry_operation 
_pdbx_struct_oper_list.matrix[1][1] 
_pdbx_struct_oper_list.matrix[1][2] 
_pdbx_struct_oper_list.matrix[1][3] 
_pdbx_struct_oper_list.vector[1] 
_pdbx_struct_oper_list.matrix[2][1] 
_pdbx_struct_oper_list.matrix[2][2] 
_pdbx_struct_oper_list.matrix[2][3] 
_pdbx_struct_oper_list.vector[2] 
_pdbx_struct_oper_list.matrix[3][1] 
_pdbx_struct_oper_list.matrix[3][2] 
_pdbx_struct_oper_list.matrix[3][3] 
_pdbx_struct_oper_list.vector[3] 
1 'identity operation'         1_555 x,y,z            1.0000000000  0.0000000000 0.0000000000  0.0000000000   0.0000000000 1.0000000000  0.0000000000  0.0000000000  0.0000000000  0.0000000000  1.0000000000 0.0000000000 
2 'crystal symmetry operation' 8_775 -y+2,-x+2,-z+1/2 -0.9763975533 0.0210281193 -0.2149549632 -14.3143996889 0.0210281193 -0.9812654254 -0.1915097469 19.9809445903 -0.2149549632 -0.1915097469 0.9576629786 0.3829026707 
# 
loop_
_pdbx_audit_revision_history.ordinal 
_pdbx_audit_revision_history.data_content_type 
_pdbx_audit_revision_history.major_revision 
_pdbx_audit_revision_history.minor_revision 
_pdbx_audit_revision_history.revision_date 
1 'Structure model' 1 0 2003-12-23 
2 'Structure model' 1 1 2008-04-29 
3 'Structure model' 1 2 2011-07-13 
4 'Structure model' 1 3 2023-08-16 
# 
_pdbx_audit_revision_details.ordinal             1 
_pdbx_audit_revision_details.revision_ordinal    1 
_pdbx_audit_revision_details.data_content_type   'Structure model' 
_pdbx_audit_revision_details.provider            repository 
_pdbx_audit_revision_details.type                'Initial release' 
_pdbx_audit_revision_details.description         ? 
_pdbx_audit_revision_details.details             ? 
# 
loop_
_pdbx_audit_revision_group.ordinal 
_pdbx_audit_revision_group.revision_ordinal 
_pdbx_audit_revision_group.data_content_type 
_pdbx_audit_revision_group.group 
1 2 'Structure model' 'Version format compliance' 
2 3 'Structure model' 'Derived calculations'      
3 3 'Structure model' 'Version format compliance' 
4 4 'Structure model' 'Data collection'           
5 4 'Structure model' 'Database references'       
6 4 'Structure model' 'Refinement description'    
# 
loop_
_pdbx_audit_revision_category.ordinal 
_pdbx_audit_revision_category.revision_ordinal 
_pdbx_audit_revision_category.data_content_type 
_pdbx_audit_revision_category.category 
1 4 'Structure model' chem_comp_atom                
2 4 'Structure model' chem_comp_bond                
3 4 'Structure model' database_2                    
4 4 'Structure model' pdbx_initial_refinement_model 
5 4 'Structure model' struct_ref_seq_dif            
# 
loop_
_pdbx_audit_revision_item.ordinal 
_pdbx_audit_revision_item.revision_ordinal 
_pdbx_audit_revision_item.data_content_type 
_pdbx_audit_revision_item.item 
1 4 'Structure model' '_database_2.pdbx_DOI'                
2 4 'Structure model' '_database_2.pdbx_database_accession' 
3 4 'Structure model' '_struct_ref_seq_dif.details'         
# 
loop_
_software.name 
_software.classification 
_software.version 
_software.citation_id 
_software.pdbx_ordinal 
CNS       refinement       1.1 ? 1 
DENZO     'data reduction' .   ? 2 
SCALEPACK 'data scaling'   .   ? 3 
AMoRE     phasing          .   ? 4 
# 
_pdbx_database_remark.id     999 
_pdbx_database_remark.text   
;SEQUENCE
The protein sequence contains the N-terminal domain 
of capsid protein P27 with an upstream 25-amino acid 
extension C-terminal of GAG P10 PROTEIN.
;
# 
loop_
_pdbx_validate_torsion.id 
_pdbx_validate_torsion.PDB_model_num 
_pdbx_validate_torsion.auth_comp_id 
_pdbx_validate_torsion.auth_asym_id 
_pdbx_validate_torsion.auth_seq_id 
_pdbx_validate_torsion.PDB_ins_code 
_pdbx_validate_torsion.label_alt_id 
_pdbx_validate_torsion.phi 
_pdbx_validate_torsion.psi 
1  1 PRO A -27 ? ? -51.72  102.97  
2  1 PRO A -24 ? ? -59.46  -70.40  
3  1 GLU A -11 ? ? -54.48  -75.30  
4  1 LEU A -10 ? ? -35.27  -39.75  
5  1 SER A -8  ? ? -65.70  24.24   
6  1 PRO A -4  ? ? -16.76  -91.41  
7  1 VAL A -2  ? ? -167.40 -143.10 
8  1 ALA A -1  ? ? -68.60  68.61   
9  1 LYS A 5   ? ? 70.39   53.46   
10 1 ARG A 27  ? ? -63.42  -78.92  
11 1 THR A 28  ? ? -48.67  -86.76  
12 1 LYS A 29  ? ? -44.18  -13.21  
13 1 LEU A 31  ? ? -130.27 -41.87  
14 1 GLU A 99  ? ? -62.75  48.33   
15 1 THR A 101 ? ? -54.71  172.42  
# 
loop_
_chem_comp_atom.comp_id 
_chem_comp_atom.atom_id 
_chem_comp_atom.type_symbol 
_chem_comp_atom.pdbx_aromatic_flag 
_chem_comp_atom.pdbx_stereo_config 
_chem_comp_atom.pdbx_ordinal 
ALA N    N N N 1   
ALA CA   C N S 2   
ALA C    C N N 3   
ALA O    O N N 4   
ALA CB   C N N 5   
ALA OXT  O N N 6   
ALA H    H N N 7   
ALA H2   H N N 8   
ALA HA   H N N 9   
ALA HB1  H N N 10  
ALA HB2  H N N 11  
ALA HB3  H N N 12  
ALA HXT  H N N 13  
ARG N    N N N 14  
ARG CA   C N S 15  
ARG C    C N N 16  
ARG O    O N N 17  
ARG CB   C N N 18  
ARG CG   C N N 19  
ARG CD   C N N 20  
ARG NE   N N N 21  
ARG CZ   C N N 22  
ARG NH1  N N N 23  
ARG NH2  N N N 24  
ARG OXT  O N N 25  
ARG H    H N N 26  
ARG H2   H N N 27  
ARG HA   H N N 28  
ARG HB2  H N N 29  
ARG HB3  H N N 30  
ARG HG2  H N N 31  
ARG HG3  H N N 32  
ARG HD2  H N N 33  
ARG HD3  H N N 34  
ARG HE   H N N 35  
ARG HH11 H N N 36  
ARG HH12 H N N 37  
ARG HH21 H N N 38  
ARG HH22 H N N 39  
ARG HXT  H N N 40  
ASN N    N N N 41  
ASN CA   C N S 42  
ASN C    C N N 43  
ASN O    O N N 44  
ASN CB   C N N 45  
ASN CG   C N N 46  
ASN OD1  O N N 47  
ASN ND2  N N N 48  
ASN OXT  O N N 49  
ASN H    H N N 50  
ASN H2   H N N 51  
ASN HA   H N N 52  
ASN HB2  H N N 53  
ASN HB3  H N N 54  
ASN HD21 H N N 55  
ASN HD22 H N N 56  
ASN HXT  H N N 57  
ASP N    N N N 58  
ASP CA   C N S 59  
ASP C    C N N 60  
ASP O    O N N 61  
ASP CB   C N N 62  
ASP CG   C N N 63  
ASP OD1  O N N 64  
ASP OD2  O N N 65  
ASP OXT  O N N 66  
ASP H    H N N 67  
ASP H2   H N N 68  
ASP HA   H N N 69  
ASP HB2  H N N 70  
ASP HB3  H N N 71  
ASP HD2  H N N 72  
ASP HXT  H N N 73  
GLN N    N N N 74  
GLN CA   C N S 75  
GLN C    C N N 76  
GLN O    O N N 77  
GLN CB   C N N 78  
GLN CG   C N N 79  
GLN CD   C N N 80  
GLN OE1  O N N 81  
GLN NE2  N N N 82  
GLN OXT  O N N 83  
GLN H    H N N 84  
GLN H2   H N N 85  
GLN HA   H N N 86  
GLN HB2  H N N 87  
GLN HB3  H N N 88  
GLN HG2  H N N 89  
GLN HG3  H N N 90  
GLN HE21 H N N 91  
GLN HE22 H N N 92  
GLN HXT  H N N 93  
GLU N    N N N 94  
GLU CA   C N S 95  
GLU C    C N N 96  
GLU O    O N N 97  
GLU CB   C N N 98  
GLU CG   C N N 99  
GLU CD   C N N 100 
GLU OE1  O N N 101 
GLU OE2  O N N 102 
GLU OXT  O N N 103 
GLU H    H N N 104 
GLU H2   H N N 105 
GLU HA   H N N 106 
GLU HB2  H N N 107 
GLU HB3  H N N 108 
GLU HG2  H N N 109 
GLU HG3  H N N 110 
GLU HE2  H N N 111 
GLU HXT  H N N 112 
GLY N    N N N 113 
GLY CA   C N N 114 
GLY C    C N N 115 
GLY O    O N N 116 
GLY OXT  O N N 117 
GLY H    H N N 118 
GLY H2   H N N 119 
GLY HA2  H N N 120 
GLY HA3  H N N 121 
GLY HXT  H N N 122 
HIS N    N N N 123 
HIS CA   C N S 124 
HIS C    C N N 125 
HIS O    O N N 126 
HIS CB   C N N 127 
HIS CG   C Y N 128 
HIS ND1  N Y N 129 
HIS CD2  C Y N 130 
HIS CE1  C Y N 131 
HIS NE2  N Y N 132 
HIS OXT  O N N 133 
HIS H    H N N 134 
HIS H2   H N N 135 
HIS HA   H N N 136 
HIS HB2  H N N 137 
HIS HB3  H N N 138 
HIS HD1  H N N 139 
HIS HD2  H N N 140 
HIS HE1  H N N 141 
HIS HE2  H N N 142 
HIS HXT  H N N 143 
ILE N    N N N 144 
ILE CA   C N S 145 
ILE C    C N N 146 
ILE O    O N N 147 
ILE CB   C N S 148 
ILE CG1  C N N 149 
ILE CG2  C N N 150 
ILE CD1  C N N 151 
ILE OXT  O N N 152 
ILE H    H N N 153 
ILE H2   H N N 154 
ILE HA   H N N 155 
ILE HB   H N N 156 
ILE HG12 H N N 157 
ILE HG13 H N N 158 
ILE HG21 H N N 159 
ILE HG22 H N N 160 
ILE HG23 H N N 161 
ILE HD11 H N N 162 
ILE HD12 H N N 163 
ILE HD13 H N N 164 
ILE HXT  H N N 165 
LEU N    N N N 166 
LEU CA   C N S 167 
LEU C    C N N 168 
LEU O    O N N 169 
LEU CB   C N N 170 
LEU CG   C N N 171 
LEU CD1  C N N 172 
LEU CD2  C N N 173 
LEU OXT  O N N 174 
LEU H    H N N 175 
LEU H2   H N N 176 
LEU HA   H N N 177 
LEU HB2  H N N 178 
LEU HB3  H N N 179 
LEU HG   H N N 180 
LEU HD11 H N N 181 
LEU HD12 H N N 182 
LEU HD13 H N N 183 
LEU HD21 H N N 184 
LEU HD22 H N N 185 
LEU HD23 H N N 186 
LEU HXT  H N N 187 
LYS N    N N N 188 
LYS CA   C N S 189 
LYS C    C N N 190 
LYS O    O N N 191 
LYS CB   C N N 192 
LYS CG   C N N 193 
LYS CD   C N N 194 
LYS CE   C N N 195 
LYS NZ   N N N 196 
LYS OXT  O N N 197 
LYS H    H N N 198 
LYS H2   H N N 199 
LYS HA   H N N 200 
LYS HB2  H N N 201 
LYS HB3  H N N 202 
LYS HG2  H N N 203 
LYS HG3  H N N 204 
LYS HD2  H N N 205 
LYS HD3  H N N 206 
LYS HE2  H N N 207 
LYS HE3  H N N 208 
LYS HZ1  H N N 209 
LYS HZ2  H N N 210 
LYS HZ3  H N N 211 
LYS HXT  H N N 212 
MET N    N N N 213 
MET CA   C N S 214 
MET C    C N N 215 
MET O    O N N 216 
MET CB   C N N 217 
MET CG   C N N 218 
MET SD   S N N 219 
MET CE   C N N 220 
MET OXT  O N N 221 
MET H    H N N 222 
MET H2   H N N 223 
MET HA   H N N 224 
MET HB2  H N N 225 
MET HB3  H N N 226 
MET HG2  H N N 227 
MET HG3  H N N 228 
MET HE1  H N N 229 
MET HE2  H N N 230 
MET HE3  H N N 231 
MET HXT  H N N 232 
PHE N    N N N 233 
PHE CA   C N S 234 
PHE C    C N N 235 
PHE O    O N N 236 
PHE CB   C N N 237 
PHE CG   C Y N 238 
PHE CD1  C Y N 239 
PHE CD2  C Y N 240 
PHE CE1  C Y N 241 
PHE CE2  C Y N 242 
PHE CZ   C Y N 243 
PHE OXT  O N N 244 
PHE H    H N N 245 
PHE H2   H N N 246 
PHE HA   H N N 247 
PHE HB2  H N N 248 
PHE HB3  H N N 249 
PHE HD1  H N N 250 
PHE HD2  H N N 251 
PHE HE1  H N N 252 
PHE HE2  H N N 253 
PHE HZ   H N N 254 
PHE HXT  H N N 255 
PRO N    N N N 256 
PRO CA   C N S 257 
PRO C    C N N 258 
PRO O    O N N 259 
PRO CB   C N N 260 
PRO CG   C N N 261 
PRO CD   C N N 262 
PRO OXT  O N N 263 
PRO H    H N N 264 
PRO HA   H N N 265 
PRO HB2  H N N 266 
PRO HB3  H N N 267 
PRO HG2  H N N 268 
PRO HG3  H N N 269 
PRO HD2  H N N 270 
PRO HD3  H N N 271 
PRO HXT  H N N 272 
SER N    N N N 273 
SER CA   C N S 274 
SER C    C N N 275 
SER O    O N N 276 
SER CB   C N N 277 
SER OG   O N N 278 
SER OXT  O N N 279 
SER H    H N N 280 
SER H2   H N N 281 
SER HA   H N N 282 
SER HB2  H N N 283 
SER HB3  H N N 284 
SER HG   H N N 285 
SER HXT  H N N 286 
THR N    N N N 287 
THR CA   C N S 288 
THR C    C N N 289 
THR O    O N N 290 
THR CB   C N R 291 
THR OG1  O N N 292 
THR CG2  C N N 293 
THR OXT  O N N 294 
THR H    H N N 295 
THR H2   H N N 296 
THR HA   H N N 297 
THR HB   H N N 298 
THR HG1  H N N 299 
THR HG21 H N N 300 
THR HG22 H N N 301 
THR HG23 H N N 302 
THR HXT  H N N 303 
TRP N    N N N 304 
TRP CA   C N S 305 
TRP C    C N N 306 
TRP O    O N N 307 
TRP CB   C N N 308 
TRP CG   C Y N 309 
TRP CD1  C Y N 310 
TRP CD2  C Y N 311 
TRP NE1  N Y N 312 
TRP CE2  C Y N 313 
TRP CE3  C Y N 314 
TRP CZ2  C Y N 315 
TRP CZ3  C Y N 316 
TRP CH2  C Y N 317 
TRP OXT  O N N 318 
TRP H    H N N 319 
TRP H2   H N N 320 
TRP HA   H N N 321 
TRP HB2  H N N 322 
TRP HB3  H N N 323 
TRP HD1  H N N 324 
TRP HE1  H N N 325 
TRP HE3  H N N 326 
TRP HZ2  H N N 327 
TRP HZ3  H N N 328 
TRP HH2  H N N 329 
TRP HXT  H N N 330 
TYR N    N N N 331 
TYR CA   C N S 332 
TYR C    C N N 333 
TYR O    O N N 334 
TYR CB   C N N 335 
TYR CG   C Y N 336 
TYR CD1  C Y N 337 
TYR CD2  C Y N 338 
TYR CE1  C Y N 339 
TYR CE2  C Y N 340 
TYR CZ   C Y N 341 
TYR OH   O N N 342 
TYR OXT  O N N 343 
TYR H    H N N 344 
TYR H2   H N N 345 
TYR HA   H N N 346 
TYR HB2  H N N 347 
TYR HB3  H N N 348 
TYR HD1  H N N 349 
TYR HD2  H N N 350 
TYR HE1  H N N 351 
TYR HE2  H N N 352 
TYR HH   H N N 353 
TYR HXT  H N N 354 
VAL N    N N N 355 
VAL CA   C N S 356 
VAL C    C N N 357 
VAL O    O N N 358 
VAL CB   C N N 359 
VAL CG1  C N N 360 
VAL CG2  C N N 361 
VAL OXT  O N N 362 
VAL H    H N N 363 
VAL H2   H N N 364 
VAL HA   H N N 365 
VAL HB   H N N 366 
VAL HG11 H N N 367 
VAL HG12 H N N 368 
VAL HG13 H N N 369 
VAL HG21 H N N 370 
VAL HG22 H N N 371 
VAL HG23 H N N 372 
VAL HXT  H N N 373 
# 
loop_
_chem_comp_bond.comp_id 
_chem_comp_bond.atom_id_1 
_chem_comp_bond.atom_id_2 
_chem_comp_bond.value_order 
_chem_comp_bond.pdbx_aromatic_flag 
_chem_comp_bond.pdbx_stereo_config 
_chem_comp_bond.pdbx_ordinal 
ALA N   CA   sing N N 1   
ALA N   H    sing N N 2   
ALA N   H2   sing N N 3   
ALA CA  C    sing N N 4   
ALA CA  CB   sing N N 5   
ALA CA  HA   sing N N 6   
ALA C   O    doub N N 7   
ALA C   OXT  sing N N 8   
ALA CB  HB1  sing N N 9   
ALA CB  HB2  sing N N 10  
ALA CB  HB3  sing N N 11  
ALA OXT HXT  sing N N 12  
ARG N   CA   sing N N 13  
ARG N   H    sing N N 14  
ARG N   H2   sing N N 15  
ARG CA  C    sing N N 16  
ARG CA  CB   sing N N 17  
ARG CA  HA   sing N N 18  
ARG C   O    doub N N 19  
ARG C   OXT  sing N N 20  
ARG CB  CG   sing N N 21  
ARG CB  HB2  sing N N 22  
ARG CB  HB3  sing N N 23  
ARG CG  CD   sing N N 24  
ARG CG  HG2  sing N N 25  
ARG CG  HG3  sing N N 26  
ARG CD  NE   sing N N 27  
ARG CD  HD2  sing N N 28  
ARG CD  HD3  sing N N 29  
ARG NE  CZ   sing N N 30  
ARG NE  HE   sing N N 31  
ARG CZ  NH1  sing N N 32  
ARG CZ  NH2  doub N N 33  
ARG NH1 HH11 sing N N 34  
ARG NH1 HH12 sing N N 35  
ARG NH2 HH21 sing N N 36  
ARG NH2 HH22 sing N N 37  
ARG OXT HXT  sing N N 38  
ASN N   CA   sing N N 39  
ASN N   H    sing N N 40  
ASN N   H2   sing N N 41  
ASN CA  C    sing N N 42  
ASN CA  CB   sing N N 43  
ASN CA  HA   sing N N 44  
ASN C   O    doub N N 45  
ASN C   OXT  sing N N 46  
ASN CB  CG   sing N N 47  
ASN CB  HB2  sing N N 48  
ASN CB  HB3  sing N N 49  
ASN CG  OD1  doub N N 50  
ASN CG  ND2  sing N N 51  
ASN ND2 HD21 sing N N 52  
ASN ND2 HD22 sing N N 53  
ASN OXT HXT  sing N N 54  
ASP N   CA   sing N N 55  
ASP N   H    sing N N 56  
ASP N   H2   sing N N 57  
ASP CA  C    sing N N 58  
ASP CA  CB   sing N N 59  
ASP CA  HA   sing N N 60  
ASP C   O    doub N N 61  
ASP C   OXT  sing N N 62  
ASP CB  CG   sing N N 63  
ASP CB  HB2  sing N N 64  
ASP CB  HB3  sing N N 65  
ASP CG  OD1  doub N N 66  
ASP CG  OD2  sing N N 67  
ASP OD2 HD2  sing N N 68  
ASP OXT HXT  sing N N 69  
GLN N   CA   sing N N 70  
GLN N   H    sing N N 71  
GLN N   H2   sing N N 72  
GLN CA  C    sing N N 73  
GLN CA  CB   sing N N 74  
GLN CA  HA   sing N N 75  
GLN C   O    doub N N 76  
GLN C   OXT  sing N N 77  
GLN CB  CG   sing N N 78  
GLN CB  HB2  sing N N 79  
GLN CB  HB3  sing N N 80  
GLN CG  CD   sing N N 81  
GLN CG  HG2  sing N N 82  
GLN CG  HG3  sing N N 83  
GLN CD  OE1  doub N N 84  
GLN CD  NE2  sing N N 85  
GLN NE2 HE21 sing N N 86  
GLN NE2 HE22 sing N N 87  
GLN OXT HXT  sing N N 88  
GLU N   CA   sing N N 89  
GLU N   H    sing N N 90  
GLU N   H2   sing N N 91  
GLU CA  C    sing N N 92  
GLU CA  CB   sing N N 93  
GLU CA  HA   sing N N 94  
GLU C   O    doub N N 95  
GLU C   OXT  sing N N 96  
GLU CB  CG   sing N N 97  
GLU CB  HB2  sing N N 98  
GLU CB  HB3  sing N N 99  
GLU CG  CD   sing N N 100 
GLU CG  HG2  sing N N 101 
GLU CG  HG3  sing N N 102 
GLU CD  OE1  doub N N 103 
GLU CD  OE2  sing N N 104 
GLU OE2 HE2  sing N N 105 
GLU OXT HXT  sing N N 106 
GLY N   CA   sing N N 107 
GLY N   H    sing N N 108 
GLY N   H2   sing N N 109 
GLY CA  C    sing N N 110 
GLY CA  HA2  sing N N 111 
GLY CA  HA3  sing N N 112 
GLY C   O    doub N N 113 
GLY C   OXT  sing N N 114 
GLY OXT HXT  sing N N 115 
HIS N   CA   sing N N 116 
HIS N   H    sing N N 117 
HIS N   H2   sing N N 118 
HIS CA  C    sing N N 119 
HIS CA  CB   sing N N 120 
HIS CA  HA   sing N N 121 
HIS C   O    doub N N 122 
HIS C   OXT  sing N N 123 
HIS CB  CG   sing N N 124 
HIS CB  HB2  sing N N 125 
HIS CB  HB3  sing N N 126 
HIS CG  ND1  sing Y N 127 
HIS CG  CD2  doub Y N 128 
HIS ND1 CE1  doub Y N 129 
HIS ND1 HD1  sing N N 130 
HIS CD2 NE2  sing Y N 131 
HIS CD2 HD2  sing N N 132 
HIS CE1 NE2  sing Y N 133 
HIS CE1 HE1  sing N N 134 
HIS NE2 HE2  sing N N 135 
HIS OXT HXT  sing N N 136 
ILE N   CA   sing N N 137 
ILE N   H    sing N N 138 
ILE N   H2   sing N N 139 
ILE CA  C    sing N N 140 
ILE CA  CB   sing N N 141 
ILE CA  HA   sing N N 142 
ILE C   O    doub N N 143 
ILE C   OXT  sing N N 144 
ILE CB  CG1  sing N N 145 
ILE CB  CG2  sing N N 146 
ILE CB  HB   sing N N 147 
ILE CG1 CD1  sing N N 148 
ILE CG1 HG12 sing N N 149 
ILE CG1 HG13 sing N N 150 
ILE CG2 HG21 sing N N 151 
ILE CG2 HG22 sing N N 152 
ILE CG2 HG23 sing N N 153 
ILE CD1 HD11 sing N N 154 
ILE CD1 HD12 sing N N 155 
ILE CD1 HD13 sing N N 156 
ILE OXT HXT  sing N N 157 
LEU N   CA   sing N N 158 
LEU N   H    sing N N 159 
LEU N   H2   sing N N 160 
LEU CA  C    sing N N 161 
LEU CA  CB   sing N N 162 
LEU CA  HA   sing N N 163 
LEU C   O    doub N N 164 
LEU C   OXT  sing N N 165 
LEU CB  CG   sing N N 166 
LEU CB  HB2  sing N N 167 
LEU CB  HB3  sing N N 168 
LEU CG  CD1  sing N N 169 
LEU CG  CD2  sing N N 170 
LEU CG  HG   sing N N 171 
LEU CD1 HD11 sing N N 172 
LEU CD1 HD12 sing N N 173 
LEU CD1 HD13 sing N N 174 
LEU CD2 HD21 sing N N 175 
LEU CD2 HD22 sing N N 176 
LEU CD2 HD23 sing N N 177 
LEU OXT HXT  sing N N 178 
LYS N   CA   sing N N 179 
LYS N   H    sing N N 180 
LYS N   H2   sing N N 181 
LYS CA  C    sing N N 182 
LYS CA  CB   sing N N 183 
LYS CA  HA   sing N N 184 
LYS C   O    doub N N 185 
LYS C   OXT  sing N N 186 
LYS CB  CG   sing N N 187 
LYS CB  HB2  sing N N 188 
LYS CB  HB3  sing N N 189 
LYS CG  CD   sing N N 190 
LYS CG  HG2  sing N N 191 
LYS CG  HG3  sing N N 192 
LYS CD  CE   sing N N 193 
LYS CD  HD2  sing N N 194 
LYS CD  HD3  sing N N 195 
LYS CE  NZ   sing N N 196 
LYS CE  HE2  sing N N 197 
LYS CE  HE3  sing N N 198 
LYS NZ  HZ1  sing N N 199 
LYS NZ  HZ2  sing N N 200 
LYS NZ  HZ3  sing N N 201 
LYS OXT HXT  sing N N 202 
MET N   CA   sing N N 203 
MET N   H    sing N N 204 
MET N   H2   sing N N 205 
MET CA  C    sing N N 206 
MET CA  CB   sing N N 207 
MET CA  HA   sing N N 208 
MET C   O    doub N N 209 
MET C   OXT  sing N N 210 
MET CB  CG   sing N N 211 
MET CB  HB2  sing N N 212 
MET CB  HB3  sing N N 213 
MET CG  SD   sing N N 214 
MET CG  HG2  sing N N 215 
MET CG  HG3  sing N N 216 
MET SD  CE   sing N N 217 
MET CE  HE1  sing N N 218 
MET CE  HE2  sing N N 219 
MET CE  HE3  sing N N 220 
MET OXT HXT  sing N N 221 
PHE N   CA   sing N N 222 
PHE N   H    sing N N 223 
PHE N   H2   sing N N 224 
PHE CA  C    sing N N 225 
PHE CA  CB   sing N N 226 
PHE CA  HA   sing N N 227 
PHE C   O    doub N N 228 
PHE C   OXT  sing N N 229 
PHE CB  CG   sing N N 230 
PHE CB  HB2  sing N N 231 
PHE CB  HB3  sing N N 232 
PHE CG  CD1  doub Y N 233 
PHE CG  CD2  sing Y N 234 
PHE CD1 CE1  sing Y N 235 
PHE CD1 HD1  sing N N 236 
PHE CD2 CE2  doub Y N 237 
PHE CD2 HD2  sing N N 238 
PHE CE1 CZ   doub Y N 239 
PHE CE1 HE1  sing N N 240 
PHE CE2 CZ   sing Y N 241 
PHE CE2 HE2  sing N N 242 
PHE CZ  HZ   sing N N 243 
PHE OXT HXT  sing N N 244 
PRO N   CA   sing N N 245 
PRO N   CD   sing N N 246 
PRO N   H    sing N N 247 
PRO CA  C    sing N N 248 
PRO CA  CB   sing N N 249 
PRO CA  HA   sing N N 250 
PRO C   O    doub N N 251 
PRO C   OXT  sing N N 252 
PRO CB  CG   sing N N 253 
PRO CB  HB2  sing N N 254 
PRO CB  HB3  sing N N 255 
PRO CG  CD   sing N N 256 
PRO CG  HG2  sing N N 257 
PRO CG  HG3  sing N N 258 
PRO CD  HD2  sing N N 259 
PRO CD  HD3  sing N N 260 
PRO OXT HXT  sing N N 261 
SER N   CA   sing N N 262 
SER N   H    sing N N 263 
SER N   H2   sing N N 264 
SER CA  C    sing N N 265 
SER CA  CB   sing N N 266 
SER CA  HA   sing N N 267 
SER C   O    doub N N 268 
SER C   OXT  sing N N 269 
SER CB  OG   sing N N 270 
SER CB  HB2  sing N N 271 
SER CB  HB3  sing N N 272 
SER OG  HG   sing N N 273 
SER OXT HXT  sing N N 274 
THR N   CA   sing N N 275 
THR N   H    sing N N 276 
THR N   H2   sing N N 277 
THR CA  C    sing N N 278 
THR CA  CB   sing N N 279 
THR CA  HA   sing N N 280 
THR C   O    doub N N 281 
THR C   OXT  sing N N 282 
THR CB  OG1  sing N N 283 
THR CB  CG2  sing N N 284 
THR CB  HB   sing N N 285 
THR OG1 HG1  sing N N 286 
THR CG2 HG21 sing N N 287 
THR CG2 HG22 sing N N 288 
THR CG2 HG23 sing N N 289 
THR OXT HXT  sing N N 290 
TRP N   CA   sing N N 291 
TRP N   H    sing N N 292 
TRP N   H2   sing N N 293 
TRP CA  C    sing N N 294 
TRP CA  CB   sing N N 295 
TRP CA  HA   sing N N 296 
TRP C   O    doub N N 297 
TRP C   OXT  sing N N 298 
TRP CB  CG   sing N N 299 
TRP CB  HB2  sing N N 300 
TRP CB  HB3  sing N N 301 
TRP CG  CD1  doub Y N 302 
TRP CG  CD2  sing Y N 303 
TRP CD1 NE1  sing Y N 304 
TRP CD1 HD1  sing N N 305 
TRP CD2 CE2  doub Y N 306 
TRP CD2 CE3  sing Y N 307 
TRP NE1 CE2  sing Y N 308 
TRP NE1 HE1  sing N N 309 
TRP CE2 CZ2  sing Y N 310 
TRP CE3 CZ3  doub Y N 311 
TRP CE3 HE3  sing N N 312 
TRP CZ2 CH2  doub Y N 313 
TRP CZ2 HZ2  sing N N 314 
TRP CZ3 CH2  sing Y N 315 
TRP CZ3 HZ3  sing N N 316 
TRP CH2 HH2  sing N N 317 
TRP OXT HXT  sing N N 318 
TYR N   CA   sing N N 319 
TYR N   H    sing N N 320 
TYR N   H2   sing N N 321 
TYR CA  C    sing N N 322 
TYR CA  CB   sing N N 323 
TYR CA  HA   sing N N 324 
TYR C   O    doub N N 325 
TYR C   OXT  sing N N 326 
TYR CB  CG   sing N N 327 
TYR CB  HB2  sing N N 328 
TYR CB  HB3  sing N N 329 
TYR CG  CD1  doub Y N 330 
TYR CG  CD2  sing Y N 331 
TYR CD1 CE1  sing Y N 332 
TYR CD1 HD1  sing N N 333 
TYR CD2 CE2  doub Y N 334 
TYR CD2 HD2  sing N N 335 
TYR CE1 CZ   doub Y N 336 
TYR CE1 HE1  sing N N 337 
TYR CE2 CZ   sing Y N 338 
TYR CE2 HE2  sing N N 339 
TYR CZ  OH   sing N N 340 
TYR OH  HH   sing N N 341 
TYR OXT HXT  sing N N 342 
VAL N   CA   sing N N 343 
VAL N   H    sing N N 344 
VAL N   H2   sing N N 345 
VAL CA  C    sing N N 346 
VAL CA  CB   sing N N 347 
VAL CA  HA   sing N N 348 
VAL C   O    doub N N 349 
VAL C   OXT  sing N N 350 
VAL CB  CG1  sing N N 351 
VAL CB  CG2  sing N N 352 
VAL CB  HB   sing N N 353 
VAL CG1 HG11 sing N N 354 
VAL CG1 HG12 sing N N 355 
VAL CG1 HG13 sing N N 356 
VAL CG2 HG21 sing N N 357 
VAL CG2 HG22 sing N N 358 
VAL CG2 HG23 sing N N 359 
VAL OXT HXT  sing N N 360 
# 
_pdbx_initial_refinement_model.id               1 
_pdbx_initial_refinement_model.entity_id_list   ? 
_pdbx_initial_refinement_model.type             'experimental model' 
_pdbx_initial_refinement_model.source_name      PDB 
_pdbx_initial_refinement_model.accession_code   1EM9 
_pdbx_initial_refinement_model.details          'PDB ENTRY 1EM9' 
# 
